data_5SDN
#
_entry.id   5SDN
#
_cell.length_a   101.282
_cell.length_b   117.015
_cell.length_c   147.894
_cell.angle_alpha   90.000
_cell.angle_beta   90.000
_cell.angle_gamma   90.000
#
_symmetry.space_group_name_H-M   'P 21 21 21'
#
loop_
_entity.id
_entity.type
_entity.pdbx_description
1 polymer 'Asp/Glu-specific dipeptidyl-peptidase'
2 non-polymer (4-chlorophenyl)(thiomorpholin-4-yl)methanone
3 non-polymer 'CHLORIDE ION'
4 water water
#
_entity_poly.entity_id   1
_entity_poly.type   'polypeptide(L)'
_entity_poly.pdbx_seq_one_letter_code
;MDEGMWLMQQLGRKYAQMKERGLKMKEYDLYNPNGTSLKDAVVLFDGGCTGEVVSDRGLVLTNHHCGYDMIQAHSTLEHN
YLENGFWAMREADELPNKDISVVFIDKIEDVTDYVKKELKAIKDPNSMDYLSPKYLQKLADKKAGKNFSAKNPGLSVEIK
AFYGGNLYLMFTKKTYTDVRLVGAPPSSIGKFGADTDNWIWPRHTGDFSIFRIYADKNGNPAPYSEDNVPLKPKRFFNIS
LGGVQENDYAMIMGFPGTTHRYFTASEVDEWKSIDNDIRIRMRDIRQGVMLREMLADPQIKIMYSAKYAASQNAYKRAIG
ANWAIKTRGLRQNKQAMQDRLIAWGAKQGTPRYEEAVHEIDATVAKRADLRRRYWMIEEGIIRGIEFARSPIPTEDETKA
LQGNDASARKEAIDKIRTRYSKFANKDYSAEVDKKVAVAMLTEYLKEIPYENLPLHLRLVKDRFAGDVQAYVDDIFARSV
FGSEAQFDAFAAVPSVEKLAEDPMVLFASSVFDEYRKLYNELRPYDDPILRAQRTYIAGLLEMDGDQDQFPDANLTLRFT
YGQVKGYSPRDNVYYGHQTTLDGVMEKEDPDNWEFVVDPKLKAVYERKDFGRYADRSGRMPVAFCATTHTTGGNSGSPVM
NANGELIGLNFDRNWEGVGGDIQYLADYQRSIIVDIRYVLLVIDKVGGCQRLLDEMNIVPAHHHHHH
;
_entity_poly.pdbx_strand_id   A,B
#
# COMPACT_ATOMS: atom_id res chain seq x y z
N ASP A 2 -10.90 23.83 -14.26
CA ASP A 2 -10.25 24.60 -15.34
C ASP A 2 -10.35 23.92 -16.70
N GLU A 3 -9.90 22.63 -16.86
CA GLU A 3 -9.95 21.91 -18.17
C GLU A 3 -11.31 21.89 -18.85
N GLY A 4 -12.37 21.66 -18.09
CA GLY A 4 -13.70 21.82 -18.62
C GLY A 4 -14.70 20.73 -18.82
N MET A 5 -15.93 21.05 -18.43
CA MET A 5 -17.13 20.26 -18.68
C MET A 5 -18.00 21.25 -19.42
N TRP A 6 -17.85 21.26 -20.73
CA TRP A 6 -18.44 22.27 -21.59
C TRP A 6 -19.86 22.01 -22.04
N LEU A 7 -20.63 23.07 -22.13
CA LEU A 7 -21.97 23.03 -22.69
C LEU A 7 -21.89 22.64 -24.17
N MET A 8 -22.93 21.97 -24.72
CA MET A 8 -22.93 21.63 -26.15
C MET A 8 -22.82 22.87 -27.02
N GLN A 9 -23.45 23.97 -26.59
CA GLN A 9 -23.43 25.33 -27.21
C GLN A 9 -22.00 25.87 -27.35
N GLN A 10 -21.10 25.46 -26.45
CA GLN A 10 -19.71 25.91 -26.47
C GLN A 10 -18.82 25.11 -27.42
N LEU A 11 -19.37 24.09 -28.13
CA LEU A 11 -18.57 23.33 -29.09
C LEU A 11 -18.01 24.21 -30.21
N GLY A 12 -18.81 25.11 -30.75
CA GLY A 12 -18.37 26.04 -31.79
C GLY A 12 -17.13 26.83 -31.43
N ARG A 13 -17.13 27.49 -30.27
CA ARG A 13 -15.97 28.27 -29.84
C ARG A 13 -14.78 27.39 -29.35
N LYS A 14 -15.00 26.06 -29.13
CA LYS A 14 -13.91 25.18 -28.70
C LYS A 14 -13.31 24.34 -29.85
N TYR A 15 -14.05 24.20 -30.94
CA TYR A 15 -13.74 23.36 -32.09
C TYR A 15 -12.32 23.53 -32.61
N ALA A 16 -11.87 24.78 -32.84
CA ALA A 16 -10.51 25.02 -33.35
C ALA A 16 -9.44 24.48 -32.41
N GLN A 17 -9.61 24.63 -31.08
CA GLN A 17 -8.64 24.10 -30.12
C GLN A 17 -8.67 22.58 -30.13
N MET A 18 -9.87 21.98 -30.21
CA MET A 18 -10.02 20.53 -30.24
C MET A 18 -9.36 19.96 -31.49
N LYS A 19 -9.50 20.64 -32.64
CA LYS A 19 -8.89 20.24 -33.88
C LYS A 19 -7.35 20.31 -33.76
N GLU A 20 -6.82 21.38 -33.17
CA GLU A 20 -5.39 21.52 -32.94
C GLU A 20 -4.87 20.43 -31.98
N ARG A 21 -5.73 19.89 -31.10
CA ARG A 21 -5.41 18.81 -30.17
C ARG A 21 -5.60 17.40 -30.76
N GLY A 22 -6.09 17.29 -32.00
CA GLY A 22 -6.24 16.00 -32.65
C GLY A 22 -7.60 15.63 -33.19
N LEU A 23 -8.67 16.37 -32.81
CA LEU A 23 -10.02 16.07 -33.30
C LEU A 23 -10.11 16.10 -34.84
N LYS A 24 -10.60 15.02 -35.46
CA LYS A 24 -10.70 14.93 -36.91
C LYS A 24 -12.12 15.01 -37.44
N MET A 25 -13.15 14.75 -36.59
CA MET A 25 -14.51 14.76 -37.10
C MET A 25 -15.08 16.18 -37.32
N LYS A 26 -16.09 16.31 -38.21
CA LYS A 26 -16.72 17.60 -38.47
C LYS A 26 -17.52 18.03 -37.21
N GLU A 27 -17.55 19.34 -36.92
CA GLU A 27 -18.22 19.88 -35.73
C GLU A 27 -19.67 19.41 -35.59
N TYR A 28 -20.45 19.53 -36.65
CA TYR A 28 -21.87 19.20 -36.67
C TYR A 28 -22.13 17.67 -36.69
N ASP A 29 -21.11 16.84 -36.92
CA ASP A 29 -21.24 15.39 -36.78
C ASP A 29 -21.20 15.01 -35.29
N LEU A 30 -20.55 15.82 -34.43
CA LEU A 30 -20.44 15.60 -33.02
C LEU A 30 -21.65 16.25 -32.31
N TYR A 31 -21.97 17.50 -32.68
CA TYR A 31 -23.17 18.19 -32.16
C TYR A 31 -23.75 19.19 -33.15
N ASN A 32 -25.03 19.05 -33.44
CA ASN A 32 -25.74 19.96 -34.33
C ASN A 32 -27.09 20.26 -33.69
N PRO A 33 -27.36 21.53 -33.39
CA PRO A 33 -28.67 21.88 -32.79
C PRO A 33 -29.87 21.62 -33.72
N ASN A 34 -29.64 21.66 -35.05
CA ASN A 34 -30.70 21.50 -36.04
C ASN A 34 -30.58 20.22 -36.88
N GLY A 35 -30.09 19.13 -36.29
CA GLY A 35 -29.95 17.87 -37.00
C GLY A 35 -29.37 16.74 -36.16
N THR A 36 -29.25 15.56 -36.74
CA THR A 36 -28.70 14.40 -36.05
C THR A 36 -27.18 14.49 -35.89
N SER A 37 -26.70 14.19 -34.70
CA SER A 37 -25.27 14.20 -34.38
C SER A 37 -24.96 13.11 -33.35
N LEU A 38 -23.67 12.86 -33.07
CA LEU A 38 -23.22 11.86 -32.09
C LEU A 38 -23.86 12.06 -30.71
N LYS A 39 -24.22 13.31 -30.37
CA LYS A 39 -24.90 13.68 -29.14
C LYS A 39 -26.20 12.84 -28.95
N ASP A 40 -26.85 12.47 -30.06
CA ASP A 40 -28.08 11.69 -30.05
C ASP A 40 -27.90 10.23 -29.64
N ALA A 41 -26.67 9.75 -29.54
CA ALA A 41 -26.39 8.40 -29.10
C ALA A 41 -26.02 8.35 -27.60
N VAL A 42 -26.10 9.50 -26.87
CA VAL A 42 -25.73 9.56 -25.46
C VAL A 42 -27.01 9.60 -24.61
N VAL A 43 -27.05 8.83 -23.51
CA VAL A 43 -28.22 8.82 -22.65
C VAL A 43 -27.88 9.02 -21.19
N LEU A 44 -28.83 9.54 -20.42
CA LEU A 44 -28.73 9.58 -18.99
C LEU A 44 -29.35 8.21 -18.62
N PHE A 45 -28.55 7.34 -18.02
CA PHE A 45 -28.96 5.99 -17.67
C PHE A 45 -29.37 5.94 -16.20
N ASP A 46 -30.64 5.56 -15.95
CA ASP A 46 -31.20 5.41 -14.61
C ASP A 46 -30.98 6.61 -13.67
N GLY A 47 -31.14 7.81 -14.23
CA GLY A 47 -31.04 9.08 -13.51
C GLY A 47 -29.74 9.55 -12.90
N GLY A 48 -28.68 8.75 -12.96
CA GLY A 48 -27.40 9.15 -12.37
C GLY A 48 -26.14 8.64 -13.03
N CYS A 49 -26.30 7.90 -14.12
CA CYS A 49 -25.18 7.34 -14.85
C CYS A 49 -25.32 7.83 -16.31
N THR A 50 -24.32 7.54 -17.12
CA THR A 50 -24.35 7.83 -18.54
C THR A 50 -24.30 6.49 -19.29
N GLY A 51 -24.92 6.48 -20.43
CA GLY A 51 -24.89 5.34 -21.32
C GLY A 51 -24.71 5.78 -22.76
N GLU A 52 -24.62 4.81 -23.66
CA GLU A 52 -24.49 5.10 -25.08
C GLU A 52 -25.09 4.01 -25.93
N VAL A 53 -25.79 4.42 -27.00
CA VAL A 53 -26.39 3.52 -27.98
C VAL A 53 -25.28 3.08 -28.95
N VAL A 54 -25.11 1.76 -29.09
CA VAL A 54 -24.04 1.15 -29.89
C VAL A 54 -24.56 0.29 -31.07
N SER A 55 -25.87 0.32 -31.37
CA SER A 55 -26.40 -0.43 -32.51
C SER A 55 -27.69 0.17 -33.05
N ASP A 56 -28.07 -0.18 -34.31
CA ASP A 56 -29.31 0.24 -34.95
C ASP A 56 -30.56 -0.44 -34.33
N ARG A 57 -30.36 -1.32 -33.32
CA ARG A 57 -31.44 -1.99 -32.61
C ARG A 57 -31.49 -1.60 -31.12
N GLY A 58 -30.99 -0.41 -30.77
CA GLY A 58 -31.08 0.13 -29.41
C GLY A 58 -30.24 -0.48 -28.31
N LEU A 59 -29.12 -1.14 -28.66
CA LEU A 59 -28.25 -1.72 -27.66
C LEU A 59 -27.54 -0.56 -26.92
N VAL A 60 -27.44 -0.67 -25.61
CA VAL A 60 -26.85 0.37 -24.79
C VAL A 60 -25.72 -0.19 -23.93
N LEU A 61 -24.59 0.52 -23.87
CA LEU A 61 -23.50 0.16 -22.99
C LEU A 61 -23.43 1.19 -21.87
N THR A 62 -23.21 0.71 -20.67
CA THR A 62 -23.00 1.53 -19.47
C THR A 62 -22.03 0.74 -18.55
N ASN A 63 -21.76 1.23 -17.34
CA ASN A 63 -20.90 0.51 -16.40
C ASN A 63 -21.64 -0.64 -15.75
N HIS A 64 -20.87 -1.57 -15.18
CA HIS A 64 -21.38 -2.69 -14.42
C HIS A 64 -21.96 -2.15 -13.12
N HIS A 65 -21.29 -1.18 -12.49
CA HIS A 65 -21.80 -0.57 -11.26
C HIS A 65 -23.04 0.28 -11.51
N CYS A 66 -23.35 0.62 -12.78
CA CYS A 66 -24.55 1.38 -13.18
C CYS A 66 -25.73 0.43 -13.38
N GLY A 67 -25.46 -0.74 -13.93
CA GLY A 67 -26.48 -1.77 -14.14
C GLY A 67 -26.54 -2.80 -13.02
N TYR A 68 -25.72 -2.62 -11.95
CA TYR A 68 -25.62 -3.50 -10.79
C TYR A 68 -26.99 -3.87 -10.15
N ASP A 69 -27.84 -2.89 -9.79
CA ASP A 69 -29.14 -3.17 -9.19
C ASP A 69 -30.03 -4.03 -10.08
N MET A 70 -30.00 -3.80 -11.42
CA MET A 70 -30.81 -4.60 -12.34
C MET A 70 -30.29 -6.02 -12.45
N ILE A 71 -28.95 -6.21 -12.40
CA ILE A 71 -28.36 -7.54 -12.45
C ILE A 71 -28.70 -8.30 -11.17
N GLN A 72 -28.66 -7.60 -10.02
CA GLN A 72 -28.96 -8.14 -8.69
C GLN A 72 -30.44 -8.53 -8.58
N ALA A 73 -31.36 -7.67 -9.06
CA ALA A 73 -32.81 -7.92 -9.00
C ALA A 73 -33.23 -9.15 -9.83
N HIS A 74 -32.46 -9.48 -10.88
CA HIS A 74 -32.74 -10.66 -11.70
C HIS A 74 -31.97 -11.90 -11.26
N SER A 75 -31.10 -11.79 -10.24
CA SER A 75 -30.28 -12.88 -9.74
C SER A 75 -31.01 -13.64 -8.63
N THR A 76 -30.94 -14.96 -8.69
CA THR A 76 -31.52 -15.90 -7.71
C THR A 76 -30.43 -16.95 -7.31
N LEU A 77 -30.75 -17.85 -6.35
CA LEU A 77 -29.82 -18.91 -5.97
C LEU A 77 -29.64 -19.88 -7.16
N GLU A 78 -30.66 -20.06 -8.01
CA GLU A 78 -30.57 -20.93 -9.18
C GLU A 78 -29.78 -20.26 -10.32
N HIS A 79 -30.12 -19.00 -10.66
CA HIS A 79 -29.38 -18.27 -11.69
C HIS A 79 -28.75 -17.00 -11.10
N ASN A 80 -27.54 -17.12 -10.54
CA ASN A 80 -26.88 -15.94 -9.96
C ASN A 80 -26.13 -15.19 -11.08
N TYR A 81 -26.81 -14.19 -11.66
CA TYR A 81 -26.22 -13.36 -12.72
C TYR A 81 -25.19 -12.38 -12.18
N LEU A 82 -25.27 -11.99 -10.90
CA LEU A 82 -24.31 -11.07 -10.30
C LEU A 82 -22.93 -11.73 -10.23
N GLU A 83 -22.90 -12.99 -9.79
CA GLU A 83 -21.71 -13.80 -9.63
C GLU A 83 -21.20 -14.42 -10.94
N ASN A 84 -22.09 -14.93 -11.78
CA ASN A 84 -21.66 -15.64 -13.00
C ASN A 84 -21.71 -14.86 -14.29
N GLY A 85 -22.40 -13.73 -14.28
CA GLY A 85 -22.63 -12.97 -15.49
C GLY A 85 -23.97 -13.37 -16.10
N PHE A 86 -24.40 -12.65 -17.13
CA PHE A 86 -25.66 -12.93 -17.82
C PHE A 86 -25.47 -12.62 -19.29
N TRP A 87 -25.94 -13.49 -20.17
CA TRP A 87 -25.82 -13.27 -21.61
C TRP A 87 -27.04 -13.80 -22.32
N ALA A 88 -28.00 -12.94 -22.65
CA ALA A 88 -29.23 -13.34 -23.34
C ALA A 88 -28.84 -13.78 -24.76
N MET A 89 -29.13 -15.05 -25.13
CA MET A 89 -28.74 -15.54 -26.45
C MET A 89 -29.75 -15.17 -27.58
N ARG A 90 -30.85 -14.51 -27.22
CA ARG A 90 -31.85 -14.02 -28.16
C ARG A 90 -32.52 -12.79 -27.53
N GLU A 91 -33.01 -11.88 -28.38
CA GLU A 91 -33.69 -10.67 -27.91
C GLU A 91 -34.85 -10.94 -26.98
N ALA A 92 -35.61 -12.03 -27.23
CA ALA A 92 -36.75 -12.39 -26.38
C ALA A 92 -36.31 -12.83 -24.96
N ASP A 93 -35.04 -13.24 -24.78
CA ASP A 93 -34.46 -13.64 -23.50
C ASP A 93 -33.97 -12.46 -22.65
N GLU A 94 -33.92 -11.24 -23.22
CA GLU A 94 -33.51 -10.05 -22.48
C GLU A 94 -34.54 -9.74 -21.40
N LEU A 95 -34.07 -9.43 -20.19
CA LEU A 95 -34.92 -9.24 -19.02
C LEU A 95 -35.40 -7.82 -18.80
N PRO A 96 -36.71 -7.61 -18.63
CA PRO A 96 -37.21 -6.25 -18.36
C PRO A 96 -36.83 -5.80 -16.96
N ASN A 97 -36.78 -4.49 -16.74
CA ASN A 97 -36.44 -3.95 -15.42
C ASN A 97 -37.51 -2.98 -14.98
N LYS A 98 -37.97 -3.09 -13.72
CA LYS A 98 -38.97 -2.16 -13.22
C LYS A 98 -38.24 -0.94 -12.69
N ASP A 99 -38.80 0.27 -12.92
CA ASP A 99 -38.24 1.55 -12.46
C ASP A 99 -36.92 1.95 -13.13
N ILE A 100 -36.73 1.57 -14.38
CA ILE A 100 -35.56 1.95 -15.14
C ILE A 100 -35.90 3.02 -16.17
N SER A 101 -34.91 3.85 -16.55
CA SER A 101 -35.13 4.86 -17.59
C SER A 101 -33.87 5.20 -18.33
N VAL A 102 -34.03 5.68 -19.56
CA VAL A 102 -32.95 6.20 -20.37
C VAL A 102 -33.45 7.51 -20.94
N VAL A 103 -32.66 8.56 -20.78
CA VAL A 103 -33.06 9.88 -21.26
C VAL A 103 -32.18 10.38 -22.39
N PHE A 104 -32.79 10.68 -23.54
CA PHE A 104 -32.09 11.27 -24.66
C PHE A 104 -32.26 12.78 -24.60
N ILE A 105 -31.21 13.54 -24.94
CA ILE A 105 -31.29 14.98 -24.97
C ILE A 105 -31.59 15.37 -26.42
N ASP A 106 -32.87 15.40 -26.76
CA ASP A 106 -33.36 15.67 -28.11
C ASP A 106 -33.00 17.05 -28.65
N LYS A 107 -33.24 18.10 -27.85
CA LYS A 107 -32.89 19.46 -28.22
C LYS A 107 -32.36 20.22 -26.99
N ILE A 108 -31.50 21.19 -27.22
CA ILE A 108 -30.98 22.07 -26.19
C ILE A 108 -31.09 23.47 -26.75
N GLU A 109 -31.58 24.39 -25.92
CA GLU A 109 -31.78 25.73 -26.42
C GLU A 109 -31.46 26.78 -25.39
N ASP A 110 -30.74 27.82 -25.82
CA ASP A 110 -30.41 28.94 -24.94
C ASP A 110 -31.68 29.76 -24.77
N VAL A 111 -32.19 29.84 -23.54
CA VAL A 111 -33.38 30.63 -23.22
C VAL A 111 -33.08 31.74 -22.20
N THR A 112 -31.80 32.19 -22.14
CA THR A 112 -31.34 33.24 -21.22
C THR A 112 -32.14 34.53 -21.32
N ASP A 113 -32.28 35.12 -22.53
CA ASP A 113 -33.02 36.38 -22.68
C ASP A 113 -34.47 36.24 -22.23
N TYR A 114 -35.09 35.09 -22.54
CA TYR A 114 -36.47 34.76 -22.14
C TYR A 114 -36.58 34.69 -20.61
N VAL A 115 -35.71 33.91 -19.95
CA VAL A 115 -35.77 33.77 -18.49
C VAL A 115 -35.44 35.09 -17.78
N LYS A 116 -34.40 35.79 -18.27
CA LYS A 116 -34.00 37.08 -17.71
C LYS A 116 -35.08 38.14 -17.89
N LYS A 117 -35.89 38.05 -18.98
CA LYS A 117 -36.99 38.99 -19.16
C LYS A 117 -38.12 38.62 -18.19
N GLU A 118 -38.43 37.32 -18.05
CA GLU A 118 -39.49 36.88 -17.13
C GLU A 118 -39.17 37.28 -15.70
N LEU A 119 -37.88 37.16 -15.31
CA LEU A 119 -37.38 37.50 -13.97
C LEU A 119 -37.50 38.98 -13.63
N LYS A 120 -37.42 39.86 -14.64
CA LYS A 120 -37.60 41.32 -14.50
C LYS A 120 -38.92 41.68 -13.81
N ALA A 121 -39.94 40.78 -13.89
CA ALA A 121 -41.23 41.01 -13.22
C ALA A 121 -41.14 40.84 -11.69
N ILE A 122 -39.89 40.95 -11.13
CA ILE A 122 -39.39 40.95 -9.74
C ILE A 122 -40.31 41.66 -8.74
N LYS A 123 -40.57 41.00 -7.65
CA LYS A 123 -41.33 41.59 -6.55
C LYS A 123 -40.47 41.80 -5.28
N ASP A 124 -39.29 41.14 -5.26
CA ASP A 124 -38.29 41.11 -4.20
C ASP A 124 -36.97 40.89 -4.95
N PRO A 125 -36.02 41.84 -4.86
CA PRO A 125 -34.73 41.63 -5.54
C PRO A 125 -33.92 40.46 -4.93
N ASN A 126 -34.24 40.09 -3.68
CA ASN A 126 -33.64 38.97 -2.97
C ASN A 126 -34.31 37.61 -3.26
N SER A 127 -35.25 37.56 -4.21
CA SER A 127 -35.97 36.35 -4.59
C SER A 127 -35.05 35.25 -5.13
N MET A 128 -35.28 34.00 -4.68
CA MET A 128 -34.49 32.85 -5.16
C MET A 128 -35.18 32.10 -6.31
N ASP A 129 -36.24 32.69 -6.91
CA ASP A 129 -36.98 32.09 -8.02
C ASP A 129 -36.08 31.81 -9.23
N TYR A 130 -35.05 32.64 -9.44
CA TYR A 130 -34.13 32.45 -10.54
C TYR A 130 -33.40 31.08 -10.52
N LEU A 131 -33.39 30.40 -9.36
CA LEU A 131 -32.81 29.05 -9.18
C LEU A 131 -33.87 27.99 -8.81
N SER A 132 -35.14 28.36 -8.79
CA SER A 132 -36.22 27.51 -8.36
C SER A 132 -36.66 26.56 -9.45
N PRO A 133 -36.59 25.23 -9.19
CA PRO A 133 -37.09 24.26 -10.18
C PRO A 133 -38.57 24.46 -10.50
N LYS A 134 -39.37 24.84 -9.47
CA LYS A 134 -40.80 25.11 -9.64
C LYS A 134 -40.99 26.31 -10.57
N TYR A 135 -40.31 27.44 -10.28
CA TYR A 135 -40.44 28.62 -11.11
C TYR A 135 -39.99 28.37 -12.54
N LEU A 136 -38.78 27.80 -12.72
CA LEU A 136 -38.22 27.50 -14.03
C LEU A 136 -39.08 26.52 -14.81
N GLN A 137 -39.76 25.57 -14.13
CA GLN A 137 -40.68 24.63 -14.78
C GLN A 137 -41.91 25.37 -15.30
N LYS A 138 -42.40 26.36 -14.57
CA LYS A 138 -43.52 27.19 -15.01
C LYS A 138 -43.11 27.94 -16.31
N LEU A 139 -41.84 28.37 -16.40
CA LEU A 139 -41.36 29.07 -17.60
C LEU A 139 -41.16 28.11 -18.76
N ALA A 140 -40.66 26.90 -18.46
CA ALA A 140 -40.44 25.85 -19.46
C ALA A 140 -41.81 25.45 -20.09
N ASP A 141 -42.85 25.25 -19.24
CA ASP A 141 -44.20 24.89 -19.67
C ASP A 141 -44.84 26.02 -20.48
N LYS A 142 -44.58 27.27 -20.10
CA LYS A 142 -45.10 28.43 -20.82
C LYS A 142 -44.52 28.48 -22.23
N LYS A 143 -43.21 28.26 -22.36
CA LYS A 143 -42.56 28.29 -23.66
C LYS A 143 -42.92 27.09 -24.55
N ALA A 144 -42.90 25.85 -23.99
CA ALA A 144 -43.21 24.64 -24.76
C ALA A 144 -44.62 24.64 -25.40
N GLY A 145 -45.64 25.04 -24.63
CA GLY A 145 -47.00 25.10 -25.13
C GLY A 145 -48.03 24.47 -24.22
N LYS A 146 -49.34 24.59 -24.61
CA LYS A 146 -50.45 24.02 -23.85
C LYS A 146 -50.51 22.51 -24.07
N ASN A 147 -50.49 21.72 -22.96
CA ASN A 147 -50.49 20.25 -22.94
C ASN A 147 -49.41 19.61 -23.84
N PHE A 148 -48.14 20.01 -23.67
CA PHE A 148 -47.00 19.52 -24.45
C PHE A 148 -46.78 18.00 -24.30
N SER A 149 -46.98 17.48 -23.08
CA SER A 149 -46.82 16.07 -22.75
C SER A 149 -47.79 15.18 -23.55
N ALA A 150 -49.04 15.65 -23.70
CA ALA A 150 -50.04 14.91 -24.46
C ALA A 150 -49.85 15.12 -25.95
N LYS A 151 -49.48 16.34 -26.38
CA LYS A 151 -49.27 16.65 -27.79
C LYS A 151 -48.02 15.99 -28.37
N ASN A 152 -47.03 15.66 -27.50
CA ASN A 152 -45.77 15.02 -27.87
C ASN A 152 -45.45 13.92 -26.84
N PRO A 153 -46.07 12.73 -26.95
CA PRO A 153 -45.80 11.67 -25.96
C PRO A 153 -44.35 11.18 -25.97
N GLY A 154 -43.81 11.05 -24.78
CA GLY A 154 -42.43 10.63 -24.61
C GLY A 154 -41.47 11.78 -24.36
N LEU A 155 -41.84 13.00 -24.80
CA LEU A 155 -41.05 14.20 -24.63
C LEU A 155 -41.41 14.99 -23.38
N SER A 156 -40.45 15.76 -22.85
CA SER A 156 -40.62 16.64 -21.71
C SER A 156 -39.61 17.80 -21.81
N VAL A 157 -39.97 18.93 -21.22
CA VAL A 157 -39.15 20.14 -21.25
C VAL A 157 -38.58 20.48 -19.85
N GLU A 158 -37.38 21.09 -19.80
CA GLU A 158 -36.78 21.50 -18.54
C GLU A 158 -35.85 22.68 -18.71
N ILE A 159 -35.95 23.70 -17.84
CA ILE A 159 -35.01 24.82 -17.87
C ILE A 159 -34.10 24.72 -16.67
N LYS A 160 -32.80 24.91 -16.87
CA LYS A 160 -31.83 24.88 -15.80
C LYS A 160 -30.98 26.15 -15.81
N ALA A 161 -30.60 26.63 -14.62
CA ALA A 161 -29.71 27.78 -14.51
C ALA A 161 -28.25 27.25 -14.60
N PHE A 162 -27.37 28.08 -15.17
CA PHE A 162 -25.94 27.82 -15.33
C PHE A 162 -25.19 29.07 -14.97
N TYR A 163 -23.89 28.92 -14.59
CA TYR A 163 -23.06 30.08 -14.26
C TYR A 163 -23.68 30.93 -13.13
N GLY A 164 -24.25 30.26 -12.14
CA GLY A 164 -24.88 30.92 -11.01
C GLY A 164 -26.11 31.77 -11.33
N GLY A 165 -26.81 31.44 -12.40
CA GLY A 165 -28.00 32.20 -12.79
C GLY A 165 -27.74 33.22 -13.89
N ASN A 166 -26.60 33.09 -14.60
CA ASN A 166 -26.27 34.01 -15.69
C ASN A 166 -26.57 33.46 -17.09
N LEU A 167 -26.86 32.17 -17.19
CA LEU A 167 -27.19 31.51 -18.44
C LEU A 167 -28.29 30.47 -18.16
N TYR A 168 -29.28 30.34 -19.06
CA TYR A 168 -30.35 29.36 -18.91
C TYR A 168 -30.47 28.55 -20.17
N LEU A 169 -30.65 27.23 -20.03
CA LEU A 169 -30.84 26.36 -21.17
C LEU A 169 -32.11 25.56 -20.98
N MET A 170 -32.88 25.38 -22.06
CA MET A 170 -34.06 24.53 -22.08
C MET A 170 -33.68 23.22 -22.76
N PHE A 171 -34.06 22.11 -22.16
CA PHE A 171 -33.75 20.80 -22.70
C PHE A 171 -35.05 20.13 -23.04
N THR A 172 -35.09 19.53 -24.22
CA THR A 172 -36.24 18.74 -24.63
C THR A 172 -35.70 17.31 -24.51
N LYS A 173 -36.26 16.55 -23.58
CA LYS A 173 -35.83 15.19 -23.28
C LYS A 173 -36.80 14.16 -23.80
N LYS A 174 -36.28 13.01 -24.25
CA LYS A 174 -37.10 11.89 -24.67
C LYS A 174 -36.78 10.75 -23.70
N THR A 175 -37.76 10.25 -22.96
CA THR A 175 -37.53 9.23 -21.95
C THR A 175 -38.14 7.88 -22.31
N TYR A 176 -37.34 6.81 -22.25
CA TYR A 176 -37.74 5.43 -22.51
C TYR A 176 -37.68 4.66 -21.20
N THR A 177 -38.74 3.93 -20.85
CA THR A 177 -38.78 3.22 -19.57
C THR A 177 -38.78 1.70 -19.71
N ASP A 178 -38.77 1.17 -20.94
CA ASP A 178 -38.65 -0.27 -21.15
C ASP A 178 -37.18 -0.49 -21.58
N VAL A 179 -36.29 -0.65 -20.61
CA VAL A 179 -34.85 -0.81 -20.89
C VAL A 179 -34.47 -2.17 -20.30
N ARG A 180 -34.15 -3.13 -21.16
CA ARG A 180 -33.92 -4.51 -20.77
C ARG A 180 -32.47 -4.94 -20.63
N LEU A 181 -32.17 -5.76 -19.62
CA LEU A 181 -30.83 -6.29 -19.38
C LEU A 181 -30.50 -7.30 -20.48
N VAL A 182 -29.36 -7.10 -21.14
CA VAL A 182 -28.94 -7.91 -22.27
C VAL A 182 -27.72 -8.75 -21.93
N GLY A 183 -26.76 -8.15 -21.25
CA GLY A 183 -25.54 -8.84 -20.91
C GLY A 183 -24.76 -8.17 -19.80
N ALA A 184 -23.98 -8.96 -19.07
CA ALA A 184 -23.16 -8.44 -17.99
C ALA A 184 -22.07 -9.45 -17.71
N PRO A 185 -20.83 -8.97 -17.49
CA PRO A 185 -19.77 -9.90 -17.10
C PRO A 185 -19.99 -10.35 -15.65
N PRO A 186 -19.33 -11.42 -15.20
CA PRO A 186 -19.43 -11.79 -13.78
C PRO A 186 -18.86 -10.67 -12.90
N SER A 187 -19.26 -10.61 -11.62
CA SER A 187 -18.76 -9.60 -10.70
C SER A 187 -17.23 -9.61 -10.60
N SER A 188 -16.57 -10.75 -10.82
CA SER A 188 -15.12 -10.85 -10.77
C SER A 188 -14.44 -9.97 -11.84
N ILE A 189 -15.12 -9.71 -12.98
CA ILE A 189 -14.59 -8.83 -14.02
C ILE A 189 -15.15 -7.40 -13.84
N GLY A 190 -16.48 -7.28 -13.73
CA GLY A 190 -17.20 -6.01 -13.59
C GLY A 190 -16.83 -5.17 -12.38
N LYS A 191 -16.40 -5.82 -11.31
CA LYS A 191 -15.91 -5.13 -10.12
C LYS A 191 -14.62 -5.75 -9.60
N PHE A 192 -13.67 -6.09 -10.50
CA PHE A 192 -12.39 -6.71 -10.12
C PHE A 192 -11.66 -6.06 -8.94
N GLY A 193 -11.43 -4.76 -8.99
CA GLY A 193 -10.73 -4.11 -7.87
C GLY A 193 -11.54 -4.14 -6.58
N ALA A 194 -12.87 -4.12 -6.73
CA ALA A 194 -13.89 -4.09 -5.72
C ALA A 194 -13.71 -2.79 -4.85
N ASP A 195 -13.57 -2.80 -3.51
CA ASP A 195 -13.36 -1.57 -2.76
C ASP A 195 -11.89 -1.22 -2.60
N THR A 196 -10.96 -2.21 -2.70
CA THR A 196 -9.51 -1.96 -2.57
C THR A 196 -8.99 -1.01 -3.65
N ASP A 197 -9.46 -1.20 -4.89
CA ASP A 197 -9.04 -0.35 -5.99
C ASP A 197 -9.99 0.80 -6.33
N ASN A 198 -10.96 1.15 -5.44
CA ASN A 198 -11.83 2.31 -5.71
C ASN A 198 -10.96 3.58 -5.69
N TRP A 199 -11.15 4.47 -6.68
CA TRP A 199 -10.35 5.70 -6.88
C TRP A 199 -8.89 5.40 -7.22
N ILE A 200 -8.57 4.18 -7.67
CA ILE A 200 -7.18 3.81 -7.94
C ILE A 200 -6.83 3.65 -9.41
N TRP A 201 -5.71 4.22 -9.78
CA TRP A 201 -5.05 4.01 -11.05
C TRP A 201 -3.64 3.56 -10.66
N PRO A 202 -3.04 2.50 -11.26
CA PRO A 202 -3.54 1.59 -12.31
C PRO A 202 -4.80 0.84 -11.92
N ARG A 203 -5.65 0.55 -12.90
CA ARG A 203 -6.91 -0.10 -12.65
C ARG A 203 -7.12 -1.23 -13.66
N HIS A 204 -7.71 -2.37 -13.22
CA HIS A 204 -7.87 -3.56 -14.07
C HIS A 204 -9.29 -4.13 -14.12
N THR A 205 -10.28 -3.28 -13.90
CA THR A 205 -11.69 -3.61 -13.82
C THR A 205 -12.44 -3.50 -15.15
N GLY A 206 -13.18 -4.55 -15.55
CA GLY A 206 -13.98 -4.57 -16.77
C GLY A 206 -15.38 -4.07 -16.49
N ASP A 207 -15.48 -2.83 -16.03
CA ASP A 207 -16.70 -2.16 -15.58
C ASP A 207 -17.66 -1.79 -16.70
N PHE A 208 -18.39 -2.79 -17.21
CA PHE A 208 -19.40 -2.63 -18.23
C PHE A 208 -20.61 -3.57 -17.99
N SER A 209 -21.75 -3.19 -18.57
CA SER A 209 -23.00 -3.95 -18.62
C SER A 209 -23.76 -3.50 -19.89
N ILE A 210 -24.65 -4.36 -20.39
CA ILE A 210 -25.35 -4.15 -21.65
C ILE A 210 -26.85 -4.20 -21.47
N PHE A 211 -27.52 -3.20 -22.02
CA PHE A 211 -28.96 -3.08 -21.95
C PHE A 211 -29.51 -2.86 -23.35
N ARG A 212 -30.83 -2.76 -23.49
CA ARG A 212 -31.45 -2.48 -24.77
C ARG A 212 -32.69 -1.66 -24.56
N ILE A 213 -32.82 -0.59 -25.32
CA ILE A 213 -34.01 0.24 -25.24
C ILE A 213 -35.09 -0.38 -26.12
N TYR A 214 -36.29 -0.54 -25.55
CA TYR A 214 -37.48 -1.01 -26.25
C TYR A 214 -38.48 0.14 -26.34
N ALA A 215 -39.29 0.12 -27.39
CA ALA A 215 -40.28 1.16 -27.67
C ALA A 215 -41.51 0.53 -28.40
N ASP A 216 -42.57 1.30 -28.69
CA ASP A 216 -43.71 0.78 -29.45
C ASP A 216 -43.31 0.66 -30.94
N LYS A 217 -44.21 0.16 -31.80
CA LYS A 217 -44.02 -0.03 -33.23
C LYS A 217 -43.47 1.19 -33.97
N ASN A 218 -43.71 2.40 -33.46
CA ASN A 218 -43.21 3.62 -34.11
C ASN A 218 -41.94 4.19 -33.49
N GLY A 219 -41.30 3.45 -32.59
CA GLY A 219 -40.09 3.91 -31.92
C GLY A 219 -40.33 4.99 -30.87
N ASN A 220 -41.59 5.11 -30.41
CA ASN A 220 -42.00 6.08 -29.40
C ASN A 220 -41.93 5.48 -28.03
N PRO A 221 -41.55 6.27 -27.01
CA PRO A 221 -41.47 5.74 -25.63
C PRO A 221 -42.74 5.02 -25.19
N ALA A 222 -42.55 3.89 -24.50
CA ALA A 222 -43.67 3.11 -23.99
C ALA A 222 -43.22 2.32 -22.77
N PRO A 223 -44.06 2.21 -21.72
CA PRO A 223 -43.68 1.38 -20.57
C PRO A 223 -43.57 -0.10 -20.97
N TYR A 224 -43.00 -0.96 -20.10
CA TYR A 224 -42.90 -2.39 -20.42
C TYR A 224 -44.22 -3.01 -20.91
N SER A 225 -44.11 -3.74 -22.03
CA SER A 225 -45.18 -4.49 -22.68
C SER A 225 -44.51 -5.59 -23.48
N GLU A 226 -45.11 -6.79 -23.47
CA GLU A 226 -44.59 -7.92 -24.23
C GLU A 226 -44.57 -7.65 -25.75
N ASP A 227 -45.36 -6.66 -26.22
CA ASP A 227 -45.45 -6.26 -27.62
C ASP A 227 -44.40 -5.17 -28.01
N ASN A 228 -43.50 -4.79 -27.08
CA ASN A 228 -42.51 -3.77 -27.39
C ASN A 228 -41.40 -4.31 -28.25
N VAL A 229 -40.96 -3.48 -29.18
CA VAL A 229 -39.96 -3.78 -30.19
C VAL A 229 -38.69 -2.93 -29.92
N PRO A 230 -37.48 -3.49 -30.16
CA PRO A 230 -36.26 -2.69 -29.93
C PRO A 230 -36.27 -1.35 -30.67
N LEU A 231 -35.72 -0.31 -30.04
CA LEU A 231 -35.71 1.02 -30.63
C LEU A 231 -34.73 1.10 -31.78
N LYS A 232 -35.16 1.65 -32.92
CA LYS A 232 -34.26 1.90 -34.02
C LYS A 232 -33.88 3.37 -33.79
N PRO A 233 -32.68 3.64 -33.25
CA PRO A 233 -32.34 5.02 -32.90
C PRO A 233 -31.91 5.86 -34.09
N LYS A 234 -31.96 7.19 -33.94
CA LYS A 234 -31.52 8.08 -34.99
C LYS A 234 -29.97 8.15 -35.10
N ARG A 235 -29.24 7.66 -34.06
CA ARG A 235 -27.78 7.68 -34.05
C ARG A 235 -27.20 6.67 -33.04
N PHE A 236 -26.09 6.03 -33.43
CA PHE A 236 -25.37 5.11 -32.56
C PHE A 236 -23.87 5.19 -32.81
N PHE A 237 -23.07 4.82 -31.81
CA PHE A 237 -21.62 4.88 -31.92
C PHE A 237 -21.04 3.71 -32.71
N ASN A 238 -20.05 3.98 -33.53
CA ASN A 238 -19.31 2.90 -34.18
C ASN A 238 -18.24 2.48 -33.14
N ILE A 239 -17.93 1.19 -33.07
CA ILE A 239 -16.92 0.70 -32.15
C ILE A 239 -15.56 0.68 -32.86
N SER A 240 -14.52 1.27 -32.24
CA SER A 240 -13.19 1.22 -32.84
C SER A 240 -12.37 0.05 -32.29
N LEU A 241 -11.64 -0.62 -33.15
CA LEU A 241 -10.71 -1.64 -32.71
C LEU A 241 -9.23 -1.21 -32.85
N GLY A 242 -9.00 0.02 -33.37
CA GLY A 242 -7.68 0.60 -33.53
C GLY A 242 -6.94 0.89 -32.23
N GLY A 243 -7.67 0.85 -31.11
CA GLY A 243 -7.12 1.06 -29.79
C GLY A 243 -6.67 2.46 -29.46
N VAL A 244 -5.82 2.58 -28.45
CA VAL A 244 -5.27 3.87 -28.04
C VAL A 244 -3.75 3.77 -27.91
N GLN A 245 -3.11 4.92 -28.03
CA GLN A 245 -1.67 5.12 -27.88
C GLN A 245 -1.48 6.34 -26.99
N GLU A 246 -0.33 6.44 -26.33
CA GLU A 246 0.00 7.60 -25.50
C GLU A 246 -0.10 8.89 -26.34
N ASN A 247 -0.74 9.92 -25.78
CA ASN A 247 -0.96 11.24 -26.39
C ASN A 247 -2.12 11.27 -27.37
N ASP A 248 -2.84 10.16 -27.60
CA ASP A 248 -3.99 10.18 -28.50
C ASP A 248 -5.08 11.09 -27.96
N TYR A 249 -5.77 11.79 -28.84
CA TYR A 249 -6.87 12.64 -28.48
C TYR A 249 -8.02 11.77 -27.99
N ALA A 250 -8.65 12.17 -26.90
CA ALA A 250 -9.82 11.48 -26.39
C ALA A 250 -10.88 12.50 -25.95
N MET A 251 -12.16 12.16 -26.09
CA MET A 251 -13.24 13.02 -25.66
C MET A 251 -14.37 12.25 -25.05
N ILE A 252 -15.11 12.89 -24.16
CA ILE A 252 -16.23 12.27 -23.46
C ILE A 252 -17.45 13.16 -23.50
N MET A 253 -18.63 12.57 -23.57
CA MET A 253 -19.92 13.22 -23.40
C MET A 253 -20.61 12.50 -22.24
N GLY A 254 -21.23 13.24 -21.36
CA GLY A 254 -21.90 12.64 -20.20
C GLY A 254 -22.62 13.65 -19.35
N PHE A 255 -23.05 13.23 -18.16
CA PHE A 255 -23.85 14.08 -17.31
C PHE A 255 -23.17 14.32 -15.95
N PRO A 256 -22.06 15.09 -15.88
CA PRO A 256 -21.42 15.32 -14.57
C PRO A 256 -22.38 16.04 -13.63
N GLY A 257 -22.44 15.58 -12.41
CA GLY A 257 -23.38 16.07 -11.42
C GLY A 257 -23.08 17.41 -10.80
N THR A 258 -21.97 17.54 -10.06
CA THR A 258 -21.66 18.79 -9.36
C THR A 258 -20.17 19.11 -9.37
N THR A 259 -19.84 20.42 -9.43
CA THR A 259 -18.47 20.90 -9.26
C THR A 259 -18.58 22.19 -8.42
N HIS A 260 -17.44 22.71 -7.95
CA HIS A 260 -17.37 23.96 -7.22
C HIS A 260 -16.21 24.79 -7.73
N ARG A 261 -16.20 25.05 -9.05
CA ARG A 261 -15.15 25.80 -9.73
C ARG A 261 -15.10 27.29 -9.36
N TYR A 262 -16.16 27.82 -8.74
CA TYR A 262 -16.19 29.23 -8.38
C TYR A 262 -16.24 29.45 -6.87
N PHE A 263 -15.68 28.52 -6.09
CA PHE A 263 -15.54 28.66 -4.65
C PHE A 263 -14.60 29.83 -4.39
N THR A 264 -14.86 30.58 -3.32
CA THR A 264 -13.93 31.60 -2.90
C THR A 264 -12.83 30.85 -2.08
N ALA A 265 -11.74 31.54 -1.76
CA ALA A 265 -10.70 30.95 -0.92
C ALA A 265 -11.27 30.62 0.47
N SER A 266 -12.21 31.43 1.00
CA SER A 266 -12.85 31.16 2.29
C SER A 266 -13.70 29.86 2.27
N GLU A 267 -14.30 29.52 1.11
CA GLU A 267 -15.09 28.31 0.92
C GLU A 267 -14.21 27.09 0.82
N VAL A 268 -13.02 27.23 0.23
CA VAL A 268 -12.03 26.15 0.19
C VAL A 268 -11.57 25.85 1.64
N ASP A 269 -11.30 26.91 2.44
CA ASP A 269 -10.86 26.70 3.85
C ASP A 269 -11.93 26.03 4.68
N GLU A 270 -13.19 26.39 4.46
CA GLU A 270 -14.32 25.80 5.15
C GLU A 270 -14.49 24.32 4.78
N TRP A 271 -14.38 23.99 3.48
CA TRP A 271 -14.49 22.63 2.96
C TRP A 271 -13.40 21.76 3.60
N LYS A 272 -12.18 22.29 3.69
CA LYS A 272 -11.07 21.58 4.32
C LYS A 272 -11.29 21.41 5.85
N SER A 273 -11.39 22.53 6.58
CA SER A 273 -11.37 22.58 8.06
C SER A 273 -12.63 22.12 8.75
N ILE A 274 -13.76 22.12 8.03
CA ILE A 274 -15.00 21.66 8.63
C ILE A 274 -15.41 20.35 7.95
N ASP A 275 -15.93 20.42 6.71
CA ASP A 275 -16.44 19.29 5.97
C ASP A 275 -15.49 18.10 5.95
N ASN A 276 -14.31 18.26 5.36
CA ASN A 276 -13.37 17.17 5.21
C ASN A 276 -12.70 16.73 6.50
N ASP A 277 -12.17 17.65 7.33
CA ASP A 277 -11.52 17.24 8.60
C ASP A 277 -12.48 16.52 9.55
N ILE A 278 -13.77 16.95 9.63
CA ILE A 278 -14.73 16.28 10.51
C ILE A 278 -15.05 14.89 9.98
N ARG A 279 -15.39 14.79 8.70
CA ARG A 279 -15.68 13.50 8.04
C ARG A 279 -14.47 12.55 8.20
N ILE A 280 -13.25 13.05 8.00
CA ILE A 280 -12.03 12.26 8.15
C ILE A 280 -11.88 11.74 9.58
N ARG A 281 -11.88 12.66 10.56
CA ARG A 281 -11.73 12.31 11.95
C ARG A 281 -12.83 11.35 12.45
N MET A 282 -14.11 11.66 12.21
CA MET A 282 -15.22 10.84 12.67
C MET A 282 -15.29 9.48 12.02
N ARG A 283 -15.07 9.40 10.70
CA ARG A 283 -15.08 8.11 10.01
C ARG A 283 -13.89 7.25 10.38
N ASP A 284 -12.74 7.86 10.67
CA ASP A 284 -11.57 7.09 11.11
C ASP A 284 -11.86 6.42 12.46
N ILE A 285 -12.54 7.11 13.37
CA ILE A 285 -12.92 6.51 14.66
C ILE A 285 -13.91 5.36 14.46
N ARG A 286 -14.93 5.59 13.65
CA ARG A 286 -15.99 4.62 13.39
C ARG A 286 -15.46 3.35 12.72
N GLN A 287 -14.69 3.52 11.64
CA GLN A 287 -14.07 2.46 10.86
C GLN A 287 -13.04 1.70 11.69
N GLY A 288 -12.28 2.40 12.52
CA GLY A 288 -11.32 1.76 13.40
C GLY A 288 -11.96 0.74 14.34
N VAL A 289 -13.09 1.09 14.99
CA VAL A 289 -13.77 0.18 15.91
C VAL A 289 -14.41 -0.97 15.13
N MET A 290 -15.06 -0.65 14.00
CA MET A 290 -15.69 -1.63 13.13
C MET A 290 -14.68 -2.69 12.66
N LEU A 291 -13.50 -2.26 12.20
CA LEU A 291 -12.46 -3.14 11.73
C LEU A 291 -11.97 -4.08 12.83
N ARG A 292 -11.71 -3.57 14.05
CA ARG A 292 -11.29 -4.43 15.16
C ARG A 292 -12.31 -5.51 15.46
N GLU A 293 -13.61 -5.17 15.38
CA GLU A 293 -14.66 -6.14 15.65
C GLU A 293 -14.84 -7.14 14.54
N MET A 294 -14.71 -6.69 13.29
CA MET A 294 -14.82 -7.55 12.11
C MET A 294 -13.65 -8.53 12.06
N LEU A 295 -12.44 -8.07 12.41
CA LEU A 295 -11.25 -8.93 12.43
C LEU A 295 -11.29 -9.96 13.57
N ALA A 296 -11.97 -9.68 14.67
CA ALA A 296 -12.06 -10.57 15.81
C ALA A 296 -13.19 -11.62 15.72
N ASP A 297 -14.24 -11.30 14.94
CA ASP A 297 -15.38 -12.21 14.83
C ASP A 297 -15.79 -12.32 13.36
N PRO A 298 -15.66 -13.51 12.76
CA PRO A 298 -16.02 -13.66 11.34
C PRO A 298 -17.50 -13.44 11.01
N GLN A 299 -18.37 -13.56 12.02
CA GLN A 299 -19.78 -13.29 11.84
C GLN A 299 -20.01 -11.77 11.82
N ILE A 300 -19.23 -10.99 12.61
CA ILE A 300 -19.29 -9.51 12.61
C ILE A 300 -18.77 -8.97 11.26
N LYS A 301 -17.75 -9.66 10.67
CA LYS A 301 -17.25 -9.28 9.35
C LYS A 301 -18.36 -9.42 8.30
N ILE A 302 -19.14 -10.50 8.36
CA ILE A 302 -20.24 -10.70 7.42
C ILE A 302 -21.30 -9.60 7.59
N MET A 303 -21.71 -9.32 8.82
CA MET A 303 -22.70 -8.31 9.13
C MET A 303 -22.30 -6.86 8.83
N TYR A 304 -21.02 -6.50 9.01
CA TYR A 304 -20.60 -5.10 8.88
C TYR A 304 -19.76 -4.74 7.65
N SER A 305 -19.41 -5.72 6.80
CA SER A 305 -18.60 -5.47 5.62
C SER A 305 -19.12 -4.37 4.71
N ALA A 306 -20.41 -4.39 4.43
CA ALA A 306 -21.02 -3.40 3.55
C ALA A 306 -21.06 -2.02 4.22
N LYS A 307 -21.43 -1.93 5.53
CA LYS A 307 -21.45 -0.65 6.24
C LYS A 307 -20.05 -0.03 6.33
N TYR A 308 -19.05 -0.87 6.53
CA TYR A 308 -17.66 -0.46 6.57
C TYR A 308 -17.22 0.10 5.22
N ALA A 309 -17.51 -0.65 4.12
CA ALA A 309 -17.17 -0.25 2.75
C ALA A 309 -17.89 1.05 2.36
N ALA A 310 -19.18 1.19 2.72
CA ALA A 310 -19.96 2.39 2.42
C ALA A 310 -19.36 3.65 3.12
N SER A 311 -18.82 3.49 4.34
CA SER A 311 -18.24 4.61 5.06
C SER A 311 -16.88 5.02 4.47
N GLN A 312 -16.10 4.03 4.00
CA GLN A 312 -14.76 4.25 3.43
C GLN A 312 -14.79 5.04 2.13
N ASN A 313 -15.86 4.93 1.35
CA ASN A 313 -15.93 5.61 0.06
C ASN A 313 -15.78 7.16 0.14
N ALA A 314 -16.62 7.85 0.92
CA ALA A 314 -16.49 9.31 1.07
C ALA A 314 -15.33 9.67 2.01
N TYR A 315 -14.91 8.75 2.88
CA TYR A 315 -13.71 8.92 3.70
C TYR A 315 -12.49 9.07 2.76
N LYS A 316 -12.34 8.13 1.81
CA LYS A 316 -11.23 8.16 0.84
C LYS A 316 -11.27 9.39 -0.03
N ARG A 317 -12.47 9.80 -0.48
CA ARG A 317 -12.65 11.00 -1.27
C ARG A 317 -12.18 12.23 -0.48
N ALA A 318 -12.57 12.34 0.80
CA ALA A 318 -12.17 13.46 1.63
C ALA A 318 -10.64 13.50 1.85
N ILE A 319 -9.98 12.34 2.00
CA ILE A 319 -8.51 12.22 2.12
C ILE A 319 -7.86 12.72 0.82
N GLY A 320 -8.39 12.30 -0.33
CA GLY A 320 -7.88 12.75 -1.62
C GLY A 320 -8.06 14.25 -1.85
N ALA A 321 -9.21 14.80 -1.41
CA ALA A 321 -9.53 16.22 -1.59
C ALA A 321 -8.65 17.06 -0.69
N ASN A 322 -8.46 16.64 0.57
CA ASN A 322 -7.57 17.35 1.49
C ASN A 322 -6.10 17.29 1.03
N TRP A 323 -5.71 16.22 0.33
CA TRP A 323 -4.35 16.12 -0.21
C TRP A 323 -4.16 17.22 -1.27
N ALA A 324 -5.18 17.47 -2.11
CA ALA A 324 -5.09 18.50 -3.15
C ALA A 324 -5.03 19.90 -2.52
N ILE A 325 -5.86 20.15 -1.49
CA ILE A 325 -5.86 21.46 -0.81
C ILE A 325 -4.48 21.74 -0.20
N LYS A 326 -3.87 20.73 0.38
CA LYS A 326 -2.55 20.86 1.00
C LYS A 326 -1.39 20.93 0.02
N THR A 327 -1.45 20.19 -1.09
CA THR A 327 -0.30 20.10 -2.00
C THR A 327 -0.42 20.79 -3.37
N ARG A 328 -1.62 21.03 -3.87
CA ARG A 328 -1.81 21.60 -5.21
C ARG A 328 -2.21 23.08 -5.25
N GLY A 329 -2.18 23.74 -4.12
CA GLY A 329 -2.51 25.16 -4.01
C GLY A 329 -3.90 25.53 -4.45
N LEU A 330 -4.94 24.80 -3.97
CA LEU A 330 -6.32 25.09 -4.39
C LEU A 330 -6.80 26.39 -3.81
N ARG A 331 -6.52 26.62 -2.53
CA ARG A 331 -6.93 27.83 -1.84
C ARG A 331 -6.32 29.07 -2.48
N GLN A 332 -5.02 29.00 -2.79
CA GLN A 332 -4.23 30.06 -3.38
C GLN A 332 -4.75 30.43 -4.75
N ASN A 333 -5.10 29.44 -5.56
CA ASN A 333 -5.60 29.72 -6.89
C ASN A 333 -7.00 30.32 -6.88
N LYS A 334 -7.81 30.04 -5.84
CA LYS A 334 -9.13 30.69 -5.72
C LYS A 334 -8.94 32.13 -5.28
N GLN A 335 -7.98 32.37 -4.36
CA GLN A 335 -7.61 33.69 -3.87
C GLN A 335 -7.12 34.55 -5.03
N ALA A 336 -6.29 33.98 -5.93
CA ALA A 336 -5.77 34.71 -7.10
C ALA A 336 -6.87 35.01 -8.11
N MET A 337 -7.86 34.12 -8.24
CA MET A 337 -8.99 34.29 -9.13
C MET A 337 -9.84 35.47 -8.65
N GLN A 338 -10.19 35.50 -7.36
CA GLN A 338 -11.01 36.59 -6.82
C GLN A 338 -10.26 37.92 -6.73
N ASP A 339 -8.95 37.89 -6.42
CA ASP A 339 -8.16 39.14 -6.35
C ASP A 339 -8.03 39.81 -7.70
N ARG A 340 -7.92 39.01 -8.76
CA ARG A 340 -7.82 39.50 -10.13
C ARG A 340 -9.16 40.16 -10.57
N LEU A 341 -10.29 39.56 -10.18
CA LEU A 341 -11.59 40.15 -10.50
C LEU A 341 -11.79 41.46 -9.72
N ILE A 342 -11.37 41.48 -8.43
CA ILE A 342 -11.49 42.66 -7.58
C ILE A 342 -10.66 43.83 -8.13
N ALA A 343 -9.47 43.54 -8.66
CA ALA A 343 -8.59 44.55 -9.24
C ALA A 343 -9.19 45.11 -10.54
N TRP A 344 -9.75 44.24 -11.36
CA TRP A 344 -10.37 44.64 -12.63
C TRP A 344 -11.66 45.43 -12.38
N GLY A 345 -12.40 45.07 -11.34
CA GLY A 345 -13.62 45.76 -10.95
C GLY A 345 -13.33 47.16 -10.48
N ALA A 346 -12.21 47.33 -9.72
CA ALA A 346 -11.76 48.62 -9.21
C ALA A 346 -11.37 49.54 -10.38
N LYS A 347 -10.69 48.99 -11.40
CA LYS A 347 -10.30 49.74 -12.58
C LYS A 347 -11.52 50.14 -13.42
N GLN A 348 -12.56 49.29 -13.47
CA GLN A 348 -13.79 49.60 -14.20
C GLN A 348 -14.75 50.54 -13.44
N GLY A 349 -14.47 50.85 -12.19
CA GLY A 349 -15.33 51.68 -11.36
C GLY A 349 -16.59 50.96 -10.89
N THR A 350 -16.57 49.61 -10.87
CA THR A 350 -17.72 48.79 -10.44
C THR A 350 -17.35 48.00 -9.19
N PRO A 351 -17.76 48.46 -8.01
CA PRO A 351 -17.38 47.75 -6.77
C PRO A 351 -18.22 46.53 -6.42
N ARG A 352 -19.23 46.18 -7.23
CA ARG A 352 -20.13 45.07 -6.90
C ARG A 352 -19.47 43.68 -6.86
N TYR A 353 -18.33 43.48 -7.52
CA TYR A 353 -17.67 42.17 -7.51
C TYR A 353 -16.94 41.96 -6.19
N GLU A 354 -16.24 42.98 -5.72
CA GLU A 354 -15.54 42.96 -4.44
C GLU A 354 -16.58 42.83 -3.30
N GLU A 355 -17.72 43.54 -3.44
CA GLU A 355 -18.80 43.47 -2.47
C GLU A 355 -19.37 42.05 -2.41
N ALA A 356 -19.50 41.39 -3.57
CA ALA A 356 -20.01 40.03 -3.67
C ALA A 356 -19.06 39.01 -3.01
N VAL A 357 -17.75 39.11 -3.25
CA VAL A 357 -16.75 38.24 -2.63
C VAL A 357 -16.75 38.46 -1.11
N HIS A 358 -16.85 39.73 -0.67
CA HIS A 358 -16.93 40.07 0.75
C HIS A 358 -18.17 39.46 1.39
N GLU A 359 -19.34 39.51 0.71
CA GLU A 359 -20.55 38.93 1.25
C GLU A 359 -20.42 37.42 1.45
N ILE A 360 -19.73 36.73 0.51
CA ILE A 360 -19.49 35.30 0.63
C ILE A 360 -18.55 35.00 1.83
N ASP A 361 -17.44 35.74 1.95
CA ASP A 361 -16.50 35.57 3.06
C ASP A 361 -17.20 35.77 4.42
N ALA A 362 -18.00 36.84 4.54
CA ALA A 362 -18.68 37.16 5.79
C ALA A 362 -19.72 36.11 6.15
N THR A 363 -20.38 35.52 5.14
CA THR A 363 -21.39 34.50 5.39
C THR A 363 -20.68 33.23 5.85
N VAL A 364 -19.56 32.86 5.20
CA VAL A 364 -18.77 31.69 5.59
C VAL A 364 -18.29 31.85 7.04
N ALA A 365 -17.74 33.04 7.38
CA ALA A 365 -17.25 33.28 8.73
C ALA A 365 -18.37 33.24 9.77
N LYS A 366 -19.56 33.77 9.44
CA LYS A 366 -20.69 33.78 10.37
C LYS A 366 -21.28 32.39 10.65
N ARG A 367 -21.35 31.50 9.65
CA ARG A 367 -21.93 30.17 9.86
C ARG A 367 -20.95 29.10 10.35
N ALA A 368 -19.69 29.45 10.58
CA ALA A 368 -18.65 28.48 10.97
C ALA A 368 -19.00 27.57 12.17
N ASP A 369 -19.41 28.12 13.32
CA ASP A 369 -19.73 27.30 14.49
C ASP A 369 -20.93 26.40 14.24
N LEU A 370 -21.97 26.94 13.61
CA LEU A 370 -23.16 26.15 13.28
C LEU A 370 -22.81 24.99 12.33
N ARG A 371 -22.09 25.27 11.23
CA ARG A 371 -21.66 24.25 10.25
C ARG A 371 -20.78 23.17 10.91
N ARG A 372 -19.90 23.58 11.84
CA ARG A 372 -19.05 22.66 12.60
C ARG A 372 -19.96 21.71 13.44
N ARG A 373 -20.93 22.28 14.17
CA ARG A 373 -21.87 21.49 14.97
C ARG A 373 -22.71 20.53 14.11
N TYR A 374 -23.09 20.96 12.90
CA TYR A 374 -23.88 20.14 11.99
C TYR A 374 -23.08 18.93 11.46
N TRP A 375 -21.86 19.17 10.97
CA TRP A 375 -21.01 18.09 10.49
C TRP A 375 -20.61 17.15 11.63
N MET A 376 -20.39 17.70 12.82
CA MET A 376 -20.04 16.92 13.99
C MET A 376 -21.17 15.95 14.36
N ILE A 377 -22.43 16.41 14.38
CA ILE A 377 -23.56 15.52 14.70
C ILE A 377 -23.90 14.58 13.56
N GLU A 378 -23.75 15.03 12.31
CA GLU A 378 -24.06 14.19 11.16
C GLU A 378 -23.05 13.07 10.98
N GLU A 379 -21.77 13.37 11.06
CA GLU A 379 -20.73 12.35 10.94
C GLU A 379 -20.58 11.53 12.22
N GLY A 380 -20.69 12.19 13.36
CA GLY A 380 -20.54 11.56 14.65
C GLY A 380 -21.67 10.69 15.14
N ILE A 381 -22.92 11.14 14.93
CA ILE A 381 -24.06 10.44 15.48
C ILE A 381 -25.05 9.94 14.44
N ILE A 382 -25.57 10.85 13.56
CA ILE A 382 -26.58 10.52 12.55
C ILE A 382 -26.08 9.38 11.65
N ARG A 383 -24.82 9.48 11.19
CA ARG A 383 -24.19 8.42 10.38
C ARG A 383 -23.37 7.49 11.26
N GLY A 384 -22.74 8.02 12.29
CA GLY A 384 -21.81 7.26 13.11
C GLY A 384 -22.37 6.20 14.03
N ILE A 385 -23.57 6.42 14.61
CA ILE A 385 -24.17 5.52 15.59
C ILE A 385 -25.49 4.92 15.10
N GLU A 386 -25.56 3.60 14.97
CA GLU A 386 -26.76 2.93 14.46
C GLU A 386 -28.00 3.12 15.32
N PHE A 387 -27.87 3.22 16.66
CA PHE A 387 -29.06 3.41 17.50
C PHE A 387 -29.60 4.84 17.43
N ALA A 388 -28.97 5.75 16.66
CA ALA A 388 -29.53 7.08 16.43
C ALA A 388 -30.76 6.91 15.52
N ARG A 389 -30.73 5.92 14.59
CA ARG A 389 -31.84 5.61 13.70
C ARG A 389 -32.70 4.45 14.24
N SER A 390 -32.84 4.39 15.56
CA SER A 390 -33.69 3.42 16.21
C SER A 390 -35.15 3.98 16.16
N PRO A 391 -36.18 3.16 16.43
CA PRO A 391 -37.56 3.66 16.32
C PRO A 391 -37.95 4.80 17.28
N ILE A 392 -38.61 5.81 16.69
CA ILE A 392 -39.18 6.92 17.42
C ILE A 392 -40.71 6.86 17.19
N PRO A 393 -41.49 6.60 18.26
CA PRO A 393 -42.96 6.54 18.10
C PRO A 393 -43.53 7.84 17.57
N THR A 394 -44.35 7.76 16.51
CA THR A 394 -44.96 8.96 15.89
C THR A 394 -46.01 9.64 16.82
N GLU A 395 -46.48 10.87 16.47
CA GLU A 395 -47.51 11.56 17.27
C GLU A 395 -48.85 10.79 17.25
N ASP A 396 -49.15 10.14 16.10
CA ASP A 396 -50.33 9.32 15.92
C ASP A 396 -50.16 7.94 16.58
N GLU A 397 -48.92 7.38 16.59
CA GLU A 397 -48.62 6.10 17.25
C GLU A 397 -48.70 6.26 18.78
N THR A 398 -48.22 7.39 19.30
CA THR A 398 -48.28 7.70 20.72
C THR A 398 -49.76 7.85 21.14
N LYS A 399 -50.58 8.51 20.30
CA LYS A 399 -52.00 8.68 20.61
C LYS A 399 -52.74 7.35 20.53
N ALA A 400 -52.39 6.51 19.54
CA ALA A 400 -52.98 5.18 19.35
C ALA A 400 -52.78 4.27 20.56
N LEU A 401 -51.67 4.45 21.31
CA LEU A 401 -51.40 3.66 22.50
C LEU A 401 -52.16 4.18 23.74
N GLN A 402 -52.42 5.50 23.77
CA GLN A 402 -53.12 6.16 24.87
C GLN A 402 -54.64 6.04 24.75
N ASP A 405 -57.54 3.44 23.86
CA ASP A 405 -58.78 2.74 24.18
C ASP A 405 -59.55 2.37 22.90
N ALA A 406 -58.89 1.65 21.98
CA ALA A 406 -59.42 1.21 20.70
C ALA A 406 -58.62 -0.01 20.16
N SER A 407 -58.99 -0.62 19.00
CA SER A 407 -58.17 -1.71 18.41
C SER A 407 -56.87 -1.18 17.77
N ALA A 408 -56.71 0.15 17.65
CA ALA A 408 -55.55 0.82 17.05
C ALA A 408 -54.25 0.68 17.85
N ARG A 409 -54.30 0.05 19.04
CA ARG A 409 -53.14 -0.21 19.90
C ARG A 409 -52.28 -1.30 19.26
N LYS A 410 -52.90 -2.40 18.81
CA LYS A 410 -52.20 -3.50 18.13
C LYS A 410 -51.66 -3.06 16.75
N GLU A 411 -52.33 -2.09 16.12
CA GLU A 411 -51.94 -1.52 14.83
C GLU A 411 -50.65 -0.73 15.02
N ALA A 412 -50.57 0.06 16.11
CA ALA A 412 -49.39 0.88 16.45
C ALA A 412 -48.20 -0.03 16.81
N ILE A 413 -48.41 -1.03 17.67
CA ILE A 413 -47.38 -1.99 18.06
C ILE A 413 -46.84 -2.73 16.85
N ASP A 414 -47.67 -3.08 15.85
CA ASP A 414 -47.17 -3.77 14.66
C ASP A 414 -46.30 -2.85 13.79
N LYS A 415 -46.60 -1.54 13.79
CA LYS A 415 -45.85 -0.56 13.03
C LYS A 415 -44.50 -0.32 13.70
N ILE A 416 -44.51 -0.18 15.06
CA ILE A 416 -43.30 0.02 15.85
C ILE A 416 -42.38 -1.21 15.76
N ARG A 417 -42.98 -2.41 15.80
CA ARG A 417 -42.27 -3.68 15.69
C ARG A 417 -41.59 -3.80 14.34
N THR A 418 -42.28 -3.37 13.26
CA THR A 418 -41.74 -3.44 11.91
C THR A 418 -40.46 -2.58 11.81
N ARG A 419 -40.49 -1.39 12.43
CA ARG A 419 -39.37 -0.46 12.46
C ARG A 419 -38.25 -1.00 13.34
N TYR A 420 -38.61 -1.62 14.48
CA TYR A 420 -37.61 -2.21 15.37
C TYR A 420 -36.87 -3.36 14.65
N SER A 421 -37.61 -4.18 13.92
CA SER A 421 -37.06 -5.31 13.18
C SER A 421 -36.14 -4.87 12.03
N LYS A 422 -36.36 -3.65 11.49
CA LYS A 422 -35.54 -3.07 10.42
C LYS A 422 -34.24 -2.51 11.03
N PHE A 423 -34.32 -1.91 12.22
CA PHE A 423 -33.15 -1.38 12.95
C PHE A 423 -32.29 -2.55 13.46
N ALA A 424 -32.89 -3.45 14.23
CA ALA A 424 -32.17 -4.61 14.74
C ALA A 424 -32.29 -5.76 13.73
N ASN A 425 -31.80 -5.56 12.50
CA ASN A 425 -31.87 -6.59 11.47
C ASN A 425 -30.78 -7.68 11.61
N LYS A 426 -30.64 -8.60 10.62
CA LYS A 426 -29.65 -9.66 10.64
C LYS A 426 -28.21 -9.16 10.70
N ASP A 427 -27.98 -7.92 10.23
CA ASP A 427 -26.65 -7.30 10.21
C ASP A 427 -26.38 -6.36 11.39
N TYR A 428 -27.31 -6.22 12.33
CA TYR A 428 -27.13 -5.31 13.44
C TYR A 428 -26.57 -5.99 14.68
N SER A 429 -25.43 -5.51 15.18
CA SER A 429 -24.90 -6.03 16.45
C SER A 429 -24.94 -4.91 17.49
N ALA A 430 -25.71 -5.11 18.57
CA ALA A 430 -25.83 -4.14 19.66
C ALA A 430 -24.49 -3.96 20.38
N GLU A 431 -23.68 -5.04 20.51
CA GLU A 431 -22.37 -4.95 21.15
C GLU A 431 -21.40 -4.09 20.33
N VAL A 432 -21.36 -4.32 19.02
CA VAL A 432 -20.53 -3.55 18.09
C VAL A 432 -21.02 -2.08 18.09
N ASP A 433 -22.33 -1.87 18.07
CA ASP A 433 -22.90 -0.52 18.12
C ASP A 433 -22.56 0.21 19.42
N LYS A 434 -22.60 -0.47 20.56
CA LYS A 434 -22.22 0.14 21.84
C LYS A 434 -20.73 0.55 21.80
N LYS A 435 -19.86 -0.27 21.18
CA LYS A 435 -18.44 0.04 21.10
C LYS A 435 -18.19 1.22 20.19
N VAL A 436 -18.89 1.27 19.05
CA VAL A 436 -18.79 2.39 18.13
C VAL A 436 -19.30 3.67 18.81
N ALA A 437 -20.48 3.60 19.45
CA ALA A 437 -21.06 4.76 20.13
C ALA A 437 -20.18 5.29 21.24
N VAL A 438 -19.54 4.39 22.02
CA VAL A 438 -18.67 4.87 23.10
C VAL A 438 -17.50 5.70 22.52
N ALA A 439 -16.86 5.24 21.42
CA ALA A 439 -15.78 6.00 20.82
C ALA A 439 -16.25 7.27 20.09
N MET A 440 -17.36 7.17 19.34
CA MET A 440 -17.92 8.31 18.59
C MET A 440 -18.37 9.42 19.54
N LEU A 441 -19.09 9.05 20.61
CA LEU A 441 -19.57 10.01 21.60
C LEU A 441 -18.46 10.60 22.42
N THR A 442 -17.37 9.86 22.68
CA THR A 442 -16.24 10.41 23.43
C THR A 442 -15.63 11.58 22.62
N GLU A 443 -15.46 11.38 21.30
CA GLU A 443 -14.94 12.41 20.44
C GLU A 443 -15.93 13.60 20.33
N TYR A 444 -17.22 13.30 20.10
CA TYR A 444 -18.28 14.29 20.02
C TYR A 444 -18.38 15.13 21.31
N LEU A 445 -18.40 14.49 22.48
CA LEU A 445 -18.47 15.22 23.77
C LEU A 445 -17.24 16.10 24.04
N LYS A 446 -16.10 15.74 23.47
CA LYS A 446 -14.85 16.51 23.52
C LYS A 446 -14.94 17.79 22.63
N GLU A 447 -15.63 17.73 21.49
CA GLU A 447 -15.72 18.87 20.56
C GLU A 447 -16.87 19.81 20.83
N ILE A 448 -18.05 19.26 21.17
CA ILE A 448 -19.28 20.02 21.35
C ILE A 448 -19.54 20.34 22.82
N PRO A 449 -19.59 21.64 23.17
CA PRO A 449 -19.82 22.00 24.58
C PRO A 449 -21.20 21.63 25.11
N TYR A 450 -21.33 21.51 26.44
CA TYR A 450 -22.57 21.16 27.15
C TYR A 450 -23.79 21.96 26.67
N GLU A 451 -23.66 23.29 26.53
CA GLU A 451 -24.78 24.12 26.09
C GLU A 451 -25.19 23.90 24.61
N ASN A 452 -24.33 23.23 23.83
CA ASN A 452 -24.63 22.94 22.42
C ASN A 452 -24.97 21.44 22.17
N LEU A 453 -25.02 20.62 23.24
CA LEU A 453 -25.29 19.19 23.12
C LEU A 453 -26.76 18.89 22.89
N PRO A 454 -27.09 17.83 22.13
CA PRO A 454 -28.48 17.34 22.13
C PRO A 454 -28.90 17.03 23.59
N LEU A 455 -30.09 17.50 24.01
CA LEU A 455 -30.57 17.40 25.39
C LEU A 455 -30.23 16.11 26.14
N HIS A 456 -30.41 14.93 25.53
CA HIS A 456 -30.15 13.67 26.20
C HIS A 456 -28.68 13.43 26.50
N LEU A 457 -27.76 13.98 25.67
CA LEU A 457 -26.32 13.83 25.88
C LEU A 457 -25.79 14.64 27.08
N ARG A 458 -26.59 15.57 27.59
CA ARG A 458 -26.28 16.32 28.81
C ARG A 458 -26.22 15.39 30.02
N LEU A 459 -26.95 14.25 29.97
CA LEU A 459 -26.98 13.22 31.01
C LEU A 459 -25.63 12.56 31.23
N VAL A 460 -24.71 12.61 30.26
CA VAL A 460 -23.38 12.03 30.42
C VAL A 460 -22.67 12.71 31.58
N LYS A 461 -22.68 14.04 31.62
CA LYS A 461 -22.04 14.80 32.71
C LYS A 461 -22.95 14.85 33.96
N ASP A 462 -24.23 15.09 33.76
CA ASP A 462 -25.20 15.24 34.86
C ASP A 462 -25.52 13.97 35.66
N ARG A 463 -25.89 12.88 34.98
CA ARG A 463 -26.30 11.64 35.63
C ARG A 463 -25.22 10.56 35.69
N PHE A 464 -24.33 10.52 34.69
CA PHE A 464 -23.34 9.43 34.63
C PHE A 464 -21.92 9.82 35.02
N ALA A 465 -21.73 10.99 35.66
CA ALA A 465 -20.40 11.45 36.09
C ALA A 465 -19.34 11.40 34.98
N GLY A 466 -19.75 11.70 33.75
CA GLY A 466 -18.88 11.70 32.59
C GLY A 466 -18.55 10.35 32.00
N ASP A 467 -19.11 9.26 32.54
CA ASP A 467 -18.85 7.90 32.06
C ASP A 467 -19.70 7.62 30.83
N VAL A 468 -19.08 7.70 29.63
CA VAL A 468 -19.75 7.48 28.35
C VAL A 468 -20.19 6.01 28.24
N GLN A 469 -19.34 5.08 28.68
CA GLN A 469 -19.65 3.65 28.66
C GLN A 469 -20.91 3.34 29.48
N ALA A 470 -21.04 3.93 30.69
CA ALA A 470 -22.20 3.73 31.56
C ALA A 470 -23.45 4.30 30.93
N TYR A 471 -23.36 5.47 30.32
CA TYR A 471 -24.48 6.09 29.65
C TYR A 471 -24.99 5.20 28.49
N VAL A 472 -24.08 4.66 27.65
CA VAL A 472 -24.42 3.79 26.53
C VAL A 472 -24.95 2.45 27.03
N ASP A 473 -24.32 1.88 28.08
CA ASP A 473 -24.78 0.61 28.68
C ASP A 473 -26.20 0.76 29.21
N ASP A 474 -26.51 1.91 29.80
CA ASP A 474 -27.81 2.18 30.39
C ASP A 474 -28.90 2.33 29.31
N ILE A 475 -28.55 2.91 28.15
CA ILE A 475 -29.48 3.06 27.02
C ILE A 475 -29.97 1.67 26.59
N PHE A 476 -29.05 0.71 26.45
CA PHE A 476 -29.40 -0.64 26.03
C PHE A 476 -30.05 -1.47 27.12
N ALA A 477 -29.59 -1.32 28.37
CA ALA A 477 -30.11 -2.09 29.50
C ALA A 477 -31.58 -1.77 29.79
N ARG A 478 -31.96 -0.50 29.77
CA ARG A 478 -33.32 -0.08 30.11
C ARG A 478 -34.23 0.21 28.92
N SER A 479 -33.71 0.14 27.69
CA SER A 479 -34.54 0.45 26.53
C SER A 479 -35.32 -0.72 26.01
N VAL A 480 -36.53 -0.40 25.56
CA VAL A 480 -37.49 -1.24 24.86
C VAL A 480 -36.86 -1.80 23.56
N PHE A 481 -35.96 -1.06 22.91
CA PHE A 481 -35.28 -1.54 21.71
C PHE A 481 -33.85 -2.06 22.00
N GLY A 482 -33.54 -2.35 23.26
CA GLY A 482 -32.24 -2.84 23.69
C GLY A 482 -31.95 -4.29 23.35
N SER A 483 -33.00 -5.06 23.22
CA SER A 483 -32.95 -6.48 22.85
C SER A 483 -34.35 -6.90 22.39
N GLU A 484 -34.48 -8.09 21.79
CA GLU A 484 -35.75 -8.57 21.31
C GLU A 484 -36.69 -8.82 22.48
N ALA A 485 -36.19 -9.45 23.55
CA ALA A 485 -36.97 -9.76 24.74
C ALA A 485 -37.50 -8.49 25.42
N GLN A 486 -36.69 -7.43 25.41
CA GLN A 486 -37.11 -6.15 25.97
C GLN A 486 -38.22 -5.54 25.14
N PHE A 487 -38.17 -5.70 23.80
CA PHE A 487 -39.22 -5.19 22.93
C PHE A 487 -40.50 -5.96 23.16
N ASP A 488 -40.42 -7.30 23.21
CA ASP A 488 -41.60 -8.14 23.43
C ASP A 488 -42.26 -7.88 24.77
N ALA A 489 -41.47 -7.59 25.81
CA ALA A 489 -42.04 -7.26 27.13
C ALA A 489 -42.83 -5.95 27.04
N PHE A 490 -42.35 -4.99 26.24
CA PHE A 490 -43.01 -3.73 26.01
C PHE A 490 -44.30 -3.96 25.20
N ALA A 491 -44.20 -4.69 24.08
CA ALA A 491 -45.29 -5.02 23.18
C ALA A 491 -46.44 -5.72 23.89
N ALA A 492 -46.15 -6.50 24.94
CA ALA A 492 -47.18 -7.18 25.71
C ALA A 492 -47.94 -6.21 26.60
N VAL A 493 -47.24 -5.26 27.23
CA VAL A 493 -47.88 -4.28 28.12
C VAL A 493 -47.40 -2.88 27.73
N PRO A 494 -47.85 -2.34 26.59
CA PRO A 494 -47.37 -1.02 26.17
C PRO A 494 -48.04 0.17 26.82
N SER A 495 -47.22 1.08 27.35
CA SER A 495 -47.73 2.33 27.90
C SER A 495 -46.95 3.49 27.28
N VAL A 496 -47.65 4.60 27.03
CA VAL A 496 -47.03 5.80 26.45
C VAL A 496 -45.91 6.33 27.37
N GLU A 497 -46.13 6.23 28.68
CA GLU A 497 -45.22 6.70 29.72
C GLU A 497 -43.88 5.97 29.67
N LYS A 498 -43.87 4.70 29.18
CA LYS A 498 -42.67 3.90 29.03
C LYS A 498 -41.86 4.44 27.85
N LEU A 499 -42.54 4.75 26.73
CA LEU A 499 -41.89 5.29 25.54
C LEU A 499 -41.41 6.72 25.77
N ALA A 500 -42.18 7.52 26.52
CA ALA A 500 -41.81 8.90 26.83
C ALA A 500 -40.53 9.01 27.67
N GLU A 501 -40.18 7.95 28.42
CA GLU A 501 -38.99 7.96 29.25
C GLU A 501 -37.91 6.96 28.76
N ASP A 502 -38.12 6.29 27.61
CA ASP A 502 -37.17 5.34 27.09
C ASP A 502 -35.83 6.03 26.72
N PRO A 503 -34.72 5.56 27.30
CA PRO A 503 -33.42 6.19 27.03
C PRO A 503 -32.97 6.16 25.57
N MET A 504 -33.30 5.09 24.82
CA MET A 504 -32.95 5.04 23.40
C MET A 504 -33.86 5.96 22.59
N VAL A 505 -35.15 6.02 22.92
CA VAL A 505 -36.10 6.90 22.24
C VAL A 505 -35.69 8.36 22.45
N LEU A 506 -35.41 8.74 23.70
CA LEU A 506 -34.97 10.08 24.07
C LEU A 506 -33.65 10.47 23.42
N PHE A 507 -32.70 9.51 23.30
CA PHE A 507 -31.43 9.78 22.63
C PHE A 507 -31.69 10.09 21.14
N ALA A 508 -32.41 9.19 20.45
CA ALA A 508 -32.70 9.29 19.03
C ALA A 508 -33.46 10.58 18.72
N SER A 509 -34.45 10.93 19.57
CA SER A 509 -35.25 12.14 19.45
C SER A 509 -34.36 13.35 19.61
N SER A 510 -33.58 13.41 20.69
CA SER A 510 -32.66 14.50 21.00
C SER A 510 -31.67 14.78 19.87
N VAL A 511 -31.02 13.73 19.34
CA VAL A 511 -30.01 13.93 18.31
C VAL A 511 -30.69 14.38 17.01
N PHE A 512 -31.88 13.85 16.68
CA PHE A 512 -32.57 14.29 15.48
C PHE A 512 -33.15 15.70 15.63
N ASP A 513 -33.53 16.09 16.85
CA ASP A 513 -34.02 17.44 17.12
C ASP A 513 -32.89 18.42 16.85
N GLU A 514 -31.70 18.16 17.41
CA GLU A 514 -30.53 19.02 17.24
C GLU A 514 -30.06 19.07 15.77
N TYR A 515 -30.06 17.93 15.10
CA TYR A 515 -29.69 17.81 13.69
C TYR A 515 -30.62 18.70 12.82
N ARG A 516 -31.94 18.67 13.12
CA ARG A 516 -32.92 19.48 12.39
C ARG A 516 -32.87 20.97 12.75
N LYS A 517 -32.63 21.30 14.01
CA LYS A 517 -32.48 22.68 14.44
C LYS A 517 -31.28 23.33 13.75
N LEU A 518 -30.14 22.62 13.69
CA LEU A 518 -28.92 23.12 13.04
C LEU A 518 -29.14 23.31 11.56
N TYR A 519 -29.80 22.34 10.90
CA TYR A 519 -30.12 22.44 9.49
C TYR A 519 -30.98 23.70 9.21
N ASN A 520 -32.03 23.91 10.00
CA ASN A 520 -32.92 25.05 9.84
C ASN A 520 -32.21 26.37 10.10
N GLU A 521 -31.31 26.40 11.07
CA GLU A 521 -30.56 27.61 11.37
C GLU A 521 -29.51 27.90 10.28
N LEU A 522 -28.96 26.85 9.64
CA LEU A 522 -27.93 27.01 8.60
C LEU A 522 -28.47 27.28 7.19
N ARG A 523 -29.65 26.75 6.87
CA ARG A 523 -30.25 26.95 5.54
C ARG A 523 -30.30 28.42 5.08
N PRO A 524 -30.70 29.40 5.91
CA PRO A 524 -30.71 30.80 5.46
C PRO A 524 -29.37 31.35 4.94
N TYR A 525 -28.24 30.75 5.34
CA TYR A 525 -26.92 31.22 4.91
C TYR A 525 -26.61 30.87 3.46
N ASP A 526 -27.31 29.90 2.86
CA ASP A 526 -27.07 29.51 1.47
C ASP A 526 -27.43 30.61 0.45
N ASP A 527 -28.56 31.31 0.69
CA ASP A 527 -29.11 32.33 -0.21
C ASP A 527 -28.20 33.53 -0.45
N PRO A 528 -27.63 34.20 0.59
CA PRO A 528 -26.71 35.32 0.32
C PRO A 528 -25.51 34.88 -0.52
N ILE A 529 -25.01 33.64 -0.28
CA ILE A 529 -23.87 33.10 -1.04
C ILE A 529 -24.26 32.90 -2.49
N LEU A 530 -25.39 32.23 -2.72
CA LEU A 530 -25.94 32.04 -4.05
C LEU A 530 -26.12 33.37 -4.82
N ARG A 531 -26.76 34.38 -4.21
CA ARG A 531 -26.97 35.68 -4.84
C ARG A 531 -25.64 36.37 -5.15
N ALA A 532 -24.66 36.31 -4.23
CA ALA A 532 -23.36 36.91 -4.47
C ALA A 532 -22.59 36.15 -5.54
N GLN A 533 -22.78 34.85 -5.68
CA GLN A 533 -22.15 34.03 -6.72
C GLN A 533 -22.66 34.39 -8.11
N ARG A 534 -23.93 34.84 -8.22
CA ARG A 534 -24.48 35.28 -9.50
C ARG A 534 -23.69 36.50 -9.97
N THR A 535 -23.44 37.47 -9.06
CA THR A 535 -22.65 38.67 -9.36
C THR A 535 -21.18 38.31 -9.60
N TYR A 536 -20.60 37.45 -8.74
CA TYR A 536 -19.22 37.00 -8.85
C TYR A 536 -18.93 36.31 -10.22
N ILE A 537 -19.72 35.32 -10.61
CA ILE A 537 -19.53 34.60 -11.86
C ILE A 537 -19.82 35.50 -13.06
N ALA A 538 -20.74 36.48 -12.92
CA ALA A 538 -21.00 37.43 -14.02
C ALA A 538 -19.74 38.27 -14.29
N GLY A 539 -19.08 38.70 -13.23
CA GLY A 539 -17.85 39.45 -13.34
C GLY A 539 -16.74 38.65 -13.97
N LEU A 540 -16.56 37.40 -13.52
CA LEU A 540 -15.54 36.50 -14.04
C LEU A 540 -15.74 36.28 -15.53
N LEU A 541 -16.98 36.08 -15.97
CA LEU A 541 -17.31 35.88 -17.38
C LEU A 541 -17.11 37.16 -18.21
N GLU A 542 -17.53 38.32 -17.67
CA GLU A 542 -17.34 39.60 -18.32
C GLU A 542 -15.85 39.93 -18.48
N MET A 543 -15.02 39.52 -17.50
CA MET A 543 -13.59 39.78 -17.51
C MET A 543 -12.78 38.82 -18.39
N ASP A 544 -12.85 37.50 -18.14
CA ASP A 544 -12.02 36.52 -18.85
C ASP A 544 -12.75 35.66 -19.90
N GLY A 545 -14.04 35.92 -20.09
CA GLY A 545 -14.84 35.22 -21.08
C GLY A 545 -15.33 33.84 -20.71
N ASP A 546 -16.43 33.42 -21.38
CA ASP A 546 -17.04 32.09 -21.28
C ASP A 546 -16.27 31.21 -22.27
N GLN A 547 -14.95 31.18 -22.07
CA GLN A 547 -14.08 30.49 -23.00
C GLN A 547 -13.24 29.52 -22.26
N ASP A 548 -12.48 29.93 -21.23
CA ASP A 548 -11.68 28.95 -20.45
C ASP A 548 -12.17 28.76 -18.98
N GLN A 549 -13.39 29.26 -18.67
CA GLN A 549 -14.16 29.17 -17.44
C GLN A 549 -15.47 28.43 -17.78
N PHE A 550 -15.52 27.13 -17.44
CA PHE A 550 -16.67 26.28 -17.74
C PHE A 550 -17.77 26.47 -16.67
N PRO A 551 -19.06 26.27 -17.02
CA PRO A 551 -20.10 26.40 -15.99
C PRO A 551 -20.10 25.19 -15.07
N ASP A 552 -20.32 25.40 -13.76
CA ASP A 552 -20.36 24.26 -12.82
C ASP A 552 -21.27 23.09 -13.33
N ALA A 553 -20.88 21.85 -13.09
CA ALA A 553 -21.70 20.71 -13.47
C ALA A 553 -23.06 20.78 -12.72
N ASN A 554 -24.18 20.37 -13.36
CA ASN A 554 -25.51 20.40 -12.75
C ASN A 554 -26.42 19.29 -13.31
N LEU A 555 -25.84 18.12 -13.57
CA LEU A 555 -26.47 16.93 -14.14
C LEU A 555 -27.00 17.17 -15.56
N THR A 556 -26.33 18.01 -16.32
CA THR A 556 -26.67 18.26 -17.71
C THR A 556 -25.54 17.76 -18.59
N LEU A 557 -25.89 17.50 -19.86
CA LEU A 557 -24.99 16.98 -20.88
C LEU A 557 -23.81 17.93 -21.14
N ARG A 558 -22.60 17.39 -20.96
CA ARG A 558 -21.39 18.15 -21.21
C ARG A 558 -20.41 17.33 -22.01
N PHE A 559 -19.46 18.03 -22.63
CA PHE A 559 -18.36 17.36 -23.31
C PHE A 559 -17.05 17.80 -22.67
N THR A 560 -16.08 16.94 -22.73
CA THR A 560 -14.74 17.21 -22.22
C THR A 560 -13.76 16.53 -23.17
N TYR A 561 -12.60 17.11 -23.35
CA TYR A 561 -11.58 16.54 -24.22
C TYR A 561 -10.24 16.59 -23.54
N GLY A 562 -9.36 15.68 -23.93
CA GLY A 562 -8.00 15.60 -23.43
C GLY A 562 -7.21 14.60 -24.24
N GLN A 563 -6.23 13.97 -23.60
CA GLN A 563 -5.39 12.96 -24.23
C GLN A 563 -5.22 11.74 -23.37
N VAL A 564 -4.89 10.60 -23.98
CA VAL A 564 -4.61 9.35 -23.30
C VAL A 564 -3.19 9.53 -22.71
N LYS A 565 -3.11 9.72 -21.39
CA LYS A 565 -1.84 10.05 -20.77
C LYS A 565 -1.75 9.58 -19.33
N GLY A 566 -0.61 9.01 -18.96
CA GLY A 566 -0.37 8.64 -17.58
C GLY A 566 0.10 9.84 -16.76
N TYR A 567 0.75 9.59 -15.63
CA TYR A 567 1.21 10.66 -14.74
C TYR A 567 2.11 10.08 -13.65
N SER A 568 2.86 10.96 -12.99
CA SER A 568 3.74 10.61 -11.87
C SER A 568 3.04 10.95 -10.54
N PRO A 569 2.61 9.93 -9.77
CA PRO A 569 1.90 10.20 -8.51
C PRO A 569 2.80 10.73 -7.37
N ARG A 570 4.07 10.36 -7.41
CA ARG A 570 5.03 10.73 -6.40
C ARG A 570 6.44 10.56 -6.99
N ASP A 571 7.45 11.04 -6.26
CA ASP A 571 8.85 10.99 -6.65
C ASP A 571 9.31 9.59 -7.11
N ASN A 572 9.87 9.51 -8.32
CA ASN A 572 10.43 8.28 -8.89
C ASN A 572 9.39 7.20 -9.27
N VAL A 573 8.12 7.58 -9.34
CA VAL A 573 7.07 6.62 -9.70
C VAL A 573 6.30 7.13 -10.90
N TYR A 574 6.15 6.31 -11.94
CA TYR A 574 5.35 6.69 -13.10
C TYR A 574 4.28 5.66 -13.34
N TYR A 575 3.06 6.10 -13.60
CA TYR A 575 1.96 5.21 -13.94
C TYR A 575 1.70 5.50 -15.42
N GLY A 576 1.83 4.50 -16.26
CA GLY A 576 1.53 4.67 -17.69
C GLY A 576 0.05 4.90 -17.98
N HIS A 577 -0.26 5.05 -19.26
CA HIS A 577 -1.59 5.35 -19.73
C HIS A 577 -2.48 4.14 -19.93
N GLN A 578 -1.94 2.91 -19.91
CA GLN A 578 -2.73 1.72 -20.27
C GLN A 578 -2.41 0.48 -19.41
N THR A 579 -3.46 -0.20 -18.90
CA THR A 579 -3.25 -1.46 -18.18
C THR A 579 -3.55 -2.63 -19.13
N THR A 580 -3.03 -3.81 -18.80
CA THR A 580 -3.21 -4.99 -19.63
C THR A 580 -3.79 -6.15 -18.80
N LEU A 581 -4.17 -7.26 -19.48
CA LEU A 581 -4.66 -8.46 -18.86
C LEU A 581 -3.64 -9.12 -17.93
N ASP A 582 -2.32 -8.87 -18.16
CA ASP A 582 -1.29 -9.38 -17.23
C ASP A 582 -1.47 -8.77 -15.85
N GLY A 583 -1.90 -7.51 -15.80
CA GLY A 583 -2.14 -6.82 -14.54
C GLY A 583 -3.24 -7.43 -13.72
N VAL A 584 -4.22 -8.03 -14.39
CA VAL A 584 -5.33 -8.76 -13.75
C VAL A 584 -4.73 -10.02 -13.11
N MET A 585 -3.90 -10.76 -13.89
CA MET A 585 -3.27 -12.00 -13.47
C MET A 585 -2.30 -11.80 -12.31
N GLU A 586 -1.52 -10.71 -12.30
CA GLU A 586 -0.60 -10.37 -11.21
C GLU A 586 -1.37 -10.12 -9.90
N LYS A 587 -2.59 -9.58 -10.01
CA LYS A 587 -3.45 -9.25 -8.87
C LYS A 587 -4.30 -10.41 -8.36
N GLU A 588 -4.38 -11.53 -9.09
CA GLU A 588 -5.19 -12.68 -8.68
C GLU A 588 -4.87 -13.20 -7.28
N ASP A 589 -5.91 -13.40 -6.48
CA ASP A 589 -5.87 -13.94 -5.12
C ASP A 589 -7.14 -14.75 -4.95
N PRO A 590 -7.07 -16.08 -5.10
CA PRO A 590 -8.30 -16.90 -5.00
C PRO A 590 -9.01 -16.84 -3.66
N ASP A 591 -8.29 -16.55 -2.57
CA ASP A 591 -8.92 -16.48 -1.25
C ASP A 591 -9.28 -15.06 -0.80
N ASN A 592 -9.37 -14.12 -1.75
CA ASN A 592 -9.77 -12.72 -1.53
C ASN A 592 -10.80 -12.46 -2.61
N TRP A 593 -12.10 -12.48 -2.26
CA TRP A 593 -13.24 -12.32 -3.16
C TRP A 593 -13.11 -11.19 -4.16
N GLU A 594 -12.41 -10.10 -3.79
CA GLU A 594 -12.23 -8.94 -4.64
C GLU A 594 -11.34 -9.25 -5.84
N PHE A 595 -10.29 -10.03 -5.62
CA PHE A 595 -9.31 -10.31 -6.64
C PHE A 595 -9.35 -11.71 -7.22
N VAL A 596 -10.54 -12.33 -7.26
CA VAL A 596 -10.67 -13.64 -7.90
C VAL A 596 -10.77 -13.43 -9.41
N VAL A 597 -10.17 -14.32 -10.19
CA VAL A 597 -10.19 -14.20 -11.65
C VAL A 597 -11.12 -15.24 -12.25
N ASP A 598 -12.00 -14.83 -13.18
CA ASP A 598 -12.92 -15.71 -13.85
C ASP A 598 -12.15 -16.78 -14.62
N PRO A 599 -12.49 -18.06 -14.41
CA PRO A 599 -11.74 -19.15 -15.06
C PRO A 599 -11.69 -19.08 -16.59
N LYS A 600 -12.78 -18.65 -17.22
CA LYS A 600 -12.81 -18.52 -18.68
C LYS A 600 -11.84 -17.41 -19.13
N LEU A 601 -11.77 -16.31 -18.37
CA LEU A 601 -10.87 -15.19 -18.64
C LEU A 601 -9.40 -15.58 -18.42
N LYS A 602 -9.13 -16.35 -17.37
CA LYS A 602 -7.77 -16.82 -17.10
C LYS A 602 -7.26 -17.70 -18.26
N ALA A 603 -8.14 -18.56 -18.81
CA ALA A 603 -7.85 -19.42 -19.94
C ALA A 603 -7.60 -18.62 -21.21
N VAL A 604 -8.38 -17.56 -21.46
CA VAL A 604 -8.21 -16.66 -22.61
C VAL A 604 -6.80 -16.06 -22.59
N TYR A 605 -6.37 -15.64 -21.39
CA TYR A 605 -5.04 -15.09 -21.17
C TYR A 605 -3.95 -16.15 -21.41
N GLU A 606 -4.12 -17.37 -20.89
CA GLU A 606 -3.11 -18.43 -21.04
C GLU A 606 -2.95 -18.84 -22.50
N ARG A 607 -4.07 -18.97 -23.22
CA ARG A 607 -4.04 -19.33 -24.65
C ARG A 607 -3.74 -18.14 -25.57
N LYS A 608 -3.73 -16.89 -25.04
CA LYS A 608 -3.56 -15.64 -25.80
C LYS A 608 -4.66 -15.55 -26.88
N ASP A 609 -5.90 -15.98 -26.53
CA ASP A 609 -7.03 -15.98 -27.46
C ASP A 609 -7.63 -14.59 -27.48
N PHE A 610 -6.86 -13.63 -28.02
CA PHE A 610 -7.23 -12.23 -28.02
C PHE A 610 -7.86 -11.72 -29.31
N GLY A 611 -7.85 -12.54 -30.36
CA GLY A 611 -8.42 -12.20 -31.66
C GLY A 611 -7.91 -10.87 -32.20
N ARG A 612 -8.83 -10.04 -32.68
CA ARG A 612 -8.49 -8.70 -33.18
C ARG A 612 -8.47 -7.61 -32.07
N TYR A 613 -8.70 -8.00 -30.81
CA TYR A 613 -8.80 -7.11 -29.66
C TYR A 613 -7.47 -6.78 -28.99
N ALA A 614 -6.40 -7.54 -29.29
CA ALA A 614 -5.11 -7.27 -28.67
C ALA A 614 -4.44 -6.07 -29.34
N ASP A 615 -3.52 -5.40 -28.62
CA ASP A 615 -2.78 -4.30 -29.23
C ASP A 615 -1.68 -4.84 -30.17
N ARG A 616 -1.06 -3.96 -30.98
CA ARG A 616 -0.05 -4.34 -31.95
C ARG A 616 1.04 -5.30 -31.41
N SER A 617 1.45 -5.14 -30.12
CA SER A 617 2.47 -6.03 -29.53
C SER A 617 1.94 -7.39 -29.05
N GLY A 618 0.65 -7.66 -29.25
CA GLY A 618 0.04 -8.89 -28.80
C GLY A 618 -0.40 -8.87 -27.34
N ARG A 619 -0.24 -7.71 -26.65
CA ARG A 619 -0.67 -7.57 -25.26
C ARG A 619 -2.17 -7.31 -25.23
N MET A 620 -2.89 -7.83 -24.24
CA MET A 620 -4.33 -7.61 -24.18
C MET A 620 -4.72 -6.37 -23.32
N PRO A 621 -5.20 -5.27 -23.94
CA PRO A 621 -5.53 -4.08 -23.16
C PRO A 621 -6.75 -4.25 -22.24
N VAL A 622 -6.76 -3.56 -21.08
CA VAL A 622 -7.87 -3.65 -20.14
C VAL A 622 -8.49 -2.27 -19.92
N ALA A 623 -7.68 -1.31 -19.52
CA ALA A 623 -8.14 0.03 -19.19
C ALA A 623 -7.11 1.07 -19.58
N PHE A 624 -7.54 2.31 -19.72
CA PHE A 624 -6.63 3.42 -19.98
C PHE A 624 -7.08 4.64 -19.19
N CYS A 625 -6.23 5.63 -19.10
CA CYS A 625 -6.58 6.88 -18.43
C CYS A 625 -6.35 8.06 -19.35
N ALA A 626 -7.10 9.14 -19.13
CA ALA A 626 -7.03 10.31 -19.99
C ALA A 626 -7.15 11.60 -19.19
N THR A 627 -6.65 12.70 -19.77
CA THR A 627 -6.69 14.02 -19.14
C THR A 627 -8.05 14.73 -19.29
N THR A 628 -9.11 13.98 -19.61
CA THR A 628 -10.48 14.49 -19.67
C THR A 628 -10.91 14.88 -18.23
N HIS A 629 -11.82 15.83 -18.13
CA HIS A 629 -12.29 16.35 -16.88
C HIS A 629 -13.67 15.75 -16.59
N THR A 630 -13.72 14.80 -15.68
CA THR A 630 -14.96 14.13 -15.32
C THR A 630 -15.19 14.18 -13.82
N THR A 631 -16.43 13.90 -13.41
CA THR A 631 -16.84 13.80 -12.01
C THR A 631 -18.00 12.79 -11.88
N GLY A 632 -18.52 12.56 -10.67
CA GLY A 632 -19.69 11.70 -10.46
C GLY A 632 -20.86 12.08 -11.38
N GLY A 633 -21.43 11.11 -12.04
CA GLY A 633 -22.43 11.33 -13.06
C GLY A 633 -21.88 10.91 -14.40
N ASN A 634 -20.53 10.92 -14.57
CA ASN A 634 -19.86 10.50 -15.80
C ASN A 634 -19.61 8.98 -15.88
N SER A 635 -19.98 8.21 -14.86
CA SER A 635 -19.90 6.75 -14.90
C SER A 635 -20.70 6.21 -16.09
N GLY A 636 -20.05 5.46 -16.95
CA GLY A 636 -20.65 4.87 -18.13
C GLY A 636 -20.50 5.69 -19.38
N SER A 637 -19.90 6.88 -19.29
CA SER A 637 -19.75 7.79 -20.43
C SER A 637 -18.97 7.21 -21.58
N PRO A 638 -19.43 7.47 -22.81
CA PRO A 638 -18.66 7.02 -23.98
C PRO A 638 -17.38 7.84 -24.12
N VAL A 639 -16.26 7.14 -24.38
CA VAL A 639 -15.01 7.79 -24.65
C VAL A 639 -14.79 7.65 -26.18
N MET A 640 -14.53 8.76 -26.83
CA MET A 640 -14.35 8.80 -28.28
C MET A 640 -12.94 9.14 -28.70
N ASN A 641 -12.60 8.62 -29.85
CA ASN A 641 -11.46 8.83 -30.74
C ASN A 641 -11.50 10.25 -31.31
N ALA A 642 -10.43 10.64 -32.02
CA ALA A 642 -10.41 11.83 -32.85
C ALA A 642 -11.52 11.73 -33.95
N ASN A 643 -11.92 10.51 -34.36
CA ASN A 643 -12.98 10.27 -35.34
C ASN A 643 -14.37 10.07 -34.74
N GLY A 644 -14.52 10.18 -33.43
CA GLY A 644 -15.81 9.99 -32.78
C GLY A 644 -16.21 8.54 -32.58
N GLU A 645 -15.29 7.60 -32.79
CA GLU A 645 -15.57 6.18 -32.60
C GLU A 645 -15.35 5.82 -31.14
N LEU A 646 -16.13 4.89 -30.64
CA LEU A 646 -16.04 4.44 -29.26
C LEU A 646 -14.77 3.67 -28.99
N ILE A 647 -13.93 4.21 -28.09
CA ILE A 647 -12.68 3.55 -27.66
C ILE A 647 -12.74 3.04 -26.21
N GLY A 648 -13.76 3.45 -25.45
CA GLY A 648 -13.89 3.03 -24.07
C GLY A 648 -15.10 3.60 -23.37
N LEU A 649 -15.26 3.23 -22.10
CA LEU A 649 -16.31 3.72 -21.21
C LEU A 649 -15.65 4.21 -19.96
N ASN A 650 -15.93 5.46 -19.61
CA ASN A 650 -15.41 6.01 -18.36
C ASN A 650 -16.08 5.27 -17.17
N PHE A 651 -15.33 4.99 -16.08
CA PHE A 651 -15.95 4.29 -14.94
C PHE A 651 -15.48 4.79 -13.58
N ASP A 652 -14.39 5.57 -13.55
CA ASP A 652 -13.88 6.09 -12.28
C ASP A 652 -12.90 7.24 -12.52
N ARG A 653 -12.30 7.77 -11.45
CA ARG A 653 -11.26 8.78 -11.52
C ARG A 653 -10.33 8.55 -10.33
N ASN A 654 -9.05 8.85 -10.48
CA ASN A 654 -8.07 8.60 -9.44
C ASN A 654 -8.24 9.57 -8.25
N TRP A 655 -7.91 9.13 -7.04
CA TRP A 655 -8.04 9.94 -5.84
C TRP A 655 -7.23 11.23 -5.91
N GLU A 656 -6.11 11.22 -6.63
CA GLU A 656 -5.30 12.44 -6.77
C GLU A 656 -6.04 13.53 -7.50
N GLY A 657 -7.09 13.20 -8.27
CA GLY A 657 -7.86 14.18 -9.00
C GLY A 657 -9.21 14.51 -8.42
N VAL A 658 -9.58 13.97 -7.19
CA VAL A 658 -10.91 14.31 -6.64
C VAL A 658 -11.03 15.83 -6.30
N GLY A 659 -9.91 16.50 -6.01
CA GLY A 659 -9.92 17.96 -5.81
C GLY A 659 -10.23 18.74 -7.09
N GLY A 660 -10.27 18.03 -8.24
CA GLY A 660 -10.57 18.52 -9.56
C GLY A 660 -11.98 19.08 -9.71
N ASP A 661 -12.89 18.79 -8.76
CA ASP A 661 -14.23 19.42 -8.77
C ASP A 661 -14.11 20.92 -8.41
N ILE A 662 -13.00 21.35 -7.79
CA ILE A 662 -12.76 22.73 -7.43
C ILE A 662 -11.70 23.29 -8.39
N GLN A 663 -10.62 22.55 -8.61
CA GLN A 663 -9.53 22.98 -9.46
C GLN A 663 -8.99 21.77 -10.20
N TYR A 664 -9.09 21.79 -11.52
CA TYR A 664 -8.57 20.72 -12.36
C TYR A 664 -7.06 20.57 -12.18
N LEU A 665 -6.56 19.34 -12.06
CA LEU A 665 -5.14 19.10 -11.81
C LEU A 665 -4.49 18.38 -12.97
N ALA A 666 -3.99 19.13 -13.95
CA ALA A 666 -3.42 18.58 -15.18
C ALA A 666 -2.38 17.48 -14.98
N ASP A 667 -1.50 17.62 -13.99
CA ASP A 667 -0.45 16.62 -13.76
C ASP A 667 -0.86 15.41 -12.90
N TYR A 668 -2.12 15.37 -12.40
CA TYR A 668 -2.55 14.29 -11.53
C TYR A 668 -3.90 13.71 -11.88
N GLN A 669 -4.87 14.56 -12.23
CA GLN A 669 -6.24 14.14 -12.48
C GLN A 669 -6.41 13.37 -13.76
N ARG A 670 -6.96 12.15 -13.66
CA ARG A 670 -7.23 11.31 -14.80
C ARG A 670 -8.61 10.63 -14.73
N SER A 671 -9.26 10.45 -15.90
CA SER A 671 -10.48 9.66 -16.01
C SER A 671 -10.00 8.23 -16.21
N ILE A 672 -10.60 7.28 -15.49
CA ILE A 672 -10.24 5.85 -15.53
C ILE A 672 -11.27 5.21 -16.42
N ILE A 673 -10.82 4.64 -17.55
CA ILE A 673 -11.69 4.16 -18.62
C ILE A 673 -11.47 2.69 -18.96
N VAL A 674 -12.55 1.90 -19.14
CA VAL A 674 -12.40 0.50 -19.56
C VAL A 674 -12.26 0.52 -21.08
N ASP A 675 -11.19 -0.10 -21.60
CA ASP A 675 -10.91 -0.15 -23.04
C ASP A 675 -12.03 -0.93 -23.71
N ILE A 676 -12.55 -0.41 -24.83
CA ILE A 676 -13.65 -1.08 -25.56
C ILE A 676 -13.20 -2.43 -26.14
N ARG A 677 -11.89 -2.62 -26.36
CA ARG A 677 -11.32 -3.88 -26.86
C ARG A 677 -11.46 -4.99 -25.82
N TYR A 678 -11.37 -4.64 -24.52
CA TYR A 678 -11.53 -5.55 -23.41
C TYR A 678 -13.03 -5.88 -23.23
N VAL A 679 -13.92 -4.87 -23.45
CA VAL A 679 -15.39 -5.03 -23.39
C VAL A 679 -15.80 -6.08 -24.41
N LEU A 680 -15.36 -5.93 -25.67
CA LEU A 680 -15.67 -6.83 -26.78
C LEU A 680 -15.02 -8.21 -26.59
N LEU A 681 -13.86 -8.28 -25.89
CA LEU A 681 -13.20 -9.53 -25.58
C LEU A 681 -14.04 -10.31 -24.57
N VAL A 682 -14.61 -9.63 -23.56
CA VAL A 682 -15.42 -10.29 -22.55
C VAL A 682 -16.74 -10.77 -23.15
N ILE A 683 -17.38 -9.96 -24.00
CA ILE A 683 -18.62 -10.35 -24.69
C ILE A 683 -18.38 -11.59 -25.55
N ASP A 684 -17.28 -11.59 -26.30
CA ASP A 684 -16.88 -12.64 -27.22
C ASP A 684 -16.36 -13.94 -26.56
N LYS A 685 -15.26 -13.85 -25.83
CA LYS A 685 -14.60 -15.02 -25.25
C LYS A 685 -15.09 -15.43 -23.88
N VAL A 686 -15.82 -14.56 -23.15
CA VAL A 686 -16.32 -14.93 -21.82
C VAL A 686 -17.84 -15.17 -21.83
N GLY A 687 -18.56 -14.34 -22.55
CA GLY A 687 -20.01 -14.47 -22.65
C GLY A 687 -20.48 -15.31 -23.81
N GLY A 688 -19.66 -15.40 -24.86
CA GLY A 688 -19.97 -16.12 -26.09
C GLY A 688 -21.18 -15.54 -26.79
N CYS A 689 -21.42 -14.22 -26.64
CA CYS A 689 -22.59 -13.58 -27.18
C CYS A 689 -22.35 -12.88 -28.52
N GLN A 690 -22.06 -13.67 -29.55
CA GLN A 690 -21.76 -13.21 -30.90
C GLN A 690 -22.82 -12.28 -31.51
N ARG A 691 -24.10 -12.48 -31.18
CA ARG A 691 -25.16 -11.64 -31.74
C ARG A 691 -24.98 -10.15 -31.38
N LEU A 692 -24.38 -9.86 -30.20
CA LEU A 692 -24.12 -8.50 -29.76
C LEU A 692 -22.99 -7.89 -30.56
N LEU A 693 -21.95 -8.69 -30.88
CA LEU A 693 -20.85 -8.24 -31.72
C LEU A 693 -21.35 -7.96 -33.12
N ASP A 694 -22.20 -8.87 -33.66
CA ASP A 694 -22.75 -8.78 -35.01
C ASP A 694 -23.65 -7.56 -35.25
N GLU A 695 -24.40 -7.10 -34.23
CA GLU A 695 -25.26 -5.92 -34.41
C GLU A 695 -24.53 -4.56 -34.23
N MET A 696 -23.31 -4.58 -33.70
CA MET A 696 -22.51 -3.36 -33.57
C MET A 696 -21.80 -3.07 -34.91
N ASN A 697 -21.50 -1.79 -35.19
CA ASN A 697 -20.74 -1.44 -36.37
C ASN A 697 -19.27 -1.31 -35.96
N ILE A 698 -18.51 -2.39 -36.13
CA ILE A 698 -17.10 -2.44 -35.75
C ILE A 698 -16.17 -2.02 -36.89
N VAL A 699 -15.38 -0.95 -36.66
CA VAL A 699 -14.48 -0.45 -37.70
C VAL A 699 -13.07 -1.00 -37.49
N PRO A 700 -12.37 -1.36 -38.60
CA PRO A 700 -10.99 -1.89 -38.48
C PRO A 700 -10.00 -1.01 -37.72
N GLU B 3 24.47 -10.62 -12.90
CA GLU B 3 24.05 -11.91 -12.38
C GLU B 3 25.02 -12.56 -11.36
N GLY B 4 26.23 -12.04 -11.13
CA GLY B 4 27.14 -12.72 -10.17
C GLY B 4 27.84 -11.97 -9.06
N MET B 5 28.36 -12.72 -8.08
CA MET B 5 29.18 -12.23 -6.96
C MET B 5 30.49 -12.93 -7.18
N TRP B 6 31.35 -12.28 -7.95
CA TRP B 6 32.57 -12.87 -8.47
C TRP B 6 33.78 -12.79 -7.56
N LEU B 7 34.58 -13.85 -7.58
CA LEU B 7 35.85 -13.88 -6.88
C LEU B 7 36.78 -12.83 -7.49
N MET B 8 37.71 -12.26 -6.71
CA MET B 8 38.66 -11.30 -7.24
C MET B 8 39.50 -11.92 -8.37
N GLN B 9 39.84 -13.22 -8.26
CA GLN B 9 40.57 -14.05 -9.24
C GLN B 9 39.84 -14.09 -10.59
N GLN B 10 38.50 -13.95 -10.58
CA GLN B 10 37.71 -13.98 -11.79
C GLN B 10 37.65 -12.61 -12.50
N LEU B 11 38.31 -11.55 -11.96
CA LEU B 11 38.32 -10.23 -12.62
C LEU B 11 38.95 -10.30 -14.02
N GLY B 12 40.06 -11.03 -14.18
CA GLY B 12 40.71 -11.21 -15.48
C GLY B 12 39.76 -11.75 -16.55
N ARG B 13 39.03 -12.82 -16.19
CA ARG B 13 38.04 -13.48 -17.03
C ARG B 13 36.81 -12.62 -17.33
N LYS B 14 36.52 -11.62 -16.49
CA LYS B 14 35.33 -10.78 -16.63
C LYS B 14 35.60 -9.39 -17.20
N TYR B 15 36.85 -8.94 -17.15
CA TYR B 15 37.31 -7.62 -17.56
C TYR B 15 36.79 -7.18 -18.92
N ALA B 16 36.91 -8.02 -19.95
CA ALA B 16 36.44 -7.67 -21.29
C ALA B 16 34.94 -7.37 -21.32
N GLN B 17 34.12 -8.16 -20.60
CA GLN B 17 32.68 -7.90 -20.53
C GLN B 17 32.39 -6.60 -19.78
N MET B 18 33.12 -6.36 -18.68
CA MET B 18 32.95 -5.15 -17.88
C MET B 18 33.29 -3.91 -18.70
N LYS B 19 34.36 -4.00 -19.51
CA LYS B 19 34.78 -2.92 -20.39
C LYS B 19 33.69 -2.65 -21.44
N GLU B 20 33.13 -3.71 -22.05
CA GLU B 20 32.04 -3.56 -23.01
C GLU B 20 30.79 -2.93 -22.35
N ARG B 21 30.60 -3.12 -21.02
CA ARG B 21 29.49 -2.53 -20.28
C ARG B 21 29.76 -1.10 -19.77
N GLY B 22 30.97 -0.59 -19.97
CA GLY B 22 31.29 0.77 -19.56
C GLY B 22 32.48 0.98 -18.67
N LEU B 23 33.08 -0.09 -18.09
CA LEU B 23 34.23 0.07 -17.22
C LEU B 23 35.41 0.76 -17.94
N LYS B 24 35.94 1.84 -17.36
CA LYS B 24 37.04 2.58 -17.98
C LYS B 24 38.38 2.40 -17.27
N MET B 25 38.38 1.95 -16.00
CA MET B 25 39.65 1.86 -15.28
C MET B 25 40.47 0.59 -15.71
N LYS B 26 41.81 0.64 -15.50
CA LYS B 26 42.68 -0.49 -15.83
C LYS B 26 42.38 -1.63 -14.83
N GLU B 27 42.46 -2.89 -15.30
CA GLU B 27 42.16 -4.08 -14.50
C GLU B 27 42.90 -4.10 -13.17
N TYR B 28 44.23 -3.90 -13.19
CA TYR B 28 45.05 -3.93 -11.99
C TYR B 28 44.89 -2.73 -11.08
N ASP B 29 44.26 -1.65 -11.55
CA ASP B 29 43.93 -0.50 -10.67
C ASP B 29 42.73 -0.86 -9.77
N LEU B 30 41.89 -1.81 -10.21
CA LEU B 30 40.73 -2.27 -9.47
C LEU B 30 41.14 -3.45 -8.56
N TYR B 31 41.79 -4.47 -9.13
CA TYR B 31 42.31 -5.59 -8.36
C TYR B 31 43.66 -6.05 -8.92
N ASN B 32 44.68 -5.92 -8.09
CA ASN B 32 46.02 -6.35 -8.42
C ASN B 32 46.38 -7.43 -7.42
N PRO B 33 46.69 -8.65 -7.89
CA PRO B 33 47.07 -9.72 -6.96
C PRO B 33 48.46 -9.56 -6.32
N ASN B 34 49.31 -8.66 -6.84
CA ASN B 34 50.67 -8.40 -6.35
C ASN B 34 51.04 -6.90 -6.50
N GLY B 35 50.18 -6.05 -5.93
CA GLY B 35 50.32 -4.60 -5.94
C GLY B 35 49.10 -3.92 -5.33
N THR B 36 49.19 -2.59 -5.09
CA THR B 36 48.09 -1.83 -4.51
C THR B 36 47.01 -1.59 -5.56
N SER B 37 45.75 -1.77 -5.16
CA SER B 37 44.59 -1.57 -6.02
C SER B 37 43.42 -1.06 -5.19
N LEU B 38 42.31 -0.65 -5.85
CA LEU B 38 41.10 -0.17 -5.16
C LEU B 38 40.60 -1.15 -4.11
N LYS B 39 40.81 -2.46 -4.33
CA LYS B 39 40.45 -3.54 -3.41
C LYS B 39 40.97 -3.24 -1.97
N ASP B 40 42.13 -2.55 -1.89
CA ASP B 40 42.76 -2.21 -0.62
C ASP B 40 42.03 -1.13 0.17
N ALA B 41 41.04 -0.46 -0.42
CA ALA B 41 40.25 0.54 0.29
C ALA B 41 38.90 -0.05 0.79
N VAL B 42 38.67 -1.38 0.63
CA VAL B 42 37.42 -2.03 1.05
C VAL B 42 37.67 -2.79 2.35
N VAL B 43 36.73 -2.70 3.31
CA VAL B 43 36.89 -3.41 4.58
C VAL B 43 35.65 -4.21 4.96
N LEU B 44 35.84 -5.24 5.77
CA LEU B 44 34.75 -5.95 6.40
C LEU B 44 34.60 -5.13 7.70
N PHE B 45 33.47 -4.49 7.89
CA PHE B 45 33.19 -3.62 9.02
C PHE B 45 32.40 -4.38 10.06
N ASP B 46 32.98 -4.51 11.27
CA ASP B 46 32.35 -5.17 12.42
C ASP B 46 31.80 -6.57 12.13
N GLY B 47 32.57 -7.35 11.37
CA GLY B 47 32.25 -8.74 11.06
C GLY B 47 31.03 -9.09 10.20
N GLY B 48 30.20 -8.12 9.80
CA GLY B 48 29.03 -8.43 8.99
C GLY B 48 28.57 -7.34 8.03
N CYS B 49 29.30 -6.26 7.96
CA CYS B 49 28.97 -5.15 7.06
C CYS B 49 30.23 -4.91 6.18
N THR B 50 30.08 -4.09 5.16
CA THR B 50 31.18 -3.66 4.33
C THR B 50 31.39 -2.16 4.63
N GLY B 51 32.61 -1.70 4.49
CA GLY B 51 32.97 -0.30 4.62
C GLY B 51 34.00 0.09 3.57
N GLU B 52 34.38 1.36 3.57
CA GLU B 52 35.37 1.84 2.62
C GLU B 52 36.13 3.01 3.16
N VAL B 53 37.45 3.01 2.91
CA VAL B 53 38.36 4.09 3.29
C VAL B 53 38.21 5.20 2.25
N VAL B 54 37.91 6.44 2.72
CA VAL B 54 37.66 7.60 1.87
C VAL B 54 38.63 8.77 2.07
N SER B 55 39.72 8.57 2.83
CA SER B 55 40.72 9.62 3.02
C SER B 55 42.09 9.05 3.38
N ASP B 56 43.16 9.86 3.18
CA ASP B 56 44.55 9.50 3.53
C ASP B 56 44.78 9.45 5.06
N ARG B 57 43.74 9.75 5.88
CA ARG B 57 43.79 9.70 7.32
C ARG B 57 42.83 8.64 7.91
N GLY B 58 42.50 7.61 7.13
CA GLY B 58 41.71 6.47 7.59
C GLY B 58 40.22 6.65 7.84
N LEU B 59 39.59 7.67 7.23
CA LEU B 59 38.16 7.89 7.38
C LEU B 59 37.43 6.76 6.67
N VAL B 60 36.38 6.21 7.31
CA VAL B 60 35.64 5.09 6.78
C VAL B 60 34.17 5.41 6.69
N LEU B 61 33.54 5.07 5.56
CA LEU B 61 32.11 5.23 5.41
C LEU B 61 31.48 3.84 5.39
N THR B 62 30.38 3.72 6.06
CA THR B 62 29.55 2.51 6.10
C THR B 62 28.09 2.98 6.29
N ASN B 63 27.15 2.06 6.46
CA ASN B 63 25.76 2.42 6.68
C ASN B 63 25.53 2.89 8.10
N HIS B 64 24.41 3.59 8.31
CA HIS B 64 23.97 4.05 9.62
C HIS B 64 23.53 2.80 10.40
N HIS B 65 22.83 1.84 9.74
CA HIS B 65 22.42 0.63 10.41
C HIS B 65 23.60 -0.29 10.72
N CYS B 66 24.79 -0.04 10.14
CA CYS B 66 26.03 -0.79 10.41
C CYS B 66 26.74 -0.21 11.63
N GLY B 67 26.71 1.12 11.76
CA GLY B 67 27.30 1.80 12.90
C GLY B 67 26.32 2.10 14.01
N TYR B 68 25.05 1.63 13.88
CA TYR B 68 23.96 1.83 14.82
C TYR B 68 24.30 1.49 16.29
N ASP B 69 24.82 0.28 16.57
CA ASP B 69 25.19 -0.12 17.93
C ASP B 69 26.23 0.80 18.54
N MET B 70 27.21 1.27 17.77
CA MET B 70 28.24 2.18 18.27
C MET B 70 27.67 3.55 18.56
N ILE B 71 26.69 4.02 17.73
CA ILE B 71 26.05 5.31 17.97
C ILE B 71 25.17 5.24 19.24
N GLN B 72 24.48 4.10 19.43
CA GLN B 72 23.62 3.84 20.57
C GLN B 72 24.44 3.72 21.87
N ALA B 73 25.58 3.00 21.84
CA ALA B 73 26.44 2.82 23.00
C ALA B 73 27.05 4.14 23.50
N HIS B 74 27.22 5.13 22.61
CA HIS B 74 27.73 6.44 23.00
C HIS B 74 26.64 7.47 23.28
N SER B 75 25.35 7.08 23.13
CA SER B 75 24.21 7.96 23.36
C SER B 75 23.76 7.87 24.81
N THR B 76 23.45 9.03 25.39
CA THR B 76 22.97 9.18 26.77
C THR B 76 21.70 10.09 26.77
N LEU B 77 21.05 10.29 27.94
CA LEU B 77 19.91 11.20 28.00
C LEU B 77 20.37 12.64 27.73
N GLU B 78 21.61 13.00 28.12
CA GLU B 78 22.16 14.32 27.89
C GLU B 78 22.58 14.52 26.41
N HIS B 79 23.34 13.56 25.85
CA HIS B 79 23.75 13.65 24.43
C HIS B 79 23.23 12.45 23.67
N ASN B 80 22.01 12.56 23.13
CA ASN B 80 21.40 11.47 22.39
C ASN B 80 21.82 11.49 20.92
N TYR B 81 22.99 10.90 20.61
CA TYR B 81 23.54 10.84 19.25
C TYR B 81 22.69 10.02 18.29
N LEU B 82 21.91 9.08 18.80
CA LEU B 82 21.04 8.26 17.97
C LEU B 82 19.94 9.11 17.33
N GLU B 83 19.24 9.95 18.14
CA GLU B 83 18.18 10.79 17.60
C GLU B 83 18.68 12.11 16.99
N ASN B 84 19.77 12.70 17.51
CA ASN B 84 20.25 13.99 17.02
C ASN B 84 21.45 13.94 16.10
N GLY B 85 22.04 12.78 15.92
CA GLY B 85 23.27 12.66 15.15
C GLY B 85 24.48 13.00 15.99
N PHE B 86 25.67 12.89 15.41
CA PHE B 86 26.93 13.14 16.10
C PHE B 86 27.94 13.64 15.09
N TRP B 87 28.69 14.67 15.42
CA TRP B 87 29.69 15.22 14.51
C TRP B 87 30.89 15.70 15.30
N ALA B 88 31.96 14.88 15.37
CA ALA B 88 33.17 15.26 16.09
C ALA B 88 33.84 16.40 15.33
N MET B 89 34.00 17.58 15.99
CA MET B 89 34.59 18.72 15.29
C MET B 89 36.14 18.71 15.25
N ARG B 90 36.76 17.72 15.87
CA ARG B 90 38.20 17.52 15.88
C ARG B 90 38.48 16.03 16.03
N GLU B 91 39.61 15.54 15.49
CA GLU B 91 40.00 14.14 15.60
C GLU B 91 40.02 13.62 17.02
N ALA B 92 40.47 14.45 17.98
CA ALA B 92 40.54 14.05 19.38
C ALA B 92 39.15 13.83 20.00
N ASP B 93 38.09 14.41 19.40
CA ASP B 93 36.70 14.25 19.85
C ASP B 93 36.03 12.97 19.33
N GLU B 94 36.64 12.25 18.39
CA GLU B 94 36.11 11.01 17.87
C GLU B 94 36.09 9.96 18.98
N LEU B 95 34.97 9.22 19.10
CA LEU B 95 34.74 8.27 20.18
C LEU B 95 35.20 6.86 19.91
N PRO B 96 36.01 6.28 20.83
CA PRO B 96 36.44 4.89 20.63
C PRO B 96 35.30 3.92 20.83
N ASN B 97 35.41 2.73 20.23
CA ASN B 97 34.36 1.73 20.37
C ASN B 97 34.96 0.42 20.85
N LYS B 98 34.38 -0.20 21.88
CA LYS B 98 34.88 -1.49 22.36
C LYS B 98 34.25 -2.58 21.49
N ASP B 99 35.02 -3.62 21.16
CA ASP B 99 34.56 -4.77 20.36
C ASP B 99 34.30 -4.45 18.89
N ILE B 100 34.98 -3.47 18.33
CA ILE B 100 34.84 -3.13 16.92
C ILE B 100 36.05 -3.62 16.12
N SER B 101 35.86 -3.90 14.82
CA SER B 101 36.97 -4.27 13.96
C SER B 101 36.75 -3.89 12.52
N VAL B 102 37.83 -3.72 11.78
CA VAL B 102 37.82 -3.50 10.36
C VAL B 102 38.85 -4.46 9.77
N VAL B 103 38.44 -5.23 8.77
CA VAL B 103 39.33 -6.20 8.17
C VAL B 103 39.67 -5.86 6.73
N PHE B 104 40.96 -5.69 6.43
CA PHE B 104 41.43 -5.47 5.07
C PHE B 104 41.83 -6.83 4.47
N ILE B 105 41.55 -7.03 3.19
CA ILE B 105 41.96 -8.27 2.53
C ILE B 105 43.28 -7.98 1.82
N ASP B 106 44.38 -8.17 2.53
CA ASP B 106 45.74 -7.87 2.05
C ASP B 106 46.19 -8.70 0.84
N LYS B 107 45.97 -10.01 0.88
CA LYS B 107 46.29 -10.91 -0.23
C LYS B 107 45.23 -12.01 -0.35
N ILE B 108 45.04 -12.53 -1.56
CA ILE B 108 44.14 -13.64 -1.82
C ILE B 108 44.91 -14.60 -2.74
N GLU B 109 44.92 -15.90 -2.44
CA GLU B 109 45.63 -16.91 -3.24
C GLU B 109 44.78 -18.15 -3.49
N ASP B 110 44.88 -18.71 -4.69
CA ASP B 110 44.23 -19.98 -4.99
C ASP B 110 45.13 -21.10 -4.40
N VAL B 111 44.59 -21.87 -3.45
CA VAL B 111 45.30 -22.98 -2.82
C VAL B 111 44.59 -24.33 -3.06
N THR B 112 43.80 -24.43 -4.14
CA THR B 112 43.03 -25.62 -4.48
C THR B 112 43.86 -26.90 -4.58
N ASP B 113 44.95 -26.89 -5.38
CA ASP B 113 45.79 -28.09 -5.55
C ASP B 113 46.40 -28.52 -4.23
N TYR B 114 46.83 -27.54 -3.41
CA TYR B 114 47.38 -27.76 -2.07
C TYR B 114 46.34 -28.45 -1.15
N VAL B 115 45.13 -27.86 -1.04
CA VAL B 115 44.09 -28.43 -0.19
C VAL B 115 43.63 -29.81 -0.69
N LYS B 116 43.44 -29.94 -2.01
CA LYS B 116 43.03 -31.21 -2.61
C LYS B 116 44.09 -32.28 -2.45
N LYS B 117 45.38 -31.91 -2.40
CA LYS B 117 46.43 -32.90 -2.16
C LYS B 117 46.42 -33.28 -0.68
N GLU B 118 46.27 -32.31 0.24
CA GLU B 118 46.22 -32.60 1.67
C GLU B 118 45.05 -33.51 2.00
N LEU B 119 43.89 -33.29 1.35
CA LEU B 119 42.66 -34.07 1.53
C LEU B 119 42.80 -35.51 1.10
N LYS B 120 43.67 -35.79 0.09
CA LYS B 120 43.95 -37.16 -0.39
C LYS B 120 44.43 -38.10 0.73
N ALA B 121 44.97 -37.54 1.84
CA ALA B 121 45.38 -38.34 3.00
C ALA B 121 44.15 -38.82 3.83
N ILE B 122 42.98 -38.92 3.15
CA ILE B 122 41.61 -39.29 3.52
C ILE B 122 41.52 -40.38 4.64
N LYS B 123 41.26 -41.68 4.34
CA LYS B 123 40.93 -42.81 5.23
C LYS B 123 39.38 -42.92 5.39
N ASP B 124 38.63 -41.89 4.95
CA ASP B 124 37.17 -41.88 4.99
C ASP B 124 36.61 -41.04 3.85
N PRO B 125 35.97 -41.69 2.85
CA PRO B 125 35.41 -40.93 1.72
C PRO B 125 34.29 -39.95 2.10
N ASN B 126 33.58 -40.21 3.20
CA ASN B 126 32.50 -39.36 3.64
C ASN B 126 32.93 -38.29 4.68
N SER B 127 34.24 -38.11 4.89
CA SER B 127 34.75 -37.09 5.81
C SER B 127 34.33 -35.65 5.40
N MET B 128 33.92 -34.86 6.37
CA MET B 128 33.51 -33.47 6.13
C MET B 128 34.63 -32.45 6.41
N ASP B 129 35.89 -32.94 6.58
CA ASP B 129 37.06 -32.10 6.83
C ASP B 129 37.27 -31.08 5.71
N TYR B 130 36.90 -31.42 4.48
CA TYR B 130 37.04 -30.52 3.34
C TYR B 130 36.25 -29.20 3.50
N LEU B 131 35.27 -29.15 4.42
CA LEU B 131 34.50 -27.95 4.73
C LEU B 131 34.70 -27.49 6.19
N SER B 132 35.60 -28.14 6.94
CA SER B 132 35.84 -27.85 8.34
C SER B 132 36.72 -26.65 8.55
N PRO B 133 36.22 -25.63 9.25
CA PRO B 133 37.07 -24.46 9.56
C PRO B 133 38.31 -24.84 10.36
N LYS B 134 38.18 -25.82 11.27
CA LYS B 134 39.29 -26.30 12.07
C LYS B 134 40.35 -26.97 11.18
N TYR B 135 39.94 -27.90 10.32
CA TYR B 135 40.86 -28.56 9.41
C TYR B 135 41.54 -27.56 8.47
N LEU B 136 40.74 -26.71 7.79
CA LEU B 136 41.25 -25.71 6.85
C LEU B 136 42.19 -24.71 7.54
N GLN B 137 41.95 -24.39 8.83
CA GLN B 137 42.84 -23.51 9.58
C GLN B 137 44.18 -24.18 9.84
N LYS B 138 44.18 -25.49 10.09
CA LYS B 138 45.42 -26.24 10.26
C LYS B 138 46.25 -26.19 8.95
N LEU B 139 45.56 -26.21 7.78
CA LEU B 139 46.23 -26.14 6.48
C LEU B 139 46.74 -24.74 6.20
N ALA B 140 45.95 -23.72 6.60
CA ALA B 140 46.29 -22.32 6.42
C ALA B 140 47.55 -22.00 7.24
N ASP B 141 47.60 -22.44 8.50
CA ASP B 141 48.76 -22.24 9.38
C ASP B 141 49.99 -22.97 8.82
N LYS B 142 49.80 -24.21 8.30
CA LYS B 142 50.91 -24.98 7.73
C LYS B 142 51.53 -24.24 6.55
N LYS B 143 50.69 -23.68 5.68
CA LYS B 143 51.18 -22.95 4.52
C LYS B 143 51.82 -21.59 4.89
N ALA B 144 51.21 -20.83 5.81
CA ALA B 144 51.74 -19.53 6.23
C ALA B 144 53.05 -19.65 7.01
N GLY B 145 53.16 -20.69 7.81
CA GLY B 145 54.33 -20.91 8.64
C GLY B 145 53.98 -21.04 10.12
N LYS B 146 54.91 -21.61 10.92
CA LYS B 146 54.72 -21.81 12.35
C LYS B 146 54.30 -20.53 13.08
N ASN B 147 55.18 -19.51 13.14
CA ASN B 147 54.83 -18.25 13.80
C ASN B 147 54.63 -17.08 12.80
N PHE B 148 53.68 -17.23 11.85
CA PHE B 148 53.38 -16.20 10.83
C PHE B 148 52.86 -14.87 11.44
N SER B 149 51.85 -14.95 12.33
CA SER B 149 51.28 -13.74 12.92
C SER B 149 52.26 -12.97 13.81
N ALA B 150 53.27 -13.65 14.36
CA ALA B 150 54.29 -12.99 15.15
C ALA B 150 55.29 -12.30 14.20
N LYS B 151 55.67 -12.95 13.09
CA LYS B 151 56.58 -12.38 12.09
C LYS B 151 55.95 -11.25 11.25
N ASN B 152 54.61 -11.23 11.17
CA ASN B 152 53.83 -10.26 10.42
C ASN B 152 52.65 -9.77 11.32
N PRO B 153 52.89 -8.88 12.31
CA PRO B 153 51.82 -8.53 13.26
C PRO B 153 50.63 -7.76 12.65
N GLY B 154 49.45 -8.03 13.20
CA GLY B 154 48.19 -7.48 12.68
C GLY B 154 47.59 -8.35 11.57
N LEU B 155 48.41 -9.26 10.98
CA LEU B 155 48.01 -10.16 9.92
C LEU B 155 47.54 -11.52 10.43
N SER B 156 46.68 -12.18 9.65
CA SER B 156 46.17 -13.53 9.91
C SER B 156 45.79 -14.21 8.59
N VAL B 157 45.81 -15.54 8.55
CA VAL B 157 45.46 -16.26 7.34
C VAL B 157 44.18 -17.08 7.51
N GLU B 158 43.51 -17.38 6.39
CA GLU B 158 42.31 -18.18 6.43
C GLU B 158 42.05 -18.86 5.11
N ILE B 159 41.69 -20.15 5.11
CA ILE B 159 41.33 -20.85 3.90
C ILE B 159 39.84 -21.11 3.92
N LYS B 160 39.17 -20.87 2.80
CA LYS B 160 37.75 -21.11 2.67
C LYS B 160 37.46 -21.98 1.44
N ALA B 161 36.46 -22.85 1.53
CA ALA B 161 36.00 -23.64 0.40
C ALA B 161 35.03 -22.81 -0.44
N PHE B 162 35.01 -23.04 -1.76
CA PHE B 162 34.14 -22.38 -2.73
C PHE B 162 33.63 -23.42 -3.70
N TYR B 163 32.49 -23.16 -4.37
CA TYR B 163 31.91 -24.10 -5.35
C TYR B 163 31.68 -25.49 -4.75
N GLY B 164 31.18 -25.53 -3.51
CA GLY B 164 30.94 -26.77 -2.79
C GLY B 164 32.15 -27.64 -2.48
N GLY B 165 33.33 -27.04 -2.36
CA GLY B 165 34.55 -27.78 -2.09
C GLY B 165 35.38 -28.07 -3.33
N ASN B 166 35.12 -27.36 -4.45
CA ASN B 166 35.88 -27.57 -5.68
C ASN B 166 36.98 -26.53 -5.90
N LEU B 167 36.98 -25.45 -5.11
CA LEU B 167 37.96 -24.40 -5.19
C LEU B 167 38.27 -23.91 -3.77
N TYR B 168 39.55 -23.63 -3.45
CA TYR B 168 39.94 -23.12 -2.14
C TYR B 168 40.77 -21.88 -2.30
N LEU B 169 40.51 -20.86 -1.47
CA LEU B 169 41.28 -19.62 -1.48
C LEU B 169 41.82 -19.35 -0.09
N MET B 170 43.07 -18.85 -0.01
CA MET B 170 43.66 -18.42 1.25
C MET B 170 43.66 -16.89 1.26
N PHE B 171 43.22 -16.31 2.36
CA PHE B 171 43.15 -14.87 2.52
C PHE B 171 44.13 -14.47 3.59
N THR B 172 44.89 -13.42 3.33
CA THR B 172 45.77 -12.84 4.32
C THR B 172 45.05 -11.56 4.70
N LYS B 173 44.59 -11.49 5.95
CA LYS B 173 43.80 -10.38 6.45
C LYS B 173 44.58 -9.49 7.40
N LYS B 174 44.31 -8.19 7.37
CA LYS B 174 44.91 -7.23 8.30
C LYS B 174 43.74 -6.67 9.12
N THR B 175 43.77 -6.85 10.44
CA THR B 175 42.66 -6.43 11.30
C THR B 175 43.02 -5.28 12.22
N TYR B 176 42.20 -4.21 12.21
CA TYR B 176 42.36 -3.02 13.06
C TYR B 176 41.20 -2.99 14.04
N THR B 177 41.49 -2.81 15.34
CA THR B 177 40.43 -2.84 16.36
C THR B 177 40.19 -1.51 17.04
N ASP B 178 40.95 -0.45 16.69
CA ASP B 178 40.70 0.87 17.22
C ASP B 178 40.00 1.63 16.08
N VAL B 179 38.67 1.54 16.01
CA VAL B 179 37.89 2.18 14.95
C VAL B 179 36.91 3.11 15.65
N ARG B 180 37.11 4.41 15.49
CA ARG B 180 36.37 5.43 16.22
C ARG B 180 35.21 6.10 15.48
N LEU B 181 34.11 6.38 16.19
CA LEU B 181 32.94 7.03 15.64
C LEU B 181 33.27 8.49 15.37
N VAL B 182 33.04 8.94 14.13
CA VAL B 182 33.40 10.28 13.68
C VAL B 182 32.15 11.13 13.43
N GLY B 183 31.17 10.53 12.76
CA GLY B 183 29.96 11.25 12.41
C GLY B 183 28.80 10.35 12.08
N ALA B 184 27.60 10.85 12.28
CA ALA B 184 26.38 10.10 11.98
C ALA B 184 25.26 11.10 11.85
N PRO B 185 24.39 10.92 10.84
CA PRO B 185 23.21 11.76 10.75
C PRO B 185 22.21 11.39 11.86
N PRO B 186 21.18 12.23 12.10
CA PRO B 186 20.14 11.83 13.07
C PRO B 186 19.41 10.59 12.57
N SER B 187 18.77 9.83 13.47
CA SER B 187 18.02 8.65 13.06
C SER B 187 16.91 8.97 12.05
N SER B 188 16.39 10.22 12.05
CA SER B 188 15.36 10.63 11.09
C SER B 188 15.91 10.60 9.63
N ILE B 189 17.23 10.78 9.44
CA ILE B 189 17.83 10.68 8.10
C ILE B 189 18.38 9.25 7.86
N GLY B 190 19.21 8.77 8.79
CA GLY B 190 19.86 7.46 8.73
C GLY B 190 18.94 6.27 8.65
N LYS B 191 17.72 6.46 9.13
CA LYS B 191 16.73 5.41 9.15
C LYS B 191 15.36 6.02 8.78
N PHE B 192 15.29 6.92 7.79
CA PHE B 192 14.04 7.60 7.39
C PHE B 192 12.85 6.68 7.16
N GLY B 193 13.01 5.67 6.32
CA GLY B 193 11.90 4.74 6.09
C GLY B 193 11.51 4.01 7.37
N ALA B 194 12.53 3.73 8.20
CA ALA B 194 12.52 2.98 9.45
C ALA B 194 12.08 1.54 9.03
N ASP B 195 11.03 0.90 9.59
CA ASP B 195 10.65 -0.43 9.20
C ASP B 195 9.64 -0.46 8.07
N THR B 196 8.87 0.63 7.84
CA THR B 196 7.88 0.68 6.74
C THR B 196 8.55 0.61 5.36
N ASP B 197 9.72 1.25 5.19
CA ASP B 197 10.40 1.22 3.89
C ASP B 197 11.47 0.12 3.80
N ASN B 198 11.62 -0.78 4.80
CA ASN B 198 12.62 -1.86 4.70
C ASN B 198 12.30 -2.75 3.48
N TRP B 199 13.32 -3.07 2.67
CA TRP B 199 13.19 -3.83 1.40
C TRP B 199 12.41 -3.05 0.35
N ILE B 200 12.27 -1.71 0.49
CA ILE B 200 11.43 -0.95 -0.46
C ILE B 200 12.21 -0.03 -1.37
N TRP B 201 11.86 -0.08 -2.63
CA TRP B 201 12.31 0.89 -3.62
C TRP B 201 10.99 1.42 -4.22
N PRO B 202 10.80 2.75 -4.42
CA PRO B 202 11.69 3.89 -4.13
C PRO B 202 12.08 4.02 -2.65
N ARG B 203 13.28 4.52 -2.36
CA ARG B 203 13.73 4.68 -0.98
C ARG B 203 14.35 6.04 -0.80
N HIS B 204 14.16 6.64 0.38
CA HIS B 204 14.61 8.00 0.66
C HIS B 204 15.44 8.14 1.94
N THR B 205 16.14 7.05 2.30
CA THR B 205 16.92 6.96 3.53
C THR B 205 18.41 7.32 3.32
N GLY B 206 18.94 8.21 4.17
CA GLY B 206 20.35 8.61 4.13
C GLY B 206 21.17 7.71 5.03
N ASP B 207 21.18 6.41 4.70
CA ASP B 207 21.81 5.33 5.45
C ASP B 207 23.32 5.32 5.38
N PHE B 208 23.95 6.22 6.16
CA PHE B 208 25.39 6.32 6.29
C PHE B 208 25.82 6.69 7.73
N SER B 209 27.06 6.36 8.07
CA SER B 209 27.76 6.70 9.30
C SER B 209 29.26 6.74 8.97
N ILE B 210 30.00 7.48 9.79
CA ILE B 210 31.42 7.75 9.55
C ILE B 210 32.26 7.31 10.73
N PHE B 211 33.32 6.57 10.43
CA PHE B 211 34.25 6.06 11.42
C PHE B 211 35.67 6.44 10.99
N ARG B 212 36.66 6.09 11.82
CA ARG B 212 38.05 6.31 11.47
C ARG B 212 38.90 5.21 12.05
N ILE B 213 39.77 4.64 11.22
CA ILE B 213 40.69 3.61 11.66
C ILE B 213 41.90 4.28 12.31
N TYR B 214 42.24 3.83 13.52
CA TYR B 214 43.42 4.28 14.25
C TYR B 214 44.40 3.10 14.33
N ALA B 215 45.68 3.41 14.39
CA ALA B 215 46.77 2.44 14.43
C ALA B 215 47.96 3.01 15.26
N ASP B 216 49.05 2.22 15.48
CA ASP B 216 50.22 2.74 16.16
C ASP B 216 50.99 3.68 15.21
N LYS B 217 52.09 4.29 15.68
CA LYS B 217 52.94 5.22 14.91
C LYS B 217 53.37 4.68 13.54
N ASN B 218 53.45 3.36 13.37
CA ASN B 218 53.85 2.77 12.09
C ASN B 218 52.70 2.30 11.20
N GLY B 219 51.46 2.66 11.56
CA GLY B 219 50.29 2.23 10.81
C GLY B 219 49.94 0.76 10.97
N ASN B 220 50.47 0.13 12.03
CA ASN B 220 50.23 -1.28 12.33
C ASN B 220 49.06 -1.41 13.26
N PRO B 221 48.25 -2.48 13.11
CA PRO B 221 47.11 -2.68 14.00
C PRO B 221 47.47 -2.62 15.48
N ALA B 222 46.60 -1.96 16.25
CA ALA B 222 46.81 -1.84 17.70
C ALA B 222 45.45 -1.67 18.38
N PRO B 223 45.22 -2.30 19.55
CA PRO B 223 43.95 -2.07 20.26
C PRO B 223 43.85 -0.61 20.73
N TYR B 224 42.64 -0.17 21.19
CA TYR B 224 42.50 1.21 21.67
C TYR B 224 43.60 1.63 22.68
N SER B 225 44.17 2.81 22.42
CA SER B 225 45.17 3.48 23.22
C SER B 225 45.06 4.96 22.90
N GLU B 226 45.19 5.81 23.93
CA GLU B 226 45.14 7.27 23.75
C GLU B 226 46.28 7.77 22.85
N ASP B 227 47.36 6.97 22.68
CA ASP B 227 48.51 7.29 21.85
C ASP B 227 48.35 6.84 20.37
N ASN B 228 47.18 6.28 19.99
CA ASN B 228 46.97 5.84 18.62
C ASN B 228 46.73 7.01 17.69
N VAL B 229 47.28 6.87 16.49
CA VAL B 229 47.28 7.87 15.44
C VAL B 229 46.43 7.37 14.25
N PRO B 230 45.68 8.25 13.56
CA PRO B 230 44.89 7.78 12.41
C PRO B 230 45.73 7.01 11.37
N LEU B 231 45.14 5.97 10.77
CA LEU B 231 45.84 5.15 9.79
C LEU B 231 46.01 5.88 8.47
N LYS B 232 47.21 5.86 7.86
CA LYS B 232 47.39 6.40 6.51
C LYS B 232 47.32 5.14 5.64
N PRO B 233 46.19 4.93 4.96
CA PRO B 233 46.03 3.69 4.20
C PRO B 233 46.79 3.69 2.89
N LYS B 234 47.05 2.49 2.35
CA LYS B 234 47.75 2.36 1.07
C LYS B 234 46.81 2.73 -0.13
N ARG B 235 45.48 2.82 0.10
CA ARG B 235 44.51 3.17 -0.93
C ARG B 235 43.21 3.70 -0.29
N PHE B 236 42.63 4.71 -0.91
CA PHE B 236 41.33 5.24 -0.49
C PHE B 236 40.53 5.66 -1.73
N PHE B 237 39.21 5.66 -1.61
CA PHE B 237 38.36 6.03 -2.73
C PHE B 237 38.29 7.54 -2.94
N ASN B 238 38.31 7.96 -4.21
CA ASN B 238 38.04 9.37 -4.51
C ASN B 238 36.50 9.49 -4.54
N ILE B 239 35.96 10.61 -4.08
CA ILE B 239 34.52 10.83 -4.10
C ILE B 239 34.15 11.52 -5.42
N SER B 240 33.17 10.99 -6.16
CA SER B 240 32.72 11.65 -7.39
C SER B 240 31.55 12.58 -7.10
N LEU B 241 31.57 13.78 -7.68
CA LEU B 241 30.40 14.67 -7.60
C LEU B 241 29.67 14.78 -8.98
N GLY B 242 30.10 14.00 -9.97
CA GLY B 242 29.46 13.95 -11.28
C GLY B 242 28.12 13.26 -11.31
N GLY B 243 27.77 12.57 -10.22
CA GLY B 243 26.49 11.91 -10.08
C GLY B 243 26.28 10.68 -10.93
N VAL B 244 25.01 10.28 -11.07
CA VAL B 244 24.65 9.13 -11.88
C VAL B 244 23.55 9.50 -12.87
N GLN B 245 23.49 8.74 -13.96
CA GLN B 245 22.48 8.84 -14.99
C GLN B 245 21.97 7.43 -15.27
N GLU B 246 20.76 7.33 -15.80
CA GLU B 246 20.19 6.03 -16.20
C GLU B 246 21.13 5.33 -17.19
N ASN B 247 21.37 4.03 -16.96
CA ASN B 247 22.24 3.17 -17.77
C ASN B 247 23.72 3.30 -17.46
N ASP B 248 24.11 4.18 -16.53
CA ASP B 248 25.54 4.30 -16.16
C ASP B 248 26.05 2.99 -15.57
N TYR B 249 27.28 2.64 -15.87
CA TYR B 249 27.94 1.48 -15.35
C TYR B 249 28.16 1.70 -13.87
N ALA B 250 27.87 0.66 -13.06
CA ALA B 250 28.11 0.72 -11.63
C ALA B 250 28.72 -0.60 -11.16
N MET B 251 29.61 -0.55 -10.18
CA MET B 251 30.18 -1.76 -9.63
C MET B 251 30.31 -1.69 -8.12
N ILE B 252 30.31 -2.86 -7.48
CA ILE B 252 30.39 -2.93 -6.02
C ILE B 252 31.41 -3.98 -5.63
N MET B 253 32.12 -3.71 -4.53
CA MET B 253 32.97 -4.68 -3.87
C MET B 253 32.41 -4.79 -2.42
N GLY B 254 32.35 -6.00 -1.91
CA GLY B 254 31.82 -6.23 -0.57
C GLY B 254 31.90 -7.67 -0.14
N PHE B 255 31.24 -7.99 0.97
CA PHE B 255 31.33 -9.31 1.55
C PHE B 255 29.95 -9.97 1.65
N PRO B 256 29.34 -10.39 0.52
CA PRO B 256 28.03 -11.05 0.60
C PRO B 256 28.14 -12.34 1.42
N GLY B 257 27.20 -12.54 2.32
CA GLY B 257 27.20 -13.65 3.24
C GLY B 257 26.85 -15.00 2.68
N THR B 258 25.62 -15.20 2.18
CA THR B 258 25.18 -16.52 1.70
C THR B 258 24.28 -16.43 0.49
N THR B 259 24.36 -17.42 -0.40
CA THR B 259 23.44 -17.57 -1.55
C THR B 259 23.19 -19.07 -1.69
N HIS B 260 22.20 -19.45 -2.50
CA HIS B 260 21.87 -20.85 -2.77
C HIS B 260 21.63 -21.01 -4.27
N ARG B 261 22.61 -20.61 -5.07
CA ARG B 261 22.57 -20.67 -6.54
C ARG B 261 22.58 -22.09 -7.10
N TYR B 262 22.94 -23.09 -6.29
CA TYR B 262 22.99 -24.47 -6.79
C TYR B 262 21.96 -25.37 -6.08
N PHE B 263 20.84 -24.79 -5.64
CA PHE B 263 19.74 -25.55 -5.05
C PHE B 263 19.16 -26.45 -6.15
N THR B 264 18.73 -27.64 -5.77
CA THR B 264 18.02 -28.49 -6.71
C THR B 264 16.56 -27.97 -6.71
N ALA B 265 15.74 -28.44 -7.65
CA ALA B 265 14.32 -28.10 -7.66
C ALA B 265 13.65 -28.59 -6.36
N SER B 266 14.08 -29.76 -5.81
CA SER B 266 13.52 -30.28 -4.56
C SER B 266 13.82 -29.38 -3.35
N GLU B 267 14.95 -28.70 -3.35
CA GLU B 267 15.38 -27.78 -2.31
C GLU B 267 14.60 -26.48 -2.39
N VAL B 268 14.26 -26.03 -3.60
CA VAL B 268 13.41 -24.85 -3.80
C VAL B 268 12.00 -25.18 -3.22
N ASP B 269 11.47 -26.38 -3.49
CA ASP B 269 10.13 -26.76 -2.99
C ASP B 269 10.11 -26.84 -1.48
N GLU B 270 11.19 -27.33 -0.90
CA GLU B 270 11.32 -27.45 0.55
C GLU B 270 11.39 -26.07 1.21
N TRP B 271 12.19 -25.16 0.63
CA TRP B 271 12.36 -23.80 1.11
C TRP B 271 11.00 -23.07 1.09
N LYS B 272 10.23 -23.28 0.02
CA LYS B 272 8.89 -22.70 -0.09
C LYS B 272 7.90 -23.32 0.93
N SER B 273 7.67 -24.65 0.84
CA SER B 273 6.63 -25.38 1.57
C SER B 273 6.89 -25.61 3.05
N ILE B 274 8.15 -25.55 3.48
CA ILE B 274 8.47 -25.73 4.88
C ILE B 274 8.94 -24.41 5.44
N ASP B 275 10.19 -23.99 5.13
CA ASP B 275 10.84 -22.81 5.68
C ASP B 275 9.97 -21.57 5.58
N ASN B 276 9.63 -21.15 4.36
CA ASN B 276 8.89 -19.92 4.13
C ASN B 276 7.43 -20.00 4.55
N ASP B 277 6.68 -21.04 4.16
CA ASP B 277 5.26 -21.12 4.56
C ASP B 277 5.08 -21.18 6.07
N ILE B 278 5.98 -21.89 6.82
CA ILE B 278 5.83 -21.99 8.28
C ILE B 278 6.14 -20.64 8.91
N ARG B 279 7.27 -20.02 8.53
CA ARG B 279 7.65 -18.69 9.01
C ARG B 279 6.54 -17.65 8.70
N ILE B 280 5.99 -17.70 7.49
CA ILE B 280 4.89 -16.80 7.08
C ILE B 280 3.65 -17.02 7.97
N ARG B 281 3.14 -18.24 8.03
CA ARG B 281 1.98 -18.58 8.82
C ARG B 281 2.16 -18.25 10.33
N MET B 282 3.27 -18.71 10.95
CA MET B 282 3.50 -18.50 12.37
C MET B 282 3.72 -17.05 12.73
N ARG B 283 4.48 -16.32 11.94
CA ARG B 283 4.74 -14.90 12.21
C ARG B 283 3.50 -14.05 11.97
N ASP B 284 2.65 -14.42 11.01
CA ASP B 284 1.41 -13.69 10.80
C ASP B 284 0.49 -13.83 12.02
N ILE B 285 0.42 -15.02 12.64
CA ILE B 285 -0.37 -15.20 13.86
C ILE B 285 0.18 -14.36 15.01
N ARG B 286 1.49 -14.41 15.20
CA ARG B 286 2.18 -13.73 16.28
C ARG B 286 2.03 -12.21 16.19
N GLN B 287 2.34 -11.66 15.00
CA GLN B 287 2.28 -10.25 14.67
C GLN B 287 0.84 -9.74 14.75
N GLY B 288 -0.12 -10.54 14.29
CA GLY B 288 -1.53 -10.18 14.38
C GLY B 288 -1.99 -9.92 15.80
N VAL B 289 -1.65 -10.80 16.76
CA VAL B 289 -2.02 -10.62 18.17
C VAL B 289 -1.29 -9.44 18.78
N MET B 290 0.01 -9.34 18.50
CA MET B 290 0.85 -8.23 18.97
C MET B 290 0.29 -6.86 18.53
N LEU B 291 -0.08 -6.74 17.26
CA LEU B 291 -0.62 -5.52 16.69
C LEU B 291 -1.92 -5.12 17.34
N ARG B 292 -2.87 -6.07 17.51
CA ARG B 292 -4.14 -5.87 18.21
C ARG B 292 -3.89 -5.24 19.59
N GLU B 293 -2.92 -5.79 20.34
CA GLU B 293 -2.62 -5.34 21.70
C GLU B 293 -1.89 -4.01 21.75
N MET B 294 -0.97 -3.78 20.80
CA MET B 294 -0.22 -2.54 20.69
C MET B 294 -1.16 -1.38 20.31
N LEU B 295 -2.12 -1.63 19.40
CA LEU B 295 -3.09 -0.62 18.97
C LEU B 295 -4.10 -0.28 20.09
N ALA B 296 -4.39 -1.23 20.99
CA ALA B 296 -5.36 -1.01 22.06
C ALA B 296 -4.76 -0.36 23.33
N ASP B 297 -3.45 -0.50 23.53
CA ASP B 297 -2.79 0.05 24.72
C ASP B 297 -1.49 0.72 24.30
N PRO B 298 -1.40 2.05 24.47
CA PRO B 298 -0.17 2.76 24.07
C PRO B 298 1.09 2.35 24.85
N GLN B 299 0.92 1.78 26.05
CA GLN B 299 2.04 1.29 26.84
C GLN B 299 2.53 -0.04 26.25
N ILE B 300 1.61 -0.90 25.72
CA ILE B 300 1.95 -2.16 25.05
C ILE B 300 2.70 -1.86 23.73
N LYS B 301 2.31 -0.77 23.05
CA LYS B 301 3.00 -0.34 21.84
C LYS B 301 4.46 0.01 22.15
N ILE B 302 4.71 0.71 23.26
CA ILE B 302 6.08 1.06 23.65
C ILE B 302 6.89 -0.19 23.97
N MET B 303 6.32 -1.11 24.75
CA MET B 303 6.98 -2.34 25.13
C MET B 303 7.24 -3.35 23.99
N TYR B 304 6.34 -3.43 22.99
CA TYR B 304 6.45 -4.46 21.95
C TYR B 304 6.86 -4.00 20.57
N SER B 305 7.03 -2.69 20.34
CA SER B 305 7.40 -2.16 19.03
C SER B 305 8.64 -2.79 18.41
N ALA B 306 9.69 -2.95 19.21
CA ALA B 306 10.93 -3.54 18.72
C ALA B 306 10.77 -5.04 18.43
N LYS B 307 10.08 -5.81 19.30
CA LYS B 307 9.86 -7.25 19.08
C LYS B 307 8.99 -7.47 17.83
N TYR B 308 7.99 -6.61 17.62
CA TYR B 308 7.12 -6.65 16.46
C TYR B 308 7.94 -6.38 15.19
N ALA B 309 8.76 -5.33 15.20
CA ALA B 309 9.61 -4.96 14.07
C ALA B 309 10.64 -6.05 13.75
N ALA B 310 11.26 -6.64 14.77
CA ALA B 310 12.25 -7.70 14.58
C ALA B 310 11.61 -8.95 13.90
N SER B 311 10.33 -9.24 14.22
CA SER B 311 9.66 -10.40 13.63
C SER B 311 9.26 -10.13 12.16
N GLN B 312 8.89 -8.87 11.86
CA GLN B 312 8.45 -8.47 10.52
C GLN B 312 9.56 -8.54 9.48
N ASN B 313 10.81 -8.35 9.89
CA ASN B 313 11.93 -8.34 8.95
C ASN B 313 12.08 -9.64 8.13
N ALA B 314 12.24 -10.81 8.79
CA ALA B 314 12.35 -12.08 8.05
C ALA B 314 10.98 -12.54 7.53
N TYR B 315 9.87 -12.07 8.14
CA TYR B 315 8.53 -12.31 7.63
C TYR B 315 8.42 -11.70 6.21
N LYS B 316 8.83 -10.43 6.06
CA LYS B 316 8.79 -9.73 4.78
C LYS B 316 9.70 -10.38 3.74
N ARG B 317 10.89 -10.81 4.18
CA ARG B 317 11.84 -11.50 3.31
C ARG B 317 11.21 -12.79 2.79
N ALA B 318 10.56 -13.58 3.66
CA ALA B 318 9.91 -14.81 3.24
C ALA B 318 8.74 -14.58 2.26
N ILE B 319 7.97 -13.48 2.44
CA ILE B 319 6.88 -13.08 1.52
C ILE B 319 7.50 -12.75 0.14
N GLY B 320 8.59 -11.98 0.14
CA GLY B 320 9.28 -11.65 -1.10
C GLY B 320 9.86 -12.86 -1.82
N ALA B 321 10.42 -13.80 -1.05
CA ALA B 321 11.04 -15.01 -1.61
C ALA B 321 9.96 -15.94 -2.18
N ASN B 322 8.84 -16.11 -1.45
CA ASN B 322 7.73 -16.92 -1.96
C ASN B 322 7.08 -16.29 -3.21
N TRP B 323 7.10 -14.96 -3.32
CA TRP B 323 6.59 -14.29 -4.52
C TRP B 323 7.46 -14.68 -5.72
N ALA B 324 8.80 -14.76 -5.56
CA ALA B 324 9.69 -15.14 -6.65
C ALA B 324 9.48 -16.62 -7.05
N ILE B 325 9.35 -17.52 -6.07
CA ILE B 325 9.10 -18.93 -6.34
C ILE B 325 7.80 -19.11 -7.14
N LYS B 326 6.75 -18.37 -6.76
CA LYS B 326 5.47 -18.44 -7.45
C LYS B 326 5.44 -17.76 -8.82
N THR B 327 6.13 -16.61 -8.98
CA THR B 327 6.00 -15.83 -10.22
C THR B 327 7.21 -15.81 -11.18
N ARG B 328 8.41 -16.09 -10.70
CA ARG B 328 9.61 -15.98 -11.55
C ARG B 328 10.20 -17.32 -12.01
N GLY B 329 9.49 -18.42 -11.76
CA GLY B 329 9.90 -19.75 -12.17
C GLY B 329 11.22 -20.20 -11.60
N LEU B 330 11.42 -20.07 -10.27
CA LEU B 330 12.69 -20.45 -9.65
C LEU B 330 12.88 -21.94 -9.66
N ARG B 331 11.82 -22.67 -9.32
CA ARG B 331 11.84 -24.13 -9.27
C ARG B 331 12.14 -24.72 -10.63
N GLN B 332 11.48 -24.20 -11.68
CA GLN B 332 11.59 -24.63 -13.05
C GLN B 332 12.98 -24.43 -13.58
N ASN B 333 13.60 -23.28 -13.27
CA ASN B 333 14.94 -23.01 -13.76
C ASN B 333 15.99 -23.89 -13.06
N LYS B 334 15.74 -24.33 -11.81
CA LYS B 334 16.65 -25.26 -11.15
C LYS B 334 16.50 -26.64 -11.77
N GLN B 335 15.25 -27.05 -12.08
CA GLN B 335 14.90 -28.30 -12.73
C GLN B 335 15.58 -28.36 -14.11
N ALA B 336 15.55 -27.26 -14.87
CA ALA B 336 16.19 -27.19 -16.20
C ALA B 336 17.72 -27.25 -16.10
N MET B 337 18.29 -26.68 -15.03
CA MET B 337 19.72 -26.68 -14.77
C MET B 337 20.18 -28.14 -14.51
N GLN B 338 19.48 -28.84 -13.62
CA GLN B 338 19.86 -30.22 -13.28
C GLN B 338 19.56 -31.20 -14.43
N ASP B 339 18.47 -31.00 -15.19
CA ASP B 339 18.14 -31.90 -16.31
C ASP B 339 19.17 -31.80 -17.43
N ARG B 340 19.71 -30.61 -17.65
CA ARG B 340 20.73 -30.34 -18.66
C ARG B 340 22.06 -31.04 -18.26
N LEU B 341 22.42 -30.99 -16.96
CA LEU B 341 23.62 -31.66 -16.48
C LEU B 341 23.45 -33.19 -16.57
N ILE B 342 22.26 -33.71 -16.22
CA ILE B 342 21.95 -35.14 -16.27
C ILE B 342 22.02 -35.68 -17.70
N ALA B 343 21.57 -34.88 -18.68
CA ALA B 343 21.60 -35.26 -20.10
C ALA B 343 23.04 -35.28 -20.61
N TRP B 344 23.85 -34.29 -20.20
CA TRP B 344 25.25 -34.19 -20.61
C TRP B 344 26.09 -35.28 -19.95
N GLY B 345 25.75 -35.65 -18.71
CA GLY B 345 26.43 -36.71 -17.98
C GLY B 345 26.17 -38.06 -18.63
N ALA B 346 24.92 -38.28 -19.10
CA ALA B 346 24.52 -39.51 -19.79
C ALA B 346 25.29 -39.64 -21.12
N LYS B 347 25.45 -38.51 -21.82
CA LYS B 347 26.19 -38.41 -23.06
C LYS B 347 27.66 -38.77 -22.84
N GLN B 348 28.29 -38.28 -21.76
CA GLN B 348 29.70 -38.60 -21.50
C GLN B 348 29.95 -39.96 -20.82
N GLY B 349 28.89 -40.69 -20.48
CA GLY B 349 29.02 -41.97 -19.82
C GLY B 349 29.40 -41.88 -18.35
N THR B 350 29.10 -40.74 -17.70
CA THR B 350 29.41 -40.50 -16.29
C THR B 350 28.11 -40.32 -15.50
N PRO B 351 27.65 -41.37 -14.81
CA PRO B 351 26.37 -41.26 -14.07
C PRO B 351 26.43 -40.56 -12.72
N ARG B 352 27.60 -40.14 -12.26
CA ARG B 352 27.74 -39.56 -10.92
C ARG B 352 26.99 -38.22 -10.70
N TYR B 353 26.66 -37.48 -11.75
CA TYR B 353 25.95 -36.21 -11.59
C TYR B 353 24.47 -36.46 -11.33
N GLU B 354 23.87 -37.39 -12.08
CA GLU B 354 22.49 -37.79 -11.89
C GLU B 354 22.34 -38.46 -10.50
N GLU B 355 23.33 -39.27 -10.10
CA GLU B 355 23.35 -39.92 -8.80
C GLU B 355 23.40 -38.87 -7.69
N ALA B 356 24.20 -37.80 -7.87
CA ALA B 356 24.33 -36.71 -6.91
C ALA B 356 23.03 -35.93 -6.75
N VAL B 357 22.34 -35.61 -7.85
CA VAL B 357 21.05 -34.90 -7.82
C VAL B 357 20.02 -35.80 -7.12
N HIS B 358 20.01 -37.11 -7.44
CA HIS B 358 19.12 -38.08 -6.81
C HIS B 358 19.38 -38.17 -5.29
N GLU B 359 20.66 -38.15 -4.86
CA GLU B 359 20.96 -38.23 -3.45
C GLU B 359 20.44 -37.00 -2.70
N ILE B 360 20.50 -35.81 -3.34
CA ILE B 360 19.97 -34.58 -2.75
C ILE B 360 18.43 -34.67 -2.63
N ASP B 361 17.75 -35.09 -3.71
CA ASP B 361 16.29 -35.25 -3.70
C ASP B 361 15.84 -36.24 -2.61
N ALA B 362 16.52 -37.40 -2.50
CA ALA B 362 16.15 -38.42 -1.53
C ALA B 362 16.40 -37.96 -0.09
N THR B 363 17.42 -37.14 0.13
CA THR B 363 17.72 -36.63 1.46
C THR B 363 16.65 -35.60 1.83
N VAL B 364 16.28 -34.71 0.88
CA VAL B 364 15.23 -33.72 1.09
C VAL B 364 13.91 -34.44 1.43
N ALA B 365 13.56 -35.46 0.66
CA ALA B 365 12.32 -36.21 0.89
C ALA B 365 12.33 -36.92 2.25
N LYS B 366 13.46 -37.51 2.66
CA LYS B 366 13.57 -38.22 3.92
C LYS B 366 13.48 -37.30 5.17
N ARG B 367 14.04 -36.09 5.12
CA ARG B 367 14.01 -35.19 6.27
C ARG B 367 12.76 -34.28 6.35
N ALA B 368 11.82 -34.40 5.40
CA ALA B 368 10.65 -33.52 5.36
C ALA B 368 9.84 -33.38 6.66
N ASP B 369 9.39 -34.48 7.28
CA ASP B 369 8.60 -34.40 8.49
C ASP B 369 9.42 -33.83 9.65
N LEU B 370 10.67 -34.24 9.79
CA LEU B 370 11.54 -33.71 10.83
C LEU B 370 11.74 -32.18 10.67
N ARG B 371 12.10 -31.72 9.46
CA ARG B 371 12.30 -30.30 9.15
C ARG B 371 11.02 -29.48 9.40
N ARG B 372 9.83 -30.05 9.06
CA ARG B 372 8.54 -29.42 9.32
C ARG B 372 8.36 -29.23 10.84
N ARG B 373 8.61 -30.29 11.62
CA ARG B 373 8.50 -30.23 13.08
C ARG B 373 9.48 -29.21 13.71
N TYR B 374 10.68 -29.09 13.13
CA TYR B 374 11.70 -28.16 13.61
C TYR B 374 11.27 -26.69 13.36
N TRP B 375 10.84 -26.38 12.13
CA TRP B 375 10.40 -25.03 11.81
C TRP B 375 9.12 -24.67 12.57
N MET B 376 8.24 -25.66 12.77
CA MET B 376 7.01 -25.45 13.52
C MET B 376 7.30 -25.07 14.96
N ILE B 377 8.23 -25.77 15.64
CA ILE B 377 8.57 -25.45 17.04
C ILE B 377 9.42 -24.18 17.14
N GLU B 378 10.29 -23.94 16.18
CA GLU B 378 11.16 -22.76 16.20
C GLU B 378 10.36 -21.49 15.95
N GLU B 379 9.52 -21.46 14.94
CA GLU B 379 8.70 -20.31 14.63
C GLU B 379 7.53 -20.17 15.60
N GLY B 380 6.92 -21.30 15.94
CA GLY B 380 5.75 -21.33 16.79
C GLY B 380 5.98 -21.09 18.27
N ILE B 381 7.04 -21.68 18.82
CA ILE B 381 7.27 -21.62 20.27
C ILE B 381 8.58 -20.94 20.67
N ILE B 382 9.74 -21.42 20.13
CA ILE B 382 11.07 -20.90 20.47
C ILE B 382 11.14 -19.39 20.20
N ARG B 383 10.68 -18.93 19.03
CA ARG B 383 10.63 -17.48 18.81
C ARG B 383 9.20 -16.92 18.98
N GLY B 384 8.17 -17.74 18.86
CA GLY B 384 6.80 -17.27 18.98
C GLY B 384 6.29 -16.93 20.37
N ILE B 385 6.72 -17.68 21.41
CA ILE B 385 6.23 -17.49 22.77
C ILE B 385 7.35 -17.08 23.73
N GLU B 386 7.23 -15.90 24.37
CA GLU B 386 8.24 -15.37 25.28
C GLU B 386 8.48 -16.24 26.52
N PHE B 387 7.45 -16.92 27.05
CA PHE B 387 7.68 -17.76 28.23
C PHE B 387 8.39 -19.07 27.90
N ALA B 388 8.72 -19.33 26.61
CA ALA B 388 9.53 -20.49 26.25
C ALA B 388 10.97 -20.20 26.74
N ARG B 389 11.41 -18.91 26.72
CA ARG B 389 12.71 -18.49 27.20
C ARG B 389 12.67 -17.97 28.66
N SER B 390 11.79 -18.57 29.47
CA SER B 390 11.69 -18.24 30.87
C SER B 390 12.81 -19.04 31.61
N PRO B 391 13.12 -18.72 32.89
CA PRO B 391 14.22 -19.42 33.57
C PRO B 391 14.07 -20.91 33.79
N ILE B 392 15.15 -21.65 33.49
CA ILE B 392 15.22 -23.08 33.73
C ILE B 392 16.37 -23.29 34.73
N PRO B 393 16.07 -23.83 35.91
CA PRO B 393 17.12 -24.05 36.90
C PRO B 393 18.20 -25.03 36.41
N THR B 394 19.45 -24.57 36.44
CA THR B 394 20.63 -25.37 36.06
C THR B 394 20.87 -26.52 37.05
N GLU B 395 21.63 -27.55 36.66
CA GLU B 395 21.96 -28.67 37.57
C GLU B 395 22.72 -28.18 38.83
N ASP B 396 23.50 -27.09 38.69
CA ASP B 396 24.23 -26.47 39.79
C ASP B 396 23.27 -25.79 40.76
N GLU B 397 22.20 -25.14 40.24
CA GLU B 397 21.22 -24.42 41.04
C GLU B 397 20.29 -25.36 41.82
N THR B 398 19.93 -26.51 41.23
CA THR B 398 19.11 -27.48 41.96
C THR B 398 19.99 -28.24 42.99
N LYS B 399 21.29 -28.46 42.67
CA LYS B 399 22.23 -29.09 43.59
C LYS B 399 22.91 -27.97 44.40
N ALA B 400 22.07 -27.17 45.06
CA ALA B 400 22.38 -26.01 45.91
C ALA B 400 21.13 -25.74 46.76
N LEU B 401 19.94 -25.82 46.15
CA LEU B 401 18.69 -25.67 46.89
C LEU B 401 18.38 -26.96 47.67
N GLN B 402 18.90 -28.14 47.21
CA GLN B 402 18.73 -29.47 47.83
C GLN B 402 19.44 -30.55 47.00
N ALA B 406 24.28 -26.26 52.45
CA ALA B 406 25.10 -25.04 52.48
C ALA B 406 24.26 -23.78 52.26
N SER B 407 24.76 -22.63 52.73
CA SER B 407 24.06 -21.36 52.58
C SER B 407 24.10 -20.76 51.15
N ALA B 408 24.74 -21.47 50.20
CA ALA B 408 24.76 -21.04 48.80
C ALA B 408 23.37 -21.12 48.12
N ARG B 409 22.31 -21.55 48.87
CA ARG B 409 20.91 -21.56 48.49
C ARG B 409 20.50 -20.13 48.08
N LYS B 410 20.99 -19.10 48.81
CA LYS B 410 20.73 -17.68 48.53
C LYS B 410 21.45 -17.21 47.26
N GLU B 411 22.60 -17.82 46.93
CA GLU B 411 23.35 -17.52 45.71
C GLU B 411 22.62 -18.11 44.48
N ALA B 412 21.94 -19.27 44.65
CA ALA B 412 21.17 -19.91 43.61
C ALA B 412 19.95 -19.01 43.32
N ILE B 413 19.19 -18.63 44.38
CA ILE B 413 18.05 -17.74 44.27
C ILE B 413 18.42 -16.41 43.63
N ASP B 414 19.62 -15.88 43.89
CA ASP B 414 20.02 -14.61 43.28
C ASP B 414 20.31 -14.75 41.78
N LYS B 415 20.80 -15.93 41.36
CA LYS B 415 21.07 -16.21 39.96
C LYS B 415 19.76 -16.42 39.21
N ILE B 416 18.82 -17.19 39.81
CA ILE B 416 17.50 -17.45 39.23
C ILE B 416 16.69 -16.15 39.15
N ARG B 417 16.78 -15.31 40.18
CA ARG B 417 16.10 -14.00 40.24
C ARG B 417 16.61 -13.08 39.14
N THR B 418 17.92 -13.10 38.90
CA THR B 418 18.53 -12.26 37.86
C THR B 418 17.97 -12.64 36.48
N ARG B 419 17.82 -13.96 36.22
CA ARG B 419 17.28 -14.48 34.98
C ARG B 419 15.79 -14.20 34.88
N TYR B 420 15.06 -14.31 35.99
CA TYR B 420 13.63 -14.00 36.01
C TYR B 420 13.41 -12.51 35.67
N SER B 421 14.22 -11.61 36.21
CA SER B 421 14.09 -10.17 35.93
C SER B 421 14.45 -9.83 34.47
N LYS B 422 15.31 -10.63 33.85
CA LYS B 422 15.67 -10.42 32.45
C LYS B 422 14.50 -10.88 31.54
N PHE B 423 13.82 -11.99 31.91
CA PHE B 423 12.66 -12.51 31.19
C PHE B 423 11.46 -11.56 31.40
N ALA B 424 11.09 -11.30 32.65
CA ALA B 424 10.00 -10.39 32.95
C ALA B 424 10.55 -8.97 33.07
N ASN B 425 11.16 -8.44 32.00
CA ASN B 425 11.74 -7.09 32.03
C ASN B 425 10.68 -5.96 31.84
N LYS B 426 11.12 -4.69 31.68
CA LYS B 426 10.23 -3.56 31.49
C LYS B 426 9.34 -3.67 30.25
N ASP B 427 9.79 -4.45 29.24
CA ASP B 427 9.05 -4.65 27.99
C ASP B 427 8.22 -5.95 27.93
N TYR B 428 8.21 -6.73 29.02
CA TYR B 428 7.47 -7.98 29.02
C TYR B 428 6.06 -7.84 29.60
N SER B 429 5.04 -8.23 28.82
CA SER B 429 3.68 -8.26 29.33
C SER B 429 3.19 -9.71 29.35
N ALA B 430 2.89 -10.24 30.54
CA ALA B 430 2.39 -11.59 30.72
C ALA B 430 1.02 -11.76 30.06
N GLU B 431 0.16 -10.73 30.06
CA GLU B 431 -1.16 -10.80 29.42
C GLU B 431 -1.03 -10.90 27.89
N VAL B 432 -0.16 -10.08 27.31
CA VAL B 432 0.11 -10.10 25.88
C VAL B 432 0.75 -11.46 25.52
N ASP B 433 1.69 -11.93 26.33
CA ASP B 433 2.30 -13.25 26.10
C ASP B 433 1.31 -14.40 26.17
N LYS B 434 0.38 -14.38 27.14
CA LYS B 434 -0.67 -15.40 27.23
C LYS B 434 -1.53 -15.38 25.95
N LYS B 435 -1.85 -14.18 25.41
CA LYS B 435 -2.68 -14.07 24.22
C LYS B 435 -1.94 -14.59 23.01
N VAL B 436 -0.65 -14.25 22.90
CA VAL B 436 0.16 -14.75 21.80
C VAL B 436 0.30 -16.28 21.89
N ALA B 437 0.59 -16.81 23.08
CA ALA B 437 0.74 -18.25 23.29
C ALA B 437 -0.51 -19.01 22.99
N VAL B 438 -1.69 -18.49 23.38
CA VAL B 438 -2.94 -19.18 23.08
C VAL B 438 -3.14 -19.32 21.55
N ALA B 439 -2.86 -18.27 20.77
CA ALA B 439 -2.99 -18.37 19.31
C ALA B 439 -1.88 -19.21 18.65
N MET B 440 -0.64 -19.04 19.11
CA MET B 440 0.50 -19.80 18.56
C MET B 440 0.37 -21.30 18.85
N LEU B 441 -0.01 -21.66 20.07
CA LEU B 441 -0.18 -23.04 20.46
C LEU B 441 -1.38 -23.66 19.81
N THR B 442 -2.46 -22.90 19.55
CA THR B 442 -3.63 -23.45 18.86
C THR B 442 -3.21 -23.92 17.44
N GLU B 443 -2.44 -23.09 16.74
CA GLU B 443 -1.93 -23.44 15.44
C GLU B 443 -0.95 -24.64 15.52
N TYR B 444 0.02 -24.57 16.45
CA TYR B 444 1.00 -25.63 16.67
C TYR B 444 0.31 -26.99 17.00
N LEU B 445 -0.65 -27.01 17.94
CA LEU B 445 -1.35 -28.24 18.32
C LEU B 445 -2.20 -28.84 17.18
N LYS B 446 -2.65 -28.01 16.25
CA LYS B 446 -3.40 -28.50 15.11
C LYS B 446 -2.45 -29.03 14.00
N GLU B 447 -1.14 -28.72 14.06
CA GLU B 447 -0.16 -29.11 13.04
C GLU B 447 0.77 -30.23 13.45
N ILE B 448 1.00 -30.38 14.76
CA ILE B 448 1.91 -31.39 15.26
C ILE B 448 1.10 -32.42 16.03
N PRO B 449 1.15 -33.70 15.64
CA PRO B 449 0.36 -34.72 16.36
C PRO B 449 0.84 -34.99 17.77
N TYR B 450 -0.04 -35.53 18.62
CA TYR B 450 0.21 -35.87 20.02
C TYR B 450 1.52 -36.61 20.26
N GLU B 451 1.82 -37.64 19.44
CA GLU B 451 3.06 -38.40 19.61
C GLU B 451 4.33 -37.61 19.23
N ASN B 452 4.19 -36.48 18.54
CA ASN B 452 5.32 -35.64 18.16
C ASN B 452 5.41 -34.33 19.01
N LEU B 453 4.53 -34.14 20.00
CA LEU B 453 4.49 -32.95 20.82
C LEU B 453 5.56 -32.94 21.87
N PRO B 454 6.10 -31.74 22.24
CA PRO B 454 6.94 -31.68 23.45
C PRO B 454 6.10 -32.18 24.63
N LEU B 455 6.68 -33.05 25.47
CA LEU B 455 6.01 -33.74 26.57
C LEU B 455 4.97 -32.91 27.35
N HIS B 456 5.29 -31.67 27.74
CA HIS B 456 4.36 -30.85 28.50
C HIS B 456 3.12 -30.44 27.74
N LEU B 457 3.22 -30.30 26.40
CA LEU B 457 2.07 -29.93 25.56
C LEU B 457 1.04 -31.05 25.41
N ARG B 458 1.40 -32.29 25.78
CA ARG B 458 0.48 -33.42 25.82
C ARG B 458 -0.61 -33.18 26.87
N LEU B 459 -0.33 -32.36 27.92
CA LEU B 459 -1.28 -31.98 28.96
C LEU B 459 -2.47 -31.20 28.44
N VAL B 460 -2.37 -30.57 27.26
CA VAL B 460 -3.51 -29.82 26.69
C VAL B 460 -4.67 -30.78 26.44
N LYS B 461 -4.40 -31.93 25.81
CA LYS B 461 -5.44 -32.92 25.56
C LYS B 461 -5.74 -33.78 26.82
N ASP B 462 -4.69 -34.19 27.52
CA ASP B 462 -4.81 -35.06 28.69
C ASP B 462 -5.46 -34.43 29.93
N ARG B 463 -4.94 -33.29 30.40
CA ARG B 463 -5.40 -32.65 31.61
C ARG B 463 -6.36 -31.51 31.40
N PHE B 464 -6.26 -30.77 30.27
CA PHE B 464 -7.10 -29.59 30.07
C PHE B 464 -8.23 -29.76 29.08
N ALA B 465 -8.57 -31.01 28.70
CA ALA B 465 -9.66 -31.28 27.76
C ALA B 465 -9.59 -30.46 26.46
N GLY B 466 -8.39 -30.25 25.97
CA GLY B 466 -8.13 -29.50 24.76
C GLY B 466 -8.21 -27.98 24.88
N ASP B 467 -8.47 -27.45 26.10
CA ASP B 467 -8.60 -26.01 26.33
C ASP B 467 -7.20 -25.39 26.44
N VAL B 468 -6.75 -24.74 25.35
CA VAL B 468 -5.43 -24.11 25.27
C VAL B 468 -5.38 -22.93 26.23
N GLN B 469 -6.46 -22.15 26.31
CA GLN B 469 -6.54 -21.01 27.22
C GLN B 469 -6.34 -21.44 28.67
N ALA B 470 -7.00 -22.53 29.11
CA ALA B 470 -6.88 -23.05 30.47
C ALA B 470 -5.47 -23.53 30.77
N TYR B 471 -4.84 -24.20 29.81
CA TYR B 471 -3.48 -24.69 29.93
C TYR B 471 -2.51 -23.50 30.15
N VAL B 472 -2.63 -22.44 29.33
CA VAL B 472 -1.78 -21.25 29.42
C VAL B 472 -2.08 -20.47 30.70
N ASP B 473 -3.38 -20.34 31.08
CA ASP B 473 -3.77 -19.66 32.31
C ASP B 473 -3.16 -20.37 33.52
N ASP B 474 -3.13 -21.70 33.49
CA ASP B 474 -2.62 -22.51 34.57
C ASP B 474 -1.11 -22.38 34.72
N ILE B 475 -0.37 -22.25 33.59
CA ILE B 475 1.08 -22.06 33.60
C ILE B 475 1.42 -20.79 34.39
N PHE B 476 0.70 -19.71 34.13
CA PHE B 476 0.94 -18.43 34.83
C PHE B 476 0.40 -18.40 36.24
N ALA B 477 -0.77 -19.02 36.49
CA ALA B 477 -1.38 -19.03 37.81
C ALA B 477 -0.54 -19.79 38.84
N ARG B 478 0.02 -20.95 38.48
CA ARG B 478 0.78 -21.77 39.40
C ARG B 478 2.29 -21.66 39.30
N SER B 479 2.81 -20.97 38.28
CA SER B 479 4.26 -20.86 38.14
C SER B 479 4.90 -19.85 39.05
N VAL B 480 6.14 -20.16 39.50
CA VAL B 480 6.96 -19.23 40.28
C VAL B 480 7.46 -18.07 39.41
N PHE B 481 7.36 -18.15 38.07
CA PHE B 481 7.70 -17.03 37.20
C PHE B 481 6.43 -16.39 36.58
N GLY B 482 5.24 -16.67 37.13
CA GLY B 482 3.99 -16.14 36.62
C GLY B 482 3.75 -14.68 36.96
N SER B 483 4.33 -14.22 38.07
CA SER B 483 4.25 -12.83 38.53
C SER B 483 5.41 -12.58 39.51
N GLU B 484 5.67 -11.32 39.87
CA GLU B 484 6.75 -10.98 40.78
C GLU B 484 6.46 -11.55 42.17
N ALA B 485 5.21 -11.39 42.64
CA ALA B 485 4.78 -11.90 43.94
C ALA B 485 4.92 -13.41 44.05
N GLN B 486 4.62 -14.11 42.95
CA GLN B 486 4.76 -15.56 42.92
C GLN B 486 6.24 -15.97 43.01
N PHE B 487 7.13 -15.19 42.38
CA PHE B 487 8.56 -15.46 42.45
C PHE B 487 9.06 -15.23 43.85
N ASP B 488 8.69 -14.10 44.47
CA ASP B 488 9.09 -13.78 45.84
C ASP B 488 8.61 -14.79 46.86
N ALA B 489 7.40 -15.35 46.67
CA ALA B 489 6.90 -16.38 47.58
C ALA B 489 7.76 -17.65 47.45
N PHE B 490 8.24 -17.96 46.25
CA PHE B 490 9.11 -19.09 45.99
C PHE B 490 10.49 -18.82 46.63
N ALA B 491 11.07 -17.64 46.35
CA ALA B 491 12.36 -17.20 46.84
C ALA B 491 12.45 -17.22 48.37
N ALA B 492 11.33 -16.99 49.06
CA ALA B 492 11.28 -17.04 50.52
C ALA B 492 11.35 -18.48 51.03
N VAL B 493 10.64 -19.41 50.38
CA VAL B 493 10.63 -20.82 50.80
C VAL B 493 10.92 -21.71 49.57
N PRO B 494 12.17 -21.72 49.08
CA PRO B 494 12.46 -22.50 47.88
C PRO B 494 12.70 -23.99 48.12
N SER B 495 12.01 -24.83 47.35
CA SER B 495 12.25 -26.26 47.38
C SER B 495 12.44 -26.77 45.94
N VAL B 496 13.34 -27.75 45.76
CA VAL B 496 13.61 -28.33 44.44
C VAL B 496 12.39 -29.07 43.87
N GLU B 497 11.49 -29.56 44.74
CA GLU B 497 10.25 -30.22 44.38
C GLU B 497 9.27 -29.26 43.73
N LYS B 498 9.32 -27.96 44.09
CA LYS B 498 8.48 -26.92 43.54
C LYS B 498 8.93 -26.62 42.11
N LEU B 499 10.25 -26.51 41.90
CA LEU B 499 10.81 -26.24 40.57
C LEU B 499 10.65 -27.45 39.64
N ALA B 500 10.79 -28.67 40.20
CA ALA B 500 10.64 -29.89 39.41
C ALA B 500 9.21 -30.09 38.86
N GLU B 501 8.22 -29.47 39.50
CA GLU B 501 6.82 -29.57 39.06
C GLU B 501 6.25 -28.22 38.53
N ASP B 502 7.09 -27.17 38.42
CA ASP B 502 6.64 -25.87 37.94
C ASP B 502 6.17 -25.95 36.49
N PRO B 503 4.91 -25.55 36.23
CA PRO B 503 4.36 -25.66 34.86
C PRO B 503 5.09 -24.83 33.81
N MET B 504 5.63 -23.66 34.18
CA MET B 504 6.40 -22.88 33.23
C MET B 504 7.77 -23.48 33.01
N VAL B 505 8.43 -23.98 34.07
CA VAL B 505 9.74 -24.63 33.96
C VAL B 505 9.62 -25.88 33.08
N LEU B 506 8.62 -26.73 33.34
CA LEU B 506 8.35 -27.94 32.57
C LEU B 506 8.01 -27.65 31.12
N PHE B 507 7.27 -26.55 30.83
CA PHE B 507 6.95 -26.17 29.47
C PHE B 507 8.26 -25.79 28.74
N ALA B 508 9.04 -24.86 29.33
CA ALA B 508 10.27 -24.35 28.75
C ALA B 508 11.27 -25.48 28.50
N SER B 509 11.39 -26.41 29.47
CA SER B 509 12.28 -27.57 29.39
C SER B 509 11.82 -28.48 28.27
N SER B 510 10.54 -28.86 28.25
CA SER B 510 9.94 -29.72 27.21
C SER B 510 10.14 -29.17 25.80
N VAL B 511 9.86 -27.88 25.58
CA VAL B 511 9.96 -27.32 24.24
C VAL B 511 11.43 -27.22 23.82
N PHE B 512 12.34 -26.91 24.75
CA PHE B 512 13.77 -26.87 24.41
C PHE B 512 14.33 -28.28 24.19
N ASP B 513 13.80 -29.29 24.89
CA ASP B 513 14.24 -30.67 24.73
C ASP B 513 13.87 -31.12 23.32
N GLU B 514 12.63 -30.85 22.88
CA GLU B 514 12.16 -31.23 21.56
C GLU B 514 12.90 -30.48 20.46
N TYR B 515 13.13 -29.19 20.66
CA TYR B 515 13.86 -28.34 19.72
C TYR B 515 15.30 -28.90 19.51
N ARG B 516 15.97 -29.31 20.61
CA ARG B 516 17.30 -29.89 20.53
C ARG B 516 17.33 -31.30 19.95
N LYS B 517 16.35 -32.14 20.28
CA LYS B 517 16.25 -33.49 19.73
C LYS B 517 16.07 -33.43 18.20
N LEU B 518 15.19 -32.51 17.71
CA LEU B 518 14.94 -32.34 16.28
C LEU B 518 16.19 -31.85 15.57
N TYR B 519 16.89 -30.86 16.16
CA TYR B 519 18.13 -30.36 15.60
C TYR B 519 19.17 -31.49 15.44
N ASN B 520 19.36 -32.30 16.49
CA ASN B 520 20.32 -33.40 16.48
C ASN B 520 19.94 -34.48 15.49
N GLU B 521 18.63 -34.75 15.35
CA GLU B 521 18.18 -35.74 14.39
C GLU B 521 18.31 -35.24 12.95
N LEU B 522 18.18 -33.92 12.72
CA LEU B 522 18.24 -33.33 11.39
C LEU B 522 19.65 -33.01 10.91
N ARG B 523 20.58 -32.68 11.83
CA ARG B 523 21.97 -32.36 11.46
C ARG B 523 22.63 -33.41 10.54
N PRO B 524 22.51 -34.73 10.79
CA PRO B 524 23.13 -35.71 9.87
C PRO B 524 22.68 -35.63 8.41
N TYR B 525 21.53 -35.03 8.12
CA TYR B 525 21.04 -34.93 6.73
C TYR B 525 21.78 -33.86 5.91
N ASP B 526 22.48 -32.92 6.57
CA ASP B 526 23.23 -31.89 5.86
C ASP B 526 24.42 -32.44 5.06
N ASP B 527 25.14 -33.40 5.63
CA ASP B 527 26.35 -33.99 5.06
C ASP B 527 26.16 -34.69 3.71
N PRO B 528 25.18 -35.60 3.53
CA PRO B 528 25.00 -36.21 2.20
C PRO B 528 24.71 -35.16 1.14
N ILE B 529 23.95 -34.09 1.49
CA ILE B 529 23.61 -33.01 0.56
C ILE B 529 24.87 -32.25 0.18
N LEU B 530 25.66 -31.85 1.19
CA LEU B 530 26.93 -31.19 0.97
C LEU B 530 27.88 -32.01 0.06
N ARG B 531 28.06 -33.33 0.34
CA ARG B 531 28.92 -34.19 -0.47
C ARG B 531 28.41 -34.31 -1.90
N ALA B 532 27.08 -34.45 -2.08
CA ALA B 532 26.50 -34.54 -3.42
C ALA B 532 26.61 -33.20 -4.15
N GLN B 533 26.57 -32.06 -3.44
CA GLN B 533 26.73 -30.73 -4.03
C GLN B 533 28.12 -30.53 -4.58
N ARG B 534 29.15 -31.16 -3.95
CA ARG B 534 30.52 -31.07 -4.43
C ARG B 534 30.59 -31.70 -5.83
N THR B 535 29.96 -32.87 -6.01
CA THR B 535 29.88 -33.58 -7.30
C THR B 535 28.99 -32.81 -8.30
N TYR B 536 27.83 -32.32 -7.84
CA TYR B 536 26.89 -31.56 -8.65
C TYR B 536 27.52 -30.27 -9.24
N ILE B 537 28.13 -29.42 -8.40
CA ILE B 537 28.76 -28.20 -8.84
C ILE B 537 29.99 -28.47 -9.69
N ALA B 538 30.72 -29.58 -9.44
CA ALA B 538 31.86 -29.94 -10.27
C ALA B 538 31.38 -30.24 -11.71
N GLY B 539 30.27 -30.94 -11.84
CA GLY B 539 29.68 -31.24 -13.14
C GLY B 539 29.21 -30.00 -13.87
N LEU B 540 28.52 -29.11 -13.15
CA LEU B 540 28.04 -27.84 -13.71
C LEU B 540 29.21 -27.01 -14.22
N LEU B 541 30.31 -26.94 -13.47
CA LEU B 541 31.50 -26.18 -13.86
C LEU B 541 32.22 -26.83 -15.05
N GLU B 542 32.33 -28.16 -15.04
CA GLU B 542 32.95 -28.93 -16.14
C GLU B 542 32.14 -28.79 -17.43
N MET B 543 30.82 -28.70 -17.33
CA MET B 543 29.92 -28.56 -18.46
C MET B 543 29.82 -27.13 -19.03
N ASP B 544 29.42 -26.14 -18.21
CA ASP B 544 29.19 -24.78 -18.68
C ASP B 544 30.26 -23.75 -18.28
N GLY B 545 31.27 -24.17 -17.53
CA GLY B 545 32.35 -23.29 -17.12
C GLY B 545 32.11 -22.33 -15.96
N ASP B 546 33.24 -21.94 -15.33
CA ASP B 546 33.35 -21.00 -14.21
C ASP B 546 33.40 -19.54 -14.77
N GLN B 547 32.25 -19.06 -15.29
CA GLN B 547 32.05 -17.73 -15.86
C GLN B 547 30.64 -17.77 -16.41
N ASP B 548 29.70 -17.16 -15.67
CA ASP B 548 28.22 -17.16 -15.73
C ASP B 548 27.71 -17.89 -14.41
N GLN B 549 28.44 -18.93 -13.99
CA GLN B 549 28.13 -19.65 -12.77
C GLN B 549 29.10 -19.18 -11.68
N PHE B 550 28.65 -18.24 -10.84
CA PHE B 550 29.44 -17.67 -9.75
C PHE B 550 29.46 -18.59 -8.53
N PRO B 551 30.52 -18.58 -7.70
CA PRO B 551 30.50 -19.44 -6.50
C PRO B 551 29.59 -18.85 -5.44
N ASP B 552 28.83 -19.68 -4.72
CA ASP B 552 27.95 -19.18 -3.65
C ASP B 552 28.67 -18.20 -2.69
N ALA B 553 27.98 -17.16 -2.23
CA ALA B 553 28.55 -16.20 -1.28
C ALA B 553 28.93 -16.93 0.03
N ASN B 554 30.03 -16.53 0.68
CA ASN B 554 30.47 -17.19 1.94
C ASN B 554 31.26 -16.21 2.84
N LEU B 555 30.82 -14.97 2.87
CA LEU B 555 31.39 -13.84 3.60
C LEU B 555 32.80 -13.50 3.15
N THR B 556 33.09 -13.70 1.87
CA THR B 556 34.36 -13.33 1.29
C THR B 556 34.15 -12.22 0.29
N LEU B 557 35.24 -11.47 0.02
CA LEU B 557 35.27 -10.34 -0.87
C LEU B 557 34.87 -10.72 -2.31
N ARG B 558 33.83 -10.06 -2.82
CA ARG B 558 33.37 -10.30 -4.16
C ARG B 558 33.13 -8.96 -4.85
N PHE B 559 33.10 -9.03 -6.17
CA PHE B 559 32.74 -7.87 -6.95
C PHE B 559 31.51 -8.23 -7.79
N THR B 560 30.73 -7.22 -8.07
CA THR B 560 29.55 -7.34 -8.90
C THR B 560 29.46 -6.06 -9.72
N TYR B 561 28.93 -6.17 -10.92
CA TYR B 561 28.78 -5.02 -11.79
C TYR B 561 27.42 -5.04 -12.44
N GLY B 562 26.94 -3.88 -12.80
CA GLY B 562 25.68 -3.70 -13.47
C GLY B 562 25.51 -2.28 -13.94
N GLN B 563 24.27 -1.81 -13.98
CA GLN B 563 23.98 -0.44 -14.40
C GLN B 563 22.98 0.22 -13.47
N VAL B 564 22.96 1.56 -13.44
CA VAL B 564 22.02 2.37 -12.69
C VAL B 564 20.72 2.28 -13.51
N LYS B 565 19.75 1.50 -13.01
CA LYS B 565 18.54 1.23 -13.77
C LYS B 565 17.36 0.96 -12.87
N GLY B 566 16.22 1.54 -13.20
CA GLY B 566 14.99 1.26 -12.49
C GLY B 566 14.36 -0.02 -13.03
N TYR B 567 13.05 -0.19 -12.80
CA TYR B 567 12.34 -1.39 -13.23
C TYR B 567 10.85 -1.20 -13.05
N SER B 568 10.08 -2.07 -13.68
CA SER B 568 8.63 -2.11 -13.57
C SER B 568 8.20 -3.18 -12.57
N PRO B 569 7.69 -2.78 -11.40
CA PRO B 569 7.29 -3.77 -10.39
C PRO B 569 6.02 -4.55 -10.71
N ARG B 570 5.14 -3.93 -11.49
CA ARG B 570 3.86 -4.50 -11.85
C ARG B 570 3.34 -3.75 -13.08
N ASP B 571 2.27 -4.26 -13.67
CA ASP B 571 1.66 -3.73 -14.88
C ASP B 571 1.39 -2.21 -14.80
N ASN B 572 1.94 -1.46 -15.79
CA ASN B 572 1.71 -0.02 -15.93
C ASN B 572 2.38 0.85 -14.82
N VAL B 573 3.28 0.29 -14.03
CA VAL B 573 3.99 1.03 -13.00
C VAL B 573 5.49 0.99 -13.26
N TYR B 574 6.16 2.15 -13.26
CA TYR B 574 7.61 2.21 -13.43
C TYR B 574 8.24 2.93 -12.27
N TYR B 575 9.31 2.38 -11.75
CA TYR B 575 10.08 3.01 -10.67
C TYR B 575 11.39 3.40 -11.35
N GLY B 576 11.69 4.70 -11.38
CA GLY B 576 12.94 5.15 -11.95
C GLY B 576 14.18 4.71 -11.16
N HIS B 577 15.33 5.12 -11.64
CA HIS B 577 16.60 4.76 -11.07
C HIS B 577 17.06 5.68 -9.93
N GLN B 578 16.41 6.82 -9.70
CA GLN B 578 16.90 7.81 -8.73
C GLN B 578 15.79 8.50 -7.92
N THR B 579 15.94 8.56 -6.59
CA THR B 579 15.01 9.33 -5.74
C THR B 579 15.63 10.70 -5.42
N THR B 580 14.81 11.66 -5.02
CA THR B 580 15.22 13.01 -4.71
C THR B 580 14.72 13.47 -3.33
N LEU B 581 15.24 14.62 -2.83
CA LEU B 581 14.87 15.22 -1.54
C LEU B 581 13.39 15.57 -1.47
N ASP B 582 12.78 15.81 -2.62
CA ASP B 582 11.37 16.07 -2.79
C ASP B 582 10.54 14.86 -2.27
N GLY B 583 11.05 13.63 -2.48
CA GLY B 583 10.45 12.38 -2.04
C GLY B 583 10.46 12.20 -0.53
N VAL B 584 11.45 12.79 0.15
CA VAL B 584 11.55 12.80 1.60
C VAL B 584 10.42 13.70 2.14
N MET B 585 10.26 14.89 1.53
CA MET B 585 9.27 15.88 1.91
C MET B 585 7.84 15.41 1.69
N GLU B 586 7.57 14.69 0.57
CA GLU B 586 6.27 14.09 0.30
C GLU B 586 5.89 13.07 1.37
N LYS B 587 6.88 12.35 1.93
CA LYS B 587 6.70 11.30 2.92
C LYS B 587 6.61 11.80 4.35
N GLU B 588 6.93 13.07 4.61
CA GLU B 588 6.90 13.63 5.96
C GLU B 588 5.55 13.47 6.66
N ASP B 589 5.60 12.98 7.91
CA ASP B 589 4.45 12.77 8.78
C ASP B 589 4.96 13.06 10.18
N PRO B 590 4.70 14.27 10.72
CA PRO B 590 5.24 14.60 12.04
C PRO B 590 4.75 13.72 13.18
N ASP B 591 3.54 13.13 13.05
CA ASP B 591 3.00 12.28 14.11
C ASP B 591 3.25 10.78 13.88
N ASN B 592 4.23 10.43 13.01
CA ASN B 592 4.66 9.05 12.74
C ASN B 592 6.17 9.12 12.82
N TRP B 593 6.74 8.67 13.95
CA TRP B 593 8.18 8.71 14.27
C TRP B 593 9.10 8.27 13.13
N GLU B 594 8.64 7.36 12.26
CA GLU B 594 9.44 6.84 11.15
C GLU B 594 9.64 7.90 10.07
N PHE B 595 8.60 8.69 9.81
CA PHE B 595 8.65 9.66 8.74
C PHE B 595 8.75 11.10 9.18
N VAL B 596 9.43 11.35 10.31
CA VAL B 596 9.68 12.72 10.74
C VAL B 596 10.91 13.23 9.97
N VAL B 597 10.90 14.50 9.59
CA VAL B 597 11.99 15.09 8.82
C VAL B 597 12.79 16.02 9.70
N ASP B 598 14.13 15.90 9.64
CA ASP B 598 15.04 16.74 10.41
C ASP B 598 14.83 18.21 10.01
N PRO B 599 14.59 19.07 11.00
CA PRO B 599 14.31 20.49 10.69
C PRO B 599 15.40 21.20 9.89
N LYS B 600 16.67 20.88 10.15
CA LYS B 600 17.77 21.50 9.41
C LYS B 600 17.76 21.03 7.95
N LEU B 601 17.37 19.77 7.70
CA LEU B 601 17.28 19.20 6.35
C LEU B 601 16.07 19.78 5.62
N LYS B 602 14.94 19.97 6.31
CA LYS B 602 13.75 20.56 5.71
C LYS B 602 14.04 21.99 5.23
N ALA B 603 14.83 22.75 6.02
CA ALA B 603 15.25 24.12 5.71
C ALA B 603 16.19 24.14 4.50
N VAL B 604 17.13 23.19 4.41
CA VAL B 604 18.04 23.05 3.27
C VAL B 604 17.22 22.89 1.97
N TYR B 605 16.19 22.05 2.03
CA TYR B 605 15.28 21.81 0.91
C TYR B 605 14.49 23.09 0.55
N GLU B 606 13.95 23.81 1.56
CA GLU B 606 13.16 25.02 1.29
C GLU B 606 14.01 26.12 0.65
N ARG B 607 15.23 26.31 1.17
CA ARG B 607 16.15 27.31 0.63
C ARG B 607 16.90 26.84 -0.63
N LYS B 608 16.80 25.55 -1.00
CA LYS B 608 17.53 24.94 -2.11
C LYS B 608 19.04 25.10 -1.90
N ASP B 609 19.50 24.99 -0.64
CA ASP B 609 20.90 25.16 -0.29
C ASP B 609 21.63 23.85 -0.56
N PHE B 610 21.70 23.46 -1.84
CA PHE B 610 22.29 22.20 -2.27
C PHE B 610 23.74 22.29 -2.75
N GLY B 611 24.30 23.51 -2.81
CA GLY B 611 25.67 23.76 -3.25
C GLY B 611 26.07 23.03 -4.51
N ARG B 612 27.18 22.33 -4.42
CA ARG B 612 27.73 21.53 -5.51
C ARG B 612 27.13 20.11 -5.58
N TYR B 613 26.11 19.77 -4.75
CA TYR B 613 25.57 18.41 -4.66
C TYR B 613 24.27 18.14 -5.46
N ALA B 614 23.53 19.17 -5.88
CA ALA B 614 22.31 18.96 -6.65
C ALA B 614 22.63 18.48 -8.08
N ASP B 615 21.65 17.88 -8.78
CA ASP B 615 21.89 17.44 -10.16
C ASP B 615 21.80 18.63 -11.15
N ARG B 616 22.06 18.40 -12.45
CA ARG B 616 22.01 19.47 -13.45
C ARG B 616 20.63 20.14 -13.54
N SER B 617 19.56 19.46 -13.10
CA SER B 617 18.23 20.07 -13.14
C SER B 617 17.84 20.84 -11.84
N GLY B 618 18.74 20.87 -10.86
CA GLY B 618 18.47 21.57 -9.61
C GLY B 618 17.79 20.73 -8.53
N ARG B 619 17.51 19.45 -8.83
CA ARG B 619 16.92 18.57 -7.86
C ARG B 619 18.01 17.85 -7.04
N MET B 620 17.80 17.70 -5.74
CA MET B 620 18.78 17.09 -4.85
C MET B 620 18.58 15.59 -4.82
N PRO B 621 19.52 14.79 -5.34
CA PRO B 621 19.36 13.32 -5.27
C PRO B 621 19.48 12.79 -3.85
N VAL B 622 18.92 11.63 -3.62
CA VAL B 622 18.95 10.98 -2.33
C VAL B 622 19.52 9.55 -2.45
N ALA B 623 18.93 8.76 -3.34
CA ALA B 623 19.29 7.37 -3.50
C ALA B 623 19.13 6.94 -4.96
N PHE B 624 19.78 5.84 -5.34
CA PHE B 624 19.62 5.27 -6.66
C PHE B 624 19.64 3.76 -6.57
N CYS B 625 19.22 3.07 -7.62
CA CYS B 625 19.25 1.62 -7.64
C CYS B 625 20.03 1.11 -8.85
N ALA B 626 20.58 -0.10 -8.76
CA ALA B 626 21.42 -0.66 -9.81
C ALA B 626 21.20 -2.17 -9.99
N THR B 627 21.52 -2.69 -11.17
CA THR B 627 21.37 -4.12 -11.47
C THR B 627 22.54 -4.99 -10.94
N THR B 628 23.30 -4.46 -9.97
CA THR B 628 24.34 -5.21 -9.28
C THR B 628 23.66 -6.34 -8.47
N HIS B 629 24.40 -7.42 -8.25
CA HIS B 629 23.90 -8.58 -7.53
C HIS B 629 24.47 -8.57 -6.13
N THR B 630 23.63 -8.21 -5.15
CA THR B 630 24.08 -8.11 -3.77
C THR B 630 23.17 -8.92 -2.86
N THR B 631 23.62 -9.17 -1.63
CA THR B 631 22.87 -9.86 -0.58
C THR B 631 23.30 -9.34 0.78
N GLY B 632 22.71 -9.85 1.90
CA GLY B 632 23.15 -9.52 3.25
C GLY B 632 24.67 -9.70 3.42
N GLY B 633 25.31 -8.71 3.98
CA GLY B 633 26.75 -8.65 4.06
C GLY B 633 27.29 -7.50 3.21
N ASN B 634 26.52 -7.12 2.14
CA ASN B 634 26.85 -6.01 1.25
C ASN B 634 26.39 -4.64 1.77
N SER B 635 25.82 -4.61 2.97
CA SER B 635 25.25 -3.46 3.58
C SER B 635 25.98 -2.14 3.44
N GLY B 636 27.25 -1.96 3.73
CA GLY B 636 27.84 -0.61 3.52
C GLY B 636 28.80 -0.53 2.35
N SER B 637 28.59 -1.32 1.32
CA SER B 637 29.50 -1.48 0.19
C SER B 637 29.70 -0.24 -0.64
N PRO B 638 30.95 0.02 -1.05
CA PRO B 638 31.19 1.16 -1.95
C PRO B 638 30.63 0.85 -3.34
N VAL B 639 29.94 1.86 -3.93
CA VAL B 639 29.44 1.75 -5.28
C VAL B 639 30.37 2.65 -6.12
N MET B 640 30.94 2.09 -7.18
CA MET B 640 31.85 2.78 -8.04
C MET B 640 31.32 3.05 -9.43
N ASN B 641 31.79 4.14 -9.99
CA ASN B 641 31.74 4.67 -11.35
C ASN B 641 32.50 3.72 -12.30
N ALA B 642 32.41 4.00 -13.63
CA ALA B 642 33.26 3.36 -14.62
C ALA B 642 34.76 3.70 -14.33
N ASN B 643 35.04 4.83 -13.66
CA ASN B 643 36.39 5.25 -13.27
C ASN B 643 36.83 4.79 -11.87
N GLY B 644 36.01 4.04 -11.17
CA GLY B 644 36.33 3.58 -9.82
C GLY B 644 36.13 4.61 -8.73
N GLU B 645 35.46 5.74 -9.04
CA GLU B 645 35.20 6.75 -8.03
C GLU B 645 33.92 6.42 -7.28
N LEU B 646 33.87 6.78 -6.00
CA LEU B 646 32.70 6.53 -5.16
C LEU B 646 31.51 7.37 -5.56
N ILE B 647 30.43 6.70 -5.96
CA ILE B 647 29.15 7.35 -6.31
C ILE B 647 28.03 7.08 -5.29
N GLY B 648 28.23 6.11 -4.41
CA GLY B 648 27.23 5.76 -3.43
C GLY B 648 27.66 4.66 -2.50
N LEU B 649 26.73 4.30 -1.66
CA LEU B 649 26.89 3.30 -0.63
C LEU B 649 25.69 2.36 -0.72
N ASN B 650 25.91 1.06 -0.92
CA ASN B 650 24.81 0.11 -0.95
C ASN B 650 24.22 0.01 0.48
N PHE B 651 22.89 -0.09 0.65
CA PHE B 651 22.32 -0.21 2.00
C PHE B 651 21.15 -1.17 2.10
N ASP B 652 20.58 -1.58 0.96
CA ASP B 652 19.46 -2.51 0.98
C ASP B 652 19.23 -3.10 -0.40
N ARG B 653 18.21 -3.91 -0.55
CA ARG B 653 17.77 -4.45 -1.83
C ARG B 653 16.24 -4.58 -1.77
N ASN B 654 15.58 -4.46 -2.91
CA ASN B 654 14.13 -4.49 -2.94
C ASN B 654 13.60 -5.93 -2.70
N TRP B 655 12.43 -6.05 -2.08
CA TRP B 655 11.81 -7.34 -1.78
C TRP B 655 11.60 -8.19 -3.02
N GLU B 656 11.39 -7.56 -4.19
CA GLU B 656 11.21 -8.32 -5.43
C GLU B 656 12.45 -9.09 -5.82
N GLY B 657 13.63 -8.70 -5.29
CA GLY B 657 14.86 -9.38 -5.60
C GLY B 657 15.40 -10.28 -4.51
N VAL B 658 14.65 -10.49 -3.37
CA VAL B 658 15.20 -11.37 -2.31
C VAL B 658 15.34 -12.85 -2.79
N GLY B 659 14.55 -13.28 -3.76
CA GLY B 659 14.70 -14.60 -4.37
C GLY B 659 15.97 -14.74 -5.21
N GLY B 660 16.67 -13.61 -5.44
CA GLY B 660 17.94 -13.49 -6.14
C GLY B 660 19.10 -14.22 -5.50
N ASP B 661 18.96 -14.64 -4.23
CA ASP B 661 20.00 -15.48 -3.61
C ASP B 661 19.96 -16.90 -4.24
N ILE B 662 18.85 -17.29 -4.89
CA ILE B 662 18.70 -18.58 -5.55
C ILE B 662 18.79 -18.34 -7.07
N GLN B 663 18.08 -17.34 -7.58
CA GLN B 663 18.07 -17.04 -9.00
C GLN B 663 18.00 -15.55 -9.18
N TYR B 664 19.05 -14.96 -9.78
CA TYR B 664 19.10 -13.52 -10.05
C TYR B 664 17.94 -13.10 -10.95
N LEU B 665 17.27 -12.00 -10.62
CA LEU B 665 16.11 -11.55 -11.37
C LEU B 665 16.37 -10.23 -12.06
N ALA B 666 16.91 -10.27 -13.28
CA ALA B 666 17.29 -9.09 -14.04
C ALA B 666 16.23 -7.99 -14.14
N ASP B 667 14.97 -8.35 -14.29
CA ASP B 667 13.88 -7.37 -14.44
C ASP B 667 13.31 -6.84 -13.14
N TYR B 668 13.76 -7.35 -11.98
CA TYR B 668 13.20 -6.93 -10.70
C TYR B 668 14.23 -6.62 -9.64
N GLN B 669 15.29 -7.41 -9.55
CA GLN B 669 16.29 -7.28 -8.50
C GLN B 669 17.16 -6.07 -8.65
N ARG B 670 17.20 -5.24 -7.60
CA ARG B 670 18.03 -4.04 -7.58
C ARG B 670 18.74 -3.84 -6.23
N SER B 671 19.95 -3.27 -6.27
CA SER B 671 20.67 -2.86 -5.07
C SER B 671 20.19 -1.43 -4.80
N ILE B 672 19.84 -1.12 -3.54
CA ILE B 672 19.34 0.18 -3.11
C ILE B 672 20.51 0.91 -2.50
N ILE B 673 20.91 2.03 -3.09
CA ILE B 673 22.14 2.74 -2.78
C ILE B 673 21.92 4.20 -2.36
N VAL B 674 22.57 4.68 -1.28
CA VAL B 674 22.46 6.08 -0.91
C VAL B 674 23.47 6.84 -1.78
N ASP B 675 23.01 7.87 -2.49
CA ASP B 675 23.83 8.68 -3.38
C ASP B 675 24.89 9.39 -2.53
N ILE B 676 26.16 9.38 -2.97
CA ILE B 676 27.26 10.01 -2.23
C ILE B 676 27.07 11.54 -2.14
N ARG B 677 26.33 12.14 -3.08
CA ARG B 677 26.06 13.57 -3.08
C ARG B 677 25.15 13.95 -1.92
N TYR B 678 24.20 13.04 -1.56
CA TYR B 678 23.31 13.24 -0.43
C TYR B 678 24.08 13.06 0.89
N VAL B 679 25.03 12.08 0.94
CA VAL B 679 25.94 11.85 2.06
C VAL B 679 26.69 13.15 2.37
N LEU B 680 27.30 13.77 1.36
CA LEU B 680 28.05 15.02 1.53
C LEU B 680 27.18 16.19 1.88
N LEU B 681 25.97 16.25 1.33
CA LEU B 681 25.01 17.29 1.67
C LEU B 681 24.66 17.21 3.18
N VAL B 682 24.49 15.99 3.73
CA VAL B 682 24.15 15.85 5.15
C VAL B 682 25.36 16.21 6.04
N ILE B 683 26.56 15.77 5.67
CA ILE B 683 27.79 16.11 6.40
C ILE B 683 27.99 17.64 6.44
N ASP B 684 27.81 18.28 5.29
CA ASP B 684 27.97 19.72 5.08
C ASP B 684 26.86 20.61 5.70
N LYS B 685 25.62 20.46 5.24
CA LYS B 685 24.54 21.34 5.67
C LYS B 685 23.79 20.90 6.90
N VAL B 686 23.93 19.64 7.31
CA VAL B 686 23.24 19.17 8.51
C VAL B 686 24.21 19.04 9.67
N GLY B 687 25.35 18.40 9.44
CA GLY B 687 26.35 18.21 10.47
C GLY B 687 27.31 19.36 10.66
N GLY B 688 27.51 20.15 9.60
CA GLY B 688 28.44 21.27 9.58
C GLY B 688 29.88 20.82 9.80
N CYS B 689 30.20 19.59 9.38
CA CYS B 689 31.51 19.03 9.59
C CYS B 689 32.44 19.16 8.39
N GLN B 690 32.81 20.40 8.06
CA GLN B 690 33.68 20.74 6.93
C GLN B 690 35.02 20.00 6.91
N ARG B 691 35.59 19.67 8.08
CA ARG B 691 36.88 18.97 8.14
C ARG B 691 36.84 17.61 7.44
N LEU B 692 35.65 16.94 7.46
CA LEU B 692 35.47 15.65 6.81
C LEU B 692 35.43 15.81 5.31
N LEU B 693 34.80 16.88 4.82
CA LEU B 693 34.76 17.19 3.40
C LEU B 693 36.18 17.51 2.91
N ASP B 694 36.93 18.33 3.68
CA ASP B 694 38.28 18.77 3.37
C ASP B 694 39.31 17.63 3.29
N GLU B 695 39.16 16.56 4.09
CA GLU B 695 40.12 15.45 4.03
C GLU B 695 39.83 14.41 2.93
N MET B 696 38.64 14.47 2.33
CA MET B 696 38.30 13.58 1.22
C MET B 696 38.87 14.14 -0.09
N ASN B 697 39.14 13.26 -1.07
CA ASN B 697 39.58 13.73 -2.39
C ASN B 697 38.36 13.78 -3.30
N ILE B 698 37.76 14.96 -3.40
CA ILE B 698 36.55 15.17 -4.20
C ILE B 698 36.87 15.57 -5.64
N VAL B 699 36.42 14.77 -6.61
CA VAL B 699 36.69 15.07 -8.02
C VAL B 699 35.51 15.79 -8.67
N PRO B 700 35.77 16.80 -9.52
CA PRO B 700 34.66 17.55 -10.15
C PRO B 700 33.71 16.71 -11.01
#